data_5TZ8
#
_entry.id   5TZ8
#
_cell.length_a   71.851
_cell.length_b   191.468
_cell.length_c   97.025
_cell.angle_alpha   90.000
_cell.angle_beta   109.500
_cell.angle_gamma   90.000
#
_symmetry.space_group_name_H-M   'P 1 21 1'
#
_entity_poly.entity_id   1
_entity_poly.type   'polypeptide(L)'
_entity_poly.pdbx_seq_one_letter_code
;MKFSVIVPTYNSEKYITELLNSLAKQDFPKTEFEVVVVDDCSTDQTLQIVEKYRNKLNLKVSQLETNSGGPGKPRNVALK
QAEGEFVLFVDSDDYINKETLKDAAAFIDEHHSDVLLIKMKGVNGRGVPQSMFKETAPEVTLLNSRIIYTLSPTKIYRTA
LLKDNDIYFPEELKSAEDQLFTMKAYLNANRISVLSDKAYYYATKREGEHMSSAYVSPEDFYEVMRLIAVEILNADLEEA
HKDQILAEFLNRHFSFSRTNGFSLKVKLEEQPQWINALGDFIQAVPERVDALVMSKLRPLLHYARAKDIDNYRTVEESYR
QGQYYRFDIVDGKLNIQFNEGEPYFEGIDIAKPKVKMTAFKFDNHKIVTELTLNEFMIGEGHYDVRLKLHSRNKKHTMYV
PLSVNANKQYRFNIMLEDIKAYLPKEKIWDVFLEVQIGTEVFEVRVGNQRNKYAYTAETSALIHLNNDFYRLTPYFTKDF
NNISLYFTAITLTDSISMKLKGKNKIILTGLDRGYVFEEGMASVVLKDDMIMGMLSQTSENEVEILLSKDIKKRDFKNIV
KLNTAHMTYSLK
;
_entity_poly.pdbx_strand_id   A,C,B
#
# COMPACT_ATOMS: atom_id res chain seq x y z
N MET A 1 8.95 78.50 -13.46
CA MET A 1 8.66 77.43 -14.38
C MET A 1 8.31 76.16 -13.58
N LYS A 2 7.13 75.59 -13.80
CA LYS A 2 6.76 74.38 -13.09
C LYS A 2 7.66 73.20 -13.45
N PHE A 3 7.88 72.98 -14.74
CA PHE A 3 8.43 71.72 -15.24
C PHE A 3 9.60 72.01 -16.17
N SER A 4 10.64 71.18 -16.09
CA SER A 4 11.68 71.08 -17.12
C SER A 4 11.68 69.67 -17.70
N VAL A 5 11.38 69.55 -18.98
CA VAL A 5 11.41 68.25 -19.66
C VAL A 5 12.77 67.99 -20.30
N ILE A 6 13.41 66.90 -19.87
CA ILE A 6 14.79 66.60 -20.23
C ILE A 6 14.75 65.45 -21.23
N VAL A 7 15.33 65.63 -22.39
CA VAL A 7 15.21 64.65 -23.47
C VAL A 7 16.57 64.31 -24.04
N PRO A 8 17.13 63.13 -23.74
CA PRO A 8 18.34 62.71 -24.46
C PRO A 8 17.98 62.14 -25.82
N THR A 9 18.66 62.62 -26.85
CA THR A 9 18.42 62.16 -28.20
C THR A 9 19.69 61.59 -28.79
N TYR A 10 19.53 60.66 -29.72
CA TYR A 10 20.65 60.09 -30.48
C TYR A 10 20.08 59.46 -31.74
N ASN A 11 20.36 60.08 -32.90
CA ASN A 11 19.82 59.66 -34.19
C ASN A 11 18.32 59.40 -34.10
N SER A 12 17.60 60.39 -33.54
CA SER A 12 16.17 60.28 -33.29
C SER A 12 15.32 60.94 -34.37
N GLU A 13 15.88 61.18 -35.56
CA GLU A 13 15.22 62.00 -36.57
C GLU A 13 13.93 61.36 -37.05
N LYS A 14 13.89 60.03 -37.04
CA LYS A 14 12.75 59.32 -37.61
C LYS A 14 11.55 59.30 -36.69
N TYR A 15 11.73 59.63 -35.41
CA TYR A 15 10.66 59.55 -34.43
C TYR A 15 10.57 60.75 -33.48
N ILE A 16 11.43 61.76 -33.63
CA ILE A 16 11.48 62.85 -32.65
C ILE A 16 10.28 63.80 -32.76
N THR A 17 9.63 63.88 -33.92
CA THR A 17 8.50 64.78 -34.06
C THR A 17 7.31 64.36 -33.21
N GLU A 18 7.15 63.05 -32.98
CA GLU A 18 6.07 62.57 -32.12
C GLU A 18 6.16 63.17 -30.72
N LEU A 19 7.33 63.07 -30.09
CA LEU A 19 7.54 63.68 -28.77
C LEU A 19 7.37 65.20 -28.81
N LEU A 20 7.97 65.86 -29.81
CA LEU A 20 7.92 67.31 -29.86
C LEU A 20 6.49 67.78 -30.03
N ASN A 21 5.72 67.09 -30.87
CA ASN A 21 4.30 67.44 -30.99
C ASN A 21 3.59 67.27 -29.66
N SER A 22 3.90 66.19 -28.93
CA SER A 22 3.20 65.93 -27.67
C SER A 22 3.56 66.98 -26.63
N LEU A 23 4.77 67.55 -26.73
CA LEU A 23 5.14 68.64 -25.84
C LEU A 23 4.46 69.93 -26.28
N ALA A 24 4.41 70.17 -27.59
CA ALA A 24 3.68 71.32 -28.11
C ALA A 24 2.17 71.24 -27.82
N LYS A 25 1.62 70.03 -27.77
CA LYS A 25 0.18 69.86 -27.54
C LYS A 25 -0.21 69.89 -26.06
N GLN A 26 0.73 70.13 -25.15
CA GLN A 26 0.40 70.12 -23.73
C GLN A 26 -0.67 71.16 -23.40
N ASP A 27 -1.72 70.71 -22.70
CA ASP A 27 -2.74 71.62 -22.17
C ASP A 27 -2.20 72.34 -20.92
N PHE A 28 -1.16 73.15 -21.14
CA PHE A 28 -0.40 73.73 -20.03
C PHE A 28 0.26 75.01 -20.53
N PRO A 29 0.33 76.08 -19.74
CA PRO A 29 0.90 77.34 -20.24
C PRO A 29 2.38 77.18 -20.59
N LYS A 30 2.74 77.66 -21.79
CA LYS A 30 4.12 77.54 -22.27
C LYS A 30 5.13 78.23 -21.35
N THR A 31 4.72 79.31 -20.69
CA THR A 31 5.64 80.03 -19.81
C THR A 31 6.09 79.19 -18.61
N GLU A 32 5.35 78.13 -18.29
CA GLU A 32 5.55 77.41 -17.04
C GLU A 32 6.28 76.09 -17.23
N PHE A 33 6.80 75.84 -18.44
CA PHE A 33 7.71 74.73 -18.64
C PHE A 33 8.66 75.05 -19.77
N GLU A 34 9.81 74.38 -19.75
CA GLU A 34 10.82 74.46 -20.79
C GLU A 34 11.15 73.06 -21.25
N VAL A 35 11.72 72.96 -22.44
CA VAL A 35 12.13 71.66 -22.96
C VAL A 35 13.63 71.75 -23.21
N VAL A 36 14.39 70.88 -22.55
CA VAL A 36 15.84 70.93 -22.58
C VAL A 36 16.29 69.68 -23.32
N VAL A 37 16.68 69.84 -24.58
CA VAL A 37 17.14 68.74 -25.41
C VAL A 37 18.66 68.80 -25.43
N VAL A 38 19.31 67.70 -25.03
CA VAL A 38 20.75 67.52 -25.19
C VAL A 38 21.00 66.32 -26.07
N ASP A 39 21.63 66.56 -27.22
CA ASP A 39 21.82 65.56 -28.26
C ASP A 39 23.20 64.93 -28.14
N ASP A 40 23.24 63.60 -28.16
CA ASP A 40 24.47 62.83 -27.93
C ASP A 40 25.30 62.69 -29.20
N CYS A 41 25.60 63.82 -29.86
CA CYS A 41 26.45 63.87 -31.06
C CYS A 41 25.91 62.99 -32.20
N SER A 42 24.65 63.22 -32.55
CA SER A 42 24.00 62.51 -33.65
C SER A 42 24.67 62.84 -34.98
N THR A 43 24.59 61.89 -35.93
CA THR A 43 25.12 62.08 -37.27
C THR A 43 24.03 62.28 -38.33
N ASP A 44 22.77 62.44 -37.92
CA ASP A 44 21.66 62.72 -38.83
C ASP A 44 21.15 64.14 -38.54
N GLN A 45 19.91 64.42 -38.97
CA GLN A 45 19.35 65.76 -38.84
C GLN A 45 18.38 65.85 -37.67
N THR A 46 18.77 65.26 -36.52
CA THR A 46 17.94 65.37 -35.32
C THR A 46 17.79 66.82 -34.87
N LEU A 47 18.90 67.53 -34.70
CA LEU A 47 18.86 68.90 -34.19
C LEU A 47 18.01 69.83 -35.05
N GLN A 48 18.01 69.63 -36.37
CA GLN A 48 17.31 70.57 -37.24
C GLN A 48 15.79 70.42 -37.11
N ILE A 49 15.30 69.20 -36.96
CA ILE A 49 13.88 68.98 -36.65
C ILE A 49 13.53 69.60 -35.30
N VAL A 50 14.37 69.40 -34.28
CA VAL A 50 14.11 69.95 -32.96
C VAL A 50 13.96 71.47 -33.02
N GLU A 51 14.78 72.13 -33.84
CA GLU A 51 14.75 73.60 -33.95
C GLU A 51 13.43 74.10 -34.50
N LYS A 52 12.73 73.27 -35.29
CA LYS A 52 11.45 73.67 -35.85
C LYS A 52 10.43 74.03 -34.77
N TYR A 53 10.66 73.61 -33.53
CA TYR A 53 9.72 73.80 -32.44
C TYR A 53 10.13 74.94 -31.51
N ARG A 54 11.19 75.68 -31.82
CA ARG A 54 11.73 76.67 -30.89
C ARG A 54 10.79 77.84 -30.65
N ASN A 55 9.79 78.04 -31.49
CA ASN A 55 8.75 79.04 -31.27
C ASN A 55 7.55 78.52 -30.48
N LYS A 56 7.22 77.23 -30.61
CA LYS A 56 6.12 76.66 -29.86
C LYS A 56 6.48 76.36 -28.41
N LEU A 57 7.76 76.31 -28.11
CA LEU A 57 8.26 75.89 -26.80
C LEU A 57 9.41 76.79 -26.39
N ASN A 58 9.58 76.93 -25.08
CA ASN A 58 10.81 77.49 -24.52
C ASN A 58 11.86 76.39 -24.56
N LEU A 59 12.81 76.53 -25.49
CA LEU A 59 13.70 75.46 -25.92
C LEU A 59 15.14 75.81 -25.64
N LYS A 60 15.84 74.94 -24.91
CA LYS A 60 17.30 74.96 -24.80
C LYS A 60 17.87 73.77 -25.56
N VAL A 61 18.81 74.04 -26.45
CA VAL A 61 19.33 73.03 -27.38
C VAL A 61 20.84 72.98 -27.22
N SER A 62 21.38 71.84 -26.81
CA SER A 62 22.80 71.62 -26.62
C SER A 62 23.21 70.35 -27.34
N GLN A 63 24.52 70.15 -27.53
CA GLN A 63 25.00 68.93 -28.15
C GLN A 63 26.41 68.62 -27.67
N LEU A 64 26.64 67.38 -27.23
CA LEU A 64 27.93 66.96 -26.72
C LEU A 64 28.95 66.84 -27.85
N GLU A 65 30.23 67.01 -27.49
CA GLU A 65 31.31 66.97 -28.48
C GLU A 65 31.48 65.59 -29.10
N THR A 66 31.11 64.55 -28.38
CA THR A 66 31.26 63.19 -28.88
C THR A 66 30.20 62.31 -28.21
N ASN A 67 29.87 61.21 -28.88
CA ASN A 67 28.78 60.37 -28.41
C ASN A 67 29.19 59.66 -27.11
N SER A 68 28.39 59.85 -26.07
CA SER A 68 28.69 59.25 -24.77
C SER A 68 28.29 57.79 -24.69
N GLY A 69 27.51 57.31 -25.67
CA GLY A 69 27.05 55.95 -25.69
C GLY A 69 25.85 55.66 -24.84
N GLY A 70 25.21 56.68 -24.27
CA GLY A 70 24.07 56.49 -23.42
C GLY A 70 23.46 57.79 -22.93
N PRO A 71 22.27 57.70 -22.32
CA PRO A 71 21.54 58.91 -21.93
C PRO A 71 22.09 59.58 -20.68
N GLY A 72 23.00 58.93 -19.95
CA GLY A 72 23.52 59.42 -18.70
C GLY A 72 24.16 60.79 -18.77
N LYS A 73 25.22 60.93 -19.56
CA LYS A 73 25.86 62.24 -19.71
C LYS A 73 24.93 63.29 -20.32
N PRO A 74 24.17 63.00 -21.39
CA PRO A 74 23.18 63.99 -21.85
C PRO A 74 22.21 64.50 -20.77
N ARG A 75 21.61 63.59 -19.99
CA ARG A 75 20.65 64.03 -18.97
C ARG A 75 21.31 64.86 -17.88
N ASN A 76 22.53 64.50 -17.47
CA ASN A 76 23.24 65.29 -16.48
C ASN A 76 23.49 66.70 -17.00
N VAL A 77 23.91 66.81 -18.27
CA VAL A 77 24.14 68.14 -18.85
C VAL A 77 22.86 68.96 -18.85
N ALA A 78 21.73 68.33 -19.18
CA ALA A 78 20.45 69.02 -19.14
C ALA A 78 20.05 69.41 -17.73
N LEU A 79 20.27 68.52 -16.76
CA LEU A 79 19.85 68.78 -15.38
C LEU A 79 20.58 70.00 -14.80
N LYS A 80 21.84 70.16 -15.14
CA LYS A 80 22.58 71.36 -14.73
C LYS A 80 21.97 72.62 -15.34
N GLN A 81 21.33 72.52 -16.50
CA GLN A 81 20.71 73.68 -17.12
C GLN A 81 19.28 73.93 -16.65
N ALA A 82 18.63 72.93 -16.06
CA ALA A 82 17.21 73.06 -15.75
C ALA A 82 17.01 74.09 -14.65
N GLU A 83 16.04 74.99 -14.86
CA GLU A 83 15.61 75.94 -13.86
C GLU A 83 14.18 75.68 -13.39
N GLY A 84 13.55 74.63 -13.89
CA GLY A 84 12.23 74.24 -13.42
C GLY A 84 12.22 73.83 -11.96
N GLU A 85 11.08 74.10 -11.31
CA GLU A 85 10.83 73.56 -9.98
C GLU A 85 10.81 72.03 -10.01
N PHE A 86 10.39 71.44 -11.13
CA PHE A 86 10.41 69.99 -11.32
C PHE A 86 10.98 69.65 -12.70
N VAL A 87 11.52 68.44 -12.82
CA VAL A 87 12.03 67.92 -14.08
C VAL A 87 11.27 66.65 -14.46
N LEU A 88 11.14 66.43 -15.77
CA LEU A 88 10.55 65.19 -16.30
C LEU A 88 11.42 64.65 -17.43
N PHE A 89 11.91 63.42 -17.28
CA PHE A 89 12.70 62.76 -18.33
C PHE A 89 11.79 61.97 -19.27
N VAL A 90 11.88 62.28 -20.58
CA VAL A 90 11.22 61.55 -21.65
C VAL A 90 12.27 61.13 -22.67
N ASP A 91 12.27 59.85 -23.05
CA ASP A 91 13.26 59.39 -24.01
C ASP A 91 12.84 59.79 -25.42
N SER A 92 13.83 59.85 -26.32
CA SER A 92 13.63 60.48 -27.62
C SER A 92 12.62 59.70 -28.45
N ASP A 93 12.43 58.42 -28.16
CA ASP A 93 11.51 57.58 -28.90
C ASP A 93 10.18 57.40 -28.18
N ASP A 94 9.99 58.15 -27.09
CA ASP A 94 8.75 58.09 -26.32
C ASP A 94 7.98 59.40 -26.50
N TYR A 95 6.83 59.48 -25.86
CA TYR A 95 5.97 60.66 -25.89
C TYR A 95 5.01 60.60 -24.70
N ILE A 96 4.38 61.73 -24.40
CA ILE A 96 3.60 61.88 -23.18
C ILE A 96 2.19 62.35 -23.52
N ASN A 97 1.29 62.12 -22.57
CA ASN A 97 -0.11 62.54 -22.69
C ASN A 97 -0.24 64.06 -22.69
N LYS A 98 -1.18 64.55 -23.52
CA LYS A 98 -1.39 65.99 -23.64
C LYS A 98 -1.78 66.67 -22.34
N GLU A 99 -2.35 65.93 -21.38
CA GLU A 99 -2.77 66.48 -20.09
C GLU A 99 -1.79 66.17 -18.97
N THR A 100 -0.57 65.71 -19.29
CA THR A 100 0.37 65.28 -18.28
C THR A 100 0.75 66.41 -17.33
N LEU A 101 1.27 67.51 -17.87
CA LEU A 101 1.75 68.59 -17.02
C LEU A 101 0.62 69.25 -16.24
N LYS A 102 -0.54 69.45 -16.86
CA LYS A 102 -1.68 70.04 -16.14
C LYS A 102 -2.08 69.18 -14.94
N ASP A 103 -2.22 67.87 -15.14
CA ASP A 103 -2.65 67.00 -14.04
C ASP A 103 -1.57 66.94 -12.95
N ALA A 104 -0.31 66.75 -13.36
CA ALA A 104 0.79 66.67 -12.41
C ALA A 104 0.92 67.95 -11.58
N ALA A 105 0.79 69.10 -12.23
CA ALA A 105 0.83 70.37 -11.52
C ALA A 105 -0.22 70.42 -10.41
N ALA A 106 -1.45 70.05 -10.72
CA ALA A 106 -2.52 70.09 -9.73
C ALA A 106 -2.23 69.12 -8.59
N PHE A 107 -1.82 67.90 -8.92
CA PHE A 107 -1.45 66.92 -7.91
C PHE A 107 -0.33 67.42 -7.00
N ILE A 108 0.70 68.03 -7.57
CA ILE A 108 1.82 68.54 -6.78
C ILE A 108 1.37 69.65 -5.81
N ASP A 109 0.57 70.59 -6.30
CA ASP A 109 0.06 71.67 -5.44
C ASP A 109 -0.83 71.17 -4.32
N GLU A 110 -1.49 70.02 -4.50
CA GLU A 110 -2.31 69.46 -3.44
C GLU A 110 -1.50 68.64 -2.44
N HIS A 111 -0.37 68.07 -2.84
CA HIS A 111 0.32 67.10 -2.01
C HIS A 111 1.82 67.36 -1.83
N HIS A 112 2.42 68.26 -2.62
CA HIS A 112 3.81 68.69 -2.42
C HIS A 112 4.78 67.52 -2.56
N SER A 113 4.54 66.66 -3.54
CA SER A 113 5.41 65.51 -3.77
C SER A 113 6.83 65.95 -4.15
N ASP A 114 7.80 65.16 -3.72
CA ASP A 114 9.19 65.27 -4.16
C ASP A 114 9.52 64.33 -5.31
N VAL A 115 8.87 63.18 -5.39
CA VAL A 115 8.96 62.28 -6.52
C VAL A 115 7.55 61.89 -6.90
N LEU A 116 7.24 61.96 -8.20
CA LEU A 116 5.89 61.71 -8.69
C LEU A 116 6.01 60.70 -9.83
N LEU A 117 5.54 59.49 -9.56
CA LEU A 117 5.41 58.47 -10.59
C LEU A 117 4.18 58.80 -11.44
N ILE A 118 4.29 58.57 -12.73
CA ILE A 118 3.18 58.83 -13.65
C ILE A 118 2.96 57.57 -14.47
N LYS A 119 1.70 57.20 -14.63
CA LYS A 119 1.39 55.89 -15.19
C LYS A 119 1.93 55.79 -16.60
N MET A 120 2.53 54.65 -16.90
CA MET A 120 3.14 54.44 -18.20
C MET A 120 2.23 53.55 -19.04
N LYS A 121 2.38 53.66 -20.36
CA LYS A 121 1.70 52.72 -21.23
C LYS A 121 2.60 52.32 -22.38
N GLY A 122 2.66 51.02 -22.63
CA GLY A 122 3.43 50.47 -23.72
C GLY A 122 2.66 50.47 -25.03
N VAL A 123 3.34 50.87 -26.10
CA VAL A 123 2.79 50.72 -27.44
C VAL A 123 3.68 49.74 -28.20
N ASN A 124 3.18 49.32 -29.37
CA ASN A 124 3.81 48.40 -30.32
C ASN A 124 4.44 47.18 -29.64
N GLY A 125 3.80 46.63 -28.61
CA GLY A 125 4.33 45.44 -27.98
C GLY A 125 5.35 45.66 -26.89
N ARG A 126 5.33 46.81 -26.21
CA ARG A 126 6.31 47.09 -25.17
C ARG A 126 5.66 47.15 -23.79
N GLY A 127 6.37 46.64 -22.80
CA GLY A 127 6.09 46.98 -21.43
C GLY A 127 7.33 47.44 -20.67
N VAL A 128 7.26 48.24 -19.59
CA VAL A 128 6.20 49.10 -19.02
C VAL A 128 5.64 48.37 -17.82
N PRO A 129 6.10 48.70 -16.62
CA PRO A 129 5.44 48.20 -15.41
C PRO A 129 4.07 48.81 -15.19
N GLN A 130 3.19 48.03 -14.56
CA GLN A 130 1.79 48.40 -14.36
C GLN A 130 1.38 48.14 -12.91
N SER A 131 2.05 47.18 -12.25
CA SER A 131 1.56 46.69 -10.97
C SER A 131 1.57 47.76 -9.89
N MET A 132 2.33 48.84 -10.07
CA MET A 132 2.34 49.93 -9.11
C MET A 132 1.46 51.10 -9.55
N PHE A 133 0.75 50.96 -10.67
CA PHE A 133 -0.08 52.02 -11.24
C PHE A 133 -1.57 51.66 -11.25
N LYS A 134 -1.99 50.75 -10.36
CA LYS A 134 -3.37 50.33 -10.24
C LYS A 134 -4.26 51.33 -9.50
N GLU A 135 -3.66 52.26 -8.77
CA GLU A 135 -4.40 53.21 -7.97
C GLU A 135 -3.62 54.52 -7.94
N THR A 136 -4.33 55.62 -7.70
CA THR A 136 -3.67 56.88 -7.41
C THR A 136 -3.36 56.95 -5.92
N ALA A 137 -2.13 57.34 -5.60
CA ALA A 137 -1.74 57.36 -4.19
C ALA A 137 -0.92 58.60 -3.89
N PRO A 138 -1.38 59.45 -2.96
CA PRO A 138 -0.60 60.65 -2.61
C PRO A 138 0.70 60.36 -1.89
N GLU A 139 0.79 59.25 -1.14
CA GLU A 139 2.03 58.91 -0.45
C GLU A 139 2.23 57.40 -0.43
N VAL A 140 3.37 56.96 -0.97
CA VAL A 140 3.81 55.58 -0.90
C VAL A 140 5.24 55.53 -0.37
N THR A 141 5.63 54.35 0.11
CA THR A 141 6.99 54.07 0.54
C THR A 141 7.51 52.88 -0.27
N LEU A 142 8.80 52.61 -0.14
CA LEU A 142 9.39 51.44 -0.79
C LEU A 142 8.86 50.12 -0.25
N LEU A 143 8.24 50.13 0.94
CA LEU A 143 7.82 48.91 1.60
C LEU A 143 6.33 48.63 1.57
N ASN A 144 5.48 49.64 1.37
CA ASN A 144 4.05 49.42 1.34
C ASN A 144 3.45 49.60 -0.05
N SER A 145 4.28 49.74 -1.07
CA SER A 145 3.83 49.83 -2.45
C SER A 145 4.81 49.06 -3.32
N ARG A 146 4.55 49.09 -4.63
CA ARG A 146 5.36 48.35 -5.59
C ARG A 146 6.31 49.26 -6.36
N ILE A 147 6.56 50.47 -5.85
CA ILE A 147 7.36 51.45 -6.57
C ILE A 147 8.78 50.96 -6.81
N ILE A 148 9.28 50.06 -5.96
CA ILE A 148 10.62 49.54 -6.14
C ILE A 148 10.75 48.71 -7.41
N TYR A 149 9.64 48.30 -8.00
CA TYR A 149 9.57 47.57 -9.26
C TYR A 149 9.61 48.45 -10.51
N THR A 150 9.74 49.76 -10.38
CA THR A 150 10.01 50.63 -11.54
C THR A 150 11.08 51.66 -11.20
N LEU A 151 12.25 51.54 -11.85
CA LEU A 151 13.38 52.40 -11.57
C LEU A 151 13.88 53.21 -12.77
N SER A 152 13.20 53.14 -13.93
CA SER A 152 13.52 54.03 -15.04
C SER A 152 13.34 55.47 -14.59
N PRO A 153 13.96 56.43 -15.28
CA PRO A 153 13.85 57.83 -14.87
C PRO A 153 12.70 58.58 -15.54
N THR A 154 11.77 57.85 -16.15
CA THR A 154 10.62 58.44 -16.83
C THR A 154 9.57 58.91 -15.83
N LYS A 155 9.99 59.72 -14.86
CA LYS A 155 9.16 60.13 -13.73
C LYS A 155 9.37 61.62 -13.52
N ILE A 156 8.65 62.20 -12.58
CA ILE A 156 8.80 63.61 -12.25
C ILE A 156 9.50 63.73 -10.90
N TYR A 157 10.59 64.49 -10.87
CA TYR A 157 11.42 64.70 -9.69
C TYR A 157 11.57 66.19 -9.40
N ARG A 158 11.42 66.55 -8.13
CA ARG A 158 11.73 67.90 -7.68
C ARG A 158 13.19 68.26 -7.87
N THR A 159 13.44 69.29 -8.67
CA THR A 159 14.81 69.68 -9.00
C THR A 159 15.66 69.88 -7.75
N ALA A 160 15.09 70.53 -6.72
CA ALA A 160 15.86 70.77 -5.51
C ALA A 160 16.19 69.49 -4.75
N LEU A 161 15.32 68.47 -4.84
CA LEU A 161 15.66 67.18 -4.24
C LEU A 161 16.94 66.64 -4.85
N LEU A 162 17.03 66.68 -6.18
CA LEU A 162 18.19 66.16 -6.89
C LEU A 162 19.45 66.95 -6.58
N LYS A 163 19.39 68.28 -6.73
CA LYS A 163 20.60 69.08 -6.69
C LYS A 163 21.15 69.19 -5.27
N ASP A 164 20.28 69.36 -4.26
CA ASP A 164 20.75 69.49 -2.89
C ASP A 164 21.40 68.22 -2.36
N ASN A 165 21.05 67.07 -2.94
CA ASN A 165 21.59 65.78 -2.51
C ASN A 165 22.57 65.17 -3.50
N ASP A 166 22.97 65.92 -4.54
CA ASP A 166 24.01 65.48 -5.48
C ASP A 166 23.59 64.21 -6.21
N ILE A 167 22.35 64.17 -6.67
CA ILE A 167 21.78 63.00 -7.31
C ILE A 167 21.91 63.18 -8.83
N TYR A 168 22.86 62.48 -9.44
CA TYR A 168 23.06 62.54 -10.88
C TYR A 168 23.18 61.12 -11.43
N PHE A 169 23.04 60.98 -12.75
CA PHE A 169 23.25 59.67 -13.37
C PHE A 169 24.74 59.35 -13.41
N PRO A 170 25.14 58.13 -13.04
CA PRO A 170 26.54 57.72 -13.22
C PRO A 170 26.91 57.65 -14.70
N GLU A 171 27.92 58.41 -15.09
CA GLU A 171 28.33 58.49 -16.49
C GLU A 171 29.32 57.39 -16.87
N GLU A 172 30.16 56.97 -15.92
CA GLU A 172 31.20 55.98 -16.19
C GLU A 172 30.72 54.54 -16.09
N LEU A 173 29.46 54.33 -15.69
CA LEU A 173 28.87 53.00 -15.61
C LEU A 173 27.69 52.97 -16.59
N LYS A 174 27.85 52.24 -17.69
CA LYS A 174 26.93 52.32 -18.82
C LYS A 174 25.76 51.34 -18.72
N SER A 175 25.68 50.56 -17.64
CA SER A 175 24.65 49.55 -17.49
C SER A 175 23.84 49.87 -16.25
N ALA A 176 22.50 49.91 -16.40
CA ALA A 176 21.56 50.10 -15.30
C ALA A 176 21.78 51.41 -14.56
N GLU A 177 22.41 52.39 -15.21
CA GLU A 177 22.77 53.64 -14.54
C GLU A 177 21.55 54.37 -13.97
N ASP A 178 20.38 54.22 -14.59
CA ASP A 178 19.19 54.91 -14.07
C ASP A 178 18.67 54.31 -12.77
N GLN A 179 19.01 53.05 -12.46
CA GLN A 179 18.57 52.43 -11.21
C GLN A 179 19.18 53.12 -9.98
N LEU A 180 20.47 53.45 -10.03
CA LEU A 180 21.10 54.19 -8.94
C LEU A 180 20.46 55.57 -8.78
N PHE A 181 20.22 56.25 -9.90
CA PHE A 181 19.63 57.60 -9.86
C PHE A 181 18.29 57.59 -9.13
N THR A 182 17.38 56.69 -9.52
CA THR A 182 16.03 56.69 -8.95
C THR A 182 16.00 56.16 -7.51
N MET A 183 16.87 55.20 -7.19
CA MET A 183 16.99 54.73 -5.82
C MET A 183 17.38 55.87 -4.88
N LYS A 184 18.34 56.69 -5.30
CA LYS A 184 18.79 57.82 -4.49
C LYS A 184 17.65 58.81 -4.22
N ALA A 185 16.83 59.09 -5.23
CA ALA A 185 15.66 59.96 -5.05
C ALA A 185 14.68 59.41 -4.01
N TYR A 186 14.28 58.16 -4.17
CA TYR A 186 13.39 57.51 -3.20
C TYR A 186 13.90 57.69 -1.77
N LEU A 187 15.18 57.39 -1.56
CA LEU A 187 15.69 57.35 -0.19
C LEU A 187 15.75 58.74 0.43
N ASN A 188 15.95 59.78 -0.37
CA ASN A 188 16.01 61.15 0.11
C ASN A 188 14.64 61.85 0.12
N ALA A 189 13.65 61.29 -0.59
CA ALA A 189 12.34 61.90 -0.69
C ALA A 189 11.60 61.92 0.65
N ASN A 190 11.04 63.07 1.00
CA ASN A 190 10.13 63.14 2.15
C ASN A 190 8.76 62.56 1.85
N ARG A 191 8.32 62.61 0.60
CA ARG A 191 7.04 62.06 0.18
C ARG A 191 7.17 61.51 -1.23
N ILE A 192 6.71 60.29 -1.45
CA ILE A 192 6.71 59.66 -2.76
C ILE A 192 5.27 59.38 -3.14
N SER A 193 4.89 59.79 -4.36
CA SER A 193 3.51 59.67 -4.80
C SER A 193 3.42 59.00 -6.17
N VAL A 194 2.24 58.46 -6.43
CA VAL A 194 1.91 57.76 -7.67
C VAL A 194 0.63 58.36 -8.23
N LEU A 195 0.68 58.81 -9.49
CA LEU A 195 -0.48 59.39 -10.17
C LEU A 195 -0.87 58.45 -11.31
N SER A 196 -2.03 57.79 -11.16
CA SER A 196 -2.48 56.77 -12.08
C SER A 196 -3.85 57.07 -12.71
N ASP A 197 -4.29 58.33 -12.75
CA ASP A 197 -5.64 58.60 -13.22
C ASP A 197 -5.80 58.26 -14.69
N LYS A 198 -4.74 58.35 -15.47
CA LYS A 198 -4.77 57.97 -16.88
C LYS A 198 -3.36 57.59 -17.30
N ALA A 199 -3.26 57.09 -18.53
CA ALA A 199 -1.95 56.79 -19.13
C ALA A 199 -1.27 58.08 -19.51
N TYR A 200 -0.16 58.39 -18.84
CA TYR A 200 0.58 59.63 -19.05
C TYR A 200 1.82 59.45 -19.94
N TYR A 201 2.61 58.41 -19.70
CA TYR A 201 3.87 58.19 -20.41
C TYR A 201 3.73 57.01 -21.37
N TYR A 202 3.91 57.29 -22.65
CA TYR A 202 3.83 56.27 -23.69
C TYR A 202 5.22 55.84 -24.13
N ALA A 203 5.58 54.59 -23.85
CA ALA A 203 6.90 54.06 -24.14
C ALA A 203 6.88 53.27 -25.46
N THR A 204 7.86 53.51 -26.30
CA THR A 204 7.95 52.81 -27.58
C THR A 204 8.77 51.53 -27.45
N VAL A 216 29.38 43.09 -24.03
CA VAL A 216 29.22 43.85 -22.80
C VAL A 216 29.51 43.00 -21.58
N SER A 217 30.30 43.55 -20.65
CA SER A 217 30.73 42.82 -19.47
C SER A 217 29.81 43.20 -18.33
N PRO A 218 29.73 42.37 -17.28
CA PRO A 218 28.80 42.69 -16.18
C PRO A 218 29.46 43.39 -15.00
N GLU A 219 30.69 43.85 -15.16
CA GLU A 219 31.36 44.60 -14.10
C GLU A 219 30.58 45.87 -13.79
N ASP A 220 30.21 46.63 -14.83
CA ASP A 220 29.44 47.86 -14.63
C ASP A 220 28.09 47.56 -14.04
N PHE A 221 27.42 46.51 -14.52
CA PHE A 221 26.09 46.18 -14.03
C PHE A 221 26.09 45.97 -12.52
N TYR A 222 26.98 45.10 -12.05
CA TYR A 222 27.04 44.75 -10.64
C TYR A 222 27.71 45.81 -9.77
N GLU A 223 28.52 46.69 -10.36
CA GLU A 223 29.01 47.84 -9.63
C GLU A 223 27.89 48.80 -9.26
N VAL A 224 26.97 49.07 -10.18
CA VAL A 224 25.79 49.88 -9.88
C VAL A 224 24.98 49.25 -8.75
N MET A 225 24.77 47.93 -8.82
CA MET A 225 23.98 47.25 -7.81
C MET A 225 24.62 47.37 -6.42
N ARG A 226 25.94 47.29 -6.35
CA ARG A 226 26.61 47.38 -5.05
C ARG A 226 26.45 48.78 -4.47
N LEU A 227 26.57 49.82 -5.31
CA LEU A 227 26.30 51.18 -4.87
C LEU A 227 24.87 51.34 -4.34
N ILE A 228 23.89 50.66 -4.96
CA ILE A 228 22.53 50.73 -4.46
C ILE A 228 22.44 50.12 -3.07
N ALA A 229 23.10 48.98 -2.87
CA ALA A 229 23.11 48.37 -1.54
C ALA A 229 23.71 49.33 -0.53
N VAL A 230 24.85 49.92 -0.87
CA VAL A 230 25.46 50.92 0.01
C VAL A 230 24.50 52.08 0.23
N GLU A 231 23.80 52.50 -0.84
CA GLU A 231 22.90 53.64 -0.73
C GLU A 231 21.73 53.35 0.20
N ILE A 232 21.11 52.18 0.05
CA ILE A 232 20.01 51.79 0.93
C ILE A 232 20.46 51.72 2.38
N LEU A 233 21.58 51.06 2.64
CA LEU A 233 22.03 50.83 4.01
C LEU A 233 22.44 52.12 4.69
N ASN A 234 22.72 53.18 3.94
CA ASN A 234 23.20 54.44 4.49
C ASN A 234 22.09 55.50 4.57
N ALA A 235 20.87 55.15 4.15
CA ALA A 235 19.77 56.10 4.11
C ALA A 235 19.36 56.51 5.53
N ASP A 236 18.60 57.60 5.62
CA ASP A 236 18.10 58.06 6.92
C ASP A 236 16.76 57.38 7.23
N LEU A 237 16.86 56.08 7.50
CA LEU A 237 15.72 55.24 7.81
C LEU A 237 16.09 54.27 8.92
N GLU A 238 15.05 53.73 9.55
CA GLU A 238 15.19 52.72 10.60
C GLU A 238 15.94 51.48 10.11
N GLU A 239 16.70 50.87 11.01
CA GLU A 239 17.61 49.79 10.65
C GLU A 239 16.81 48.61 10.07
N ALA A 240 15.74 48.21 10.75
CA ALA A 240 14.91 47.14 10.22
C ALA A 240 14.35 47.49 8.85
N HIS A 241 14.06 48.78 8.59
CA HIS A 241 13.56 49.21 7.29
C HIS A 241 14.62 49.13 6.20
N LYS A 242 15.85 49.54 6.48
CA LYS A 242 16.93 49.34 5.50
C LYS A 242 17.01 47.88 5.07
N ASP A 243 17.06 46.97 6.05
CA ASP A 243 17.12 45.56 5.71
C ASP A 243 15.93 45.12 4.85
N GLN A 244 14.71 45.55 5.21
CA GLN A 244 13.52 45.15 4.44
C GLN A 244 13.50 45.71 3.01
N ILE A 245 13.86 46.99 2.83
CA ILE A 245 13.92 47.58 1.49
C ILE A 245 14.91 46.82 0.62
N LEU A 246 16.09 46.54 1.17
CA LEU A 246 17.13 45.80 0.47
C LEU A 246 16.64 44.41 0.07
N ALA A 247 15.88 43.76 0.95
CA ALA A 247 15.33 42.45 0.62
C ALA A 247 14.41 42.51 -0.60
N GLU A 248 13.57 43.55 -0.70
CA GLU A 248 12.71 43.70 -1.86
C GLU A 248 13.50 43.93 -3.14
N PHE A 249 14.56 44.75 -3.07
CA PHE A 249 15.42 44.95 -4.23
C PHE A 249 16.06 43.65 -4.70
N LEU A 250 16.51 42.81 -3.76
CA LEU A 250 17.09 41.53 -4.14
C LEU A 250 16.05 40.60 -4.75
N ASN A 251 14.84 40.56 -4.18
CA ASN A 251 13.75 39.77 -4.75
C ASN A 251 13.55 40.07 -6.23
N ARG A 252 13.42 41.36 -6.55
CA ARG A 252 13.21 41.73 -7.96
C ARG A 252 14.44 41.44 -8.82
N HIS A 253 15.62 41.80 -8.32
CA HIS A 253 16.84 41.70 -9.11
C HIS A 253 17.12 40.27 -9.57
N PHE A 254 17.09 39.32 -8.64
CA PHE A 254 17.37 37.94 -9.03
C PHE A 254 16.24 37.31 -9.84
N SER A 255 15.02 37.80 -9.71
CA SER A 255 13.91 37.25 -10.46
C SER A 255 13.81 37.78 -11.89
N PHE A 256 14.18 39.03 -12.14
CA PHE A 256 13.84 39.64 -13.42
C PHE A 256 15.02 40.27 -14.14
N SER A 257 16.13 40.55 -13.46
CA SER A 257 17.29 41.15 -14.12
C SER A 257 18.07 40.08 -14.88
N ARG A 258 19.15 40.50 -15.52
CA ARG A 258 20.05 39.58 -16.23
C ARG A 258 20.71 38.57 -15.29
N THR A 259 20.67 38.82 -13.98
CA THR A 259 21.20 37.87 -13.01
C THR A 259 20.46 36.55 -13.03
N ASN A 260 19.16 36.58 -13.33
CA ASN A 260 18.35 35.36 -13.30
C ASN A 260 18.87 34.36 -14.32
N GLY A 261 19.32 33.20 -13.83
CA GLY A 261 19.71 32.14 -14.75
C GLY A 261 21.00 32.39 -15.50
N PHE A 262 21.84 33.33 -15.05
CA PHE A 262 23.07 33.64 -15.78
C PHE A 262 23.98 32.43 -15.90
N SER A 263 24.01 31.57 -14.89
CA SER A 263 24.87 30.40 -15.00
C SER A 263 24.36 29.38 -16.00
N LEU A 264 23.12 29.53 -16.47
CA LEU A 264 22.62 28.70 -17.56
C LEU A 264 22.80 29.31 -18.94
N LYS A 265 23.01 30.62 -19.06
CA LYS A 265 23.00 31.24 -20.37
C LYS A 265 24.38 31.69 -20.82
N VAL A 266 25.17 32.25 -19.90
CA VAL A 266 26.47 32.78 -20.26
C VAL A 266 27.44 31.65 -20.53
N LYS A 267 28.25 31.81 -21.58
CA LYS A 267 29.40 30.95 -21.82
C LYS A 267 30.19 30.66 -20.54
N LEU A 268 30.52 29.38 -20.37
CA LEU A 268 31.23 28.90 -19.19
C LEU A 268 32.52 29.66 -18.93
N GLU A 269 33.29 29.98 -19.98
CA GLU A 269 34.56 30.68 -19.78
C GLU A 269 34.35 32.04 -19.12
N GLU A 270 33.14 32.60 -19.16
CA GLU A 270 32.86 33.92 -18.65
C GLU A 270 32.10 33.89 -17.33
N GLN A 271 31.67 32.72 -16.86
CA GLN A 271 30.88 32.68 -15.64
C GLN A 271 31.72 33.06 -14.42
N PRO A 272 33.01 32.68 -14.34
CA PRO A 272 33.82 33.21 -13.23
C PRO A 272 33.82 34.73 -13.14
N GLN A 273 33.90 35.42 -14.28
CA GLN A 273 33.83 36.87 -14.30
C GLN A 273 32.49 37.39 -13.81
N TRP A 274 31.39 36.72 -14.13
CA TRP A 274 30.09 37.13 -13.60
C TRP A 274 30.02 36.95 -12.09
N ILE A 275 30.43 35.79 -11.59
CA ILE A 275 30.28 35.53 -10.16
C ILE A 275 31.21 36.42 -9.34
N ASN A 276 32.28 36.94 -9.95
CA ASN A 276 33.17 37.84 -9.23
C ASN A 276 32.56 39.22 -9.06
N ALA A 277 31.96 39.77 -10.13
CA ALA A 277 31.30 41.06 -9.99
C ALA A 277 30.03 40.92 -9.15
N LEU A 278 29.26 39.86 -9.38
CA LEU A 278 28.11 39.58 -8.52
C LEU A 278 28.54 39.32 -7.07
N GLY A 279 29.62 38.56 -6.87
CA GLY A 279 30.07 38.31 -5.52
C GLY A 279 30.40 39.56 -4.73
N ASP A 280 31.05 40.53 -5.39
CA ASP A 280 31.39 41.78 -4.74
C ASP A 280 30.14 42.57 -4.37
N PHE A 281 29.11 42.48 -5.23
CA PHE A 281 27.80 43.05 -4.91
C PHE A 281 27.20 42.40 -3.68
N ILE A 282 27.10 41.07 -3.66
CA ILE A 282 26.42 40.43 -2.54
C ILE A 282 27.24 40.57 -1.27
N GLN A 283 28.57 40.69 -1.39
CA GLN A 283 29.40 40.84 -0.20
C GLN A 283 29.16 42.15 0.53
N ALA A 284 28.59 43.16 -0.13
CA ALA A 284 28.20 44.38 0.58
C ALA A 284 26.85 44.25 1.26
N VAL A 285 26.16 43.14 1.06
CA VAL A 285 24.90 42.85 1.74
C VAL A 285 25.20 42.03 2.99
N PRO A 286 24.95 42.54 4.18
CA PRO A 286 25.13 41.72 5.38
C PRO A 286 24.31 40.44 5.28
N GLU A 287 24.90 39.35 5.79
CA GLU A 287 24.27 38.02 5.67
C GLU A 287 22.93 37.94 6.38
N ARG A 288 22.73 38.74 7.44
CA ARG A 288 21.43 38.76 8.09
C ARG A 288 20.29 39.07 7.12
N VAL A 289 20.59 39.69 5.98
CA VAL A 289 19.53 40.07 5.06
C VAL A 289 19.01 38.86 4.28
N ASP A 290 19.86 37.83 4.09
CA ASP A 290 19.44 36.65 3.34
C ASP A 290 18.17 36.03 3.89
N ALA A 291 17.99 36.09 5.21
CA ALA A 291 16.79 35.57 5.84
C ALA A 291 15.54 36.31 5.40
N LEU A 292 15.70 37.52 4.86
CA LEU A 292 14.57 38.36 4.50
C LEU A 292 14.13 38.14 3.05
N VAL A 293 14.99 37.56 2.23
CA VAL A 293 14.73 37.38 0.80
C VAL A 293 13.89 36.11 0.61
N MET A 294 13.15 36.06 -0.51
CA MET A 294 12.46 34.83 -0.89
C MET A 294 13.38 33.62 -0.72
N SER A 295 12.84 32.57 -0.11
CA SER A 295 13.68 31.46 0.35
C SER A 295 14.44 30.80 -0.79
N LYS A 296 13.84 30.71 -1.98
CA LYS A 296 14.53 30.01 -3.06
C LYS A 296 15.84 30.71 -3.42
N LEU A 297 15.94 32.03 -3.17
CA LEU A 297 17.13 32.82 -3.51
C LEU A 297 18.24 32.69 -2.48
N ARG A 298 17.92 32.17 -1.30
CA ARG A 298 18.95 32.10 -0.26
C ARG A 298 20.19 31.31 -0.62
N PRO A 299 20.10 30.12 -1.22
CA PRO A 299 21.31 29.41 -1.66
C PRO A 299 22.11 30.18 -2.69
N LEU A 300 21.45 30.97 -3.52
CA LEU A 300 22.16 31.73 -4.54
C LEU A 300 22.97 32.84 -3.90
N LEU A 301 22.40 33.51 -2.90
CA LEU A 301 23.13 34.52 -2.13
C LEU A 301 24.36 33.95 -1.45
N HIS A 302 24.23 32.77 -0.84
CA HIS A 302 25.36 32.15 -0.15
C HIS A 302 26.54 31.94 -1.07
N TYR A 303 26.33 31.31 -2.22
CA TYR A 303 27.43 30.96 -3.10
C TYR A 303 27.95 32.16 -3.89
N ALA A 304 27.12 33.20 -4.05
CA ALA A 304 27.58 34.44 -4.66
C ALA A 304 28.61 35.14 -3.79
N ARG A 305 28.34 35.23 -2.48
CA ARG A 305 29.28 35.85 -1.55
C ARG A 305 30.63 35.14 -1.59
N ALA A 306 30.63 33.81 -1.63
CA ALA A 306 31.87 33.04 -1.73
C ALA A 306 32.47 33.06 -3.13
N LYS A 307 31.82 33.70 -4.11
CA LYS A 307 32.26 33.72 -5.51
C LYS A 307 32.61 32.31 -6.00
N ASP A 308 31.66 31.39 -5.79
CA ASP A 308 31.86 29.98 -6.15
C ASP A 308 30.84 29.62 -7.22
N ILE A 309 31.30 29.62 -8.48
CA ILE A 309 30.39 29.49 -9.62
C ILE A 309 29.91 28.05 -9.79
N ASP A 310 30.74 27.07 -9.45
CA ASP A 310 30.37 25.67 -9.65
C ASP A 310 29.15 25.29 -8.81
N ASN A 311 29.15 25.68 -7.54
CA ASN A 311 27.99 25.38 -6.70
C ASN A 311 26.81 26.27 -7.08
N TYR A 312 27.09 27.52 -7.43
CA TYR A 312 26.04 28.43 -7.91
C TYR A 312 25.36 27.85 -9.15
N ARG A 313 26.15 27.31 -10.09
CA ARG A 313 25.55 26.78 -11.32
C ARG A 313 24.75 25.53 -11.03
N THR A 314 25.21 24.70 -10.08
CA THR A 314 24.42 23.52 -9.70
C THR A 314 23.06 23.90 -9.13
N VAL A 315 23.00 24.96 -8.31
CA VAL A 315 21.74 25.40 -7.73
C VAL A 315 20.75 25.80 -8.82
N GLU A 316 21.18 26.65 -9.75
CA GLU A 316 20.32 27.09 -10.84
C GLU A 316 19.87 25.92 -11.70
N GLU A 317 20.79 24.99 -12.00
CA GLU A 317 20.44 23.82 -12.80
C GLU A 317 19.50 22.90 -12.03
N SER A 318 19.66 22.80 -10.72
CA SER A 318 18.78 21.95 -9.92
C SER A 318 17.36 22.49 -9.93
N TYR A 319 17.19 23.79 -9.67
CA TYR A 319 15.88 24.42 -9.79
C TYR A 319 15.26 24.13 -11.15
N ARG A 320 16.03 24.29 -12.22
CA ARG A 320 15.47 24.27 -13.57
C ARG A 320 15.11 22.85 -14.02
N GLN A 321 15.75 21.83 -13.45
CA GLN A 321 15.46 20.47 -13.86
C GLN A 321 14.80 19.64 -12.76
N GLY A 322 14.61 20.22 -11.58
CA GLY A 322 13.88 19.54 -10.51
C GLY A 322 14.65 18.46 -9.79
N GLN A 323 15.94 18.28 -10.09
CA GLN A 323 16.75 17.26 -9.46
C GLN A 323 17.60 17.88 -8.37
N TYR A 324 17.62 17.24 -7.19
CA TYR A 324 18.43 17.73 -6.09
C TYR A 324 19.24 16.58 -5.52
N TYR A 325 20.45 16.89 -5.07
CA TYR A 325 21.35 15.86 -4.55
C TYR A 325 20.77 15.12 -3.34
N ARG A 326 20.25 15.86 -2.38
CA ARG A 326 19.58 15.25 -1.23
C ARG A 326 18.56 16.24 -0.71
N PHE A 327 17.35 15.77 -0.46
CA PHE A 327 16.32 16.68 0.02
C PHE A 327 15.18 15.93 0.71
N ASP A 328 14.52 16.64 1.64
CA ASP A 328 13.22 16.22 2.14
C ASP A 328 12.30 17.45 2.13
N ILE A 329 11.03 17.23 2.46
CA ILE A 329 10.01 18.27 2.48
C ILE A 329 9.34 18.31 3.85
N VAL A 330 9.31 19.49 4.46
CA VAL A 330 8.65 19.73 5.74
C VAL A 330 7.61 20.82 5.53
N ASP A 331 6.34 20.46 5.71
CA ASP A 331 5.19 21.36 5.56
C ASP A 331 5.29 22.27 4.34
N GLY A 332 5.36 21.63 3.16
CA GLY A 332 5.33 22.36 1.91
C GLY A 332 6.63 23.01 1.47
N LYS A 333 7.65 23.05 2.32
CA LYS A 333 8.91 23.66 1.95
C LYS A 333 9.99 22.59 1.91
N LEU A 334 10.98 22.81 1.06
CA LEU A 334 12.02 21.82 0.84
C LEU A 334 13.24 22.17 1.67
N ASN A 335 13.89 21.15 2.21
CA ASN A 335 15.25 21.28 2.72
C ASN A 335 16.17 20.63 1.69
N ILE A 336 17.04 21.43 1.08
CA ILE A 336 17.81 20.99 -0.07
C ILE A 336 19.29 21.09 0.23
N GLN A 337 20.00 19.99 0.01
CA GLN A 337 21.45 20.01 -0.13
C GLN A 337 21.79 19.87 -1.60
N PHE A 338 22.47 20.87 -2.16
CA PHE A 338 22.64 20.96 -3.59
C PHE A 338 23.83 20.17 -4.10
N ASN A 339 24.78 19.85 -3.22
CA ASN A 339 25.96 19.10 -3.62
C ASN A 339 26.49 18.40 -2.38
N GLU A 340 27.37 17.43 -2.61
CA GLU A 340 27.94 16.67 -1.51
C GLU A 340 28.78 17.57 -0.62
N GLY A 341 28.61 17.46 0.70
CA GLY A 341 29.39 18.26 1.61
C GLY A 341 28.91 19.67 1.84
N GLU A 342 27.94 20.15 1.08
CA GLU A 342 27.50 21.52 1.22
C GLU A 342 26.48 21.63 2.35
N PRO A 343 26.28 22.84 2.90
CA PRO A 343 25.25 23.01 3.93
C PRO A 343 23.87 22.71 3.39
N TYR A 344 23.00 22.28 4.29
CA TYR A 344 21.58 22.21 4.00
C TYR A 344 20.97 23.60 4.10
N PHE A 345 20.15 23.93 3.13
CA PHE A 345 19.35 25.15 3.15
C PHE A 345 17.92 24.74 3.43
N GLU A 346 17.32 25.37 4.42
CA GLU A 346 16.07 24.92 5.03
C GLU A 346 14.93 25.86 4.68
N GLY A 347 13.73 25.31 4.66
CA GLY A 347 12.53 26.13 4.50
C GLY A 347 12.45 26.82 3.15
N ILE A 348 12.85 26.13 2.09
CA ILE A 348 12.88 26.70 0.74
C ILE A 348 11.54 26.38 0.09
N ASP A 349 10.83 27.41 -0.34
CA ASP A 349 9.54 27.20 -0.98
C ASP A 349 9.76 26.72 -2.40
N LYS A 352 3.63 25.86 -4.09
CA LYS A 352 2.51 25.03 -4.53
C LYS A 352 2.57 24.71 -6.02
N PRO A 353 2.30 23.46 -6.38
CA PRO A 353 2.29 23.10 -7.80
C PRO A 353 1.09 23.73 -8.49
N LYS A 354 1.29 24.08 -9.76
CA LYS A 354 0.19 24.48 -10.61
C LYS A 354 -0.50 23.27 -11.22
N VAL A 355 -1.84 23.24 -11.17
CA VAL A 355 -2.61 22.09 -11.65
C VAL A 355 -3.58 22.58 -12.73
N LYS A 356 -3.65 21.84 -13.85
CA LYS A 356 -4.63 22.09 -14.91
C LYS A 356 -5.45 20.83 -15.17
N MET A 357 -6.77 20.97 -15.19
CA MET A 357 -7.68 19.86 -15.48
C MET A 357 -7.78 19.66 -16.99
N THR A 358 -7.03 18.70 -17.53
CA THR A 358 -6.93 18.51 -18.97
C THR A 358 -7.99 17.57 -19.53
N ALA A 359 -8.72 16.85 -18.70
CA ALA A 359 -9.86 16.08 -19.19
C ALA A 359 -10.90 15.96 -18.08
N PHE A 360 -12.16 15.89 -18.49
CA PHE A 360 -13.26 15.62 -17.56
C PHE A 360 -14.43 15.01 -18.33
N LYS A 361 -14.64 13.70 -18.14
CA LYS A 361 -15.79 13.02 -18.72
C LYS A 361 -16.56 12.33 -17.59
N PHE A 362 -17.87 12.15 -17.80
CA PHE A 362 -18.67 11.49 -16.78
C PHE A 362 -19.96 10.98 -17.41
N ASP A 363 -20.57 10.02 -16.72
CA ASP A 363 -21.87 9.50 -17.07
C ASP A 363 -22.53 8.99 -15.79
N ASN A 364 -23.62 8.25 -15.95
CA ASN A 364 -24.28 7.72 -14.76
C ASN A 364 -23.51 6.60 -14.10
N HIS A 365 -22.34 6.23 -14.61
CA HIS A 365 -21.56 5.10 -14.14
C HIS A 365 -20.21 5.48 -13.52
N LYS A 366 -19.50 6.46 -14.08
CA LYS A 366 -18.22 6.86 -13.51
C LYS A 366 -17.88 8.26 -13.98
N ILE A 367 -16.93 8.88 -13.27
CA ILE A 367 -16.30 10.13 -13.68
C ILE A 367 -14.84 9.87 -14.02
N VAL A 368 -14.39 10.38 -15.16
CA VAL A 368 -12.99 10.29 -15.58
C VAL A 368 -12.42 11.69 -15.73
N THR A 369 -11.41 12.02 -14.92
CA THR A 369 -10.77 13.33 -14.96
C THR A 369 -9.25 13.20 -15.01
N GLU A 370 -8.61 14.06 -15.80
CA GLU A 370 -7.16 14.09 -15.95
C GLU A 370 -6.62 15.43 -15.43
N LEU A 371 -5.66 15.37 -14.51
CA LEU A 371 -5.01 16.55 -13.96
C LEU A 371 -3.53 16.58 -14.35
N THR A 372 -3.09 17.69 -14.94
CA THR A 372 -1.72 17.85 -15.40
C THR A 372 -0.99 18.86 -14.51
N LEU A 373 0.11 18.43 -13.89
CA LEU A 373 0.99 19.33 -13.14
C LEU A 373 1.90 20.06 -14.13
N ASN A 374 1.54 21.31 -14.44
CA ASN A 374 2.31 22.09 -15.40
C ASN A 374 3.66 22.55 -14.83
N GLU A 375 3.69 22.91 -13.55
CA GLU A 375 4.93 23.35 -12.92
C GLU A 375 5.03 22.71 -11.55
N PHE A 376 6.20 22.12 -11.26
CA PHE A 376 6.39 21.48 -9.96
C PHE A 376 7.86 21.25 -9.72
N MET A 377 8.34 21.66 -8.54
CA MET A 377 9.75 21.66 -8.16
C MET A 377 10.28 20.26 -7.77
N ILE A 378 9.56 19.20 -8.11
CA ILE A 378 9.97 17.83 -7.80
C ILE A 378 9.55 16.92 -8.95
N GLY A 379 10.47 16.06 -9.40
CA GLY A 379 10.17 15.25 -10.56
C GLY A 379 9.18 14.15 -10.29
N GLU A 380 8.65 13.59 -11.37
CA GLU A 380 7.67 12.52 -11.26
C GLU A 380 8.25 11.36 -10.45
N GLY A 381 7.42 10.71 -9.64
CA GLY A 381 7.79 9.48 -8.98
C GLY A 381 8.13 9.60 -7.51
N HIS A 382 8.50 10.78 -7.06
CA HIS A 382 8.91 11.00 -5.68
C HIS A 382 7.79 11.54 -4.81
N TYR A 383 6.62 11.73 -5.39
CA TYR A 383 5.46 12.20 -4.63
C TYR A 383 4.27 11.33 -5.00
N ASP A 384 3.26 11.37 -4.15
CA ASP A 384 1.99 10.70 -4.38
C ASP A 384 0.91 11.76 -4.54
N VAL A 385 -0.12 11.42 -5.31
CA VAL A 385 -1.25 12.32 -5.53
C VAL A 385 -2.54 11.54 -5.35
N ARG A 386 -3.53 12.20 -4.77
CA ARG A 386 -4.86 11.66 -4.67
C ARG A 386 -5.84 12.77 -5.01
N LEU A 387 -7.01 12.38 -5.49
CA LEU A 387 -8.09 13.32 -5.75
C LEU A 387 -8.96 13.43 -4.49
N LYS A 388 -9.22 14.66 -4.06
CA LYS A 388 -9.94 14.90 -2.82
C LYS A 388 -11.25 15.58 -3.15
N LEU A 389 -12.34 15.00 -2.68
CA LEU A 389 -13.64 15.67 -2.69
C LEU A 389 -13.89 16.19 -1.29
N HIS A 390 -14.11 17.49 -1.18
CA HIS A 390 -14.26 18.15 0.11
C HIS A 390 -15.60 18.88 0.15
N SER A 391 -16.43 18.53 1.12
CA SER A 391 -17.71 19.19 1.27
C SER A 391 -17.52 20.67 1.60
N ARG A 392 -18.51 21.48 1.18
CA ARG A 392 -18.37 22.92 1.35
C ARG A 392 -18.17 23.30 2.80
N ASN A 393 -18.83 22.58 3.72
CA ASN A 393 -18.65 22.83 5.14
C ASN A 393 -17.43 22.14 5.74
N LYS A 394 -16.54 21.59 4.92
CA LYS A 394 -15.32 20.93 5.35
C LYS A 394 -15.54 19.73 6.27
N LYS A 395 -16.79 19.30 6.47
CA LYS A 395 -17.07 18.26 7.46
C LYS A 395 -16.74 16.89 6.89
N HIS A 396 -16.99 16.68 5.60
CA HIS A 396 -16.77 15.37 5.01
C HIS A 396 -15.83 15.48 3.82
N THR A 397 -15.19 14.35 3.52
CA THR A 397 -14.05 14.31 2.62
C THR A 397 -14.10 12.98 1.90
N MET A 398 -13.64 12.98 0.66
CA MET A 398 -13.49 11.76 -0.12
C MET A 398 -12.17 11.78 -0.85
N TYR A 399 -11.49 10.63 -0.84
CA TYR A 399 -10.21 10.45 -1.50
C TYR A 399 -10.32 9.32 -2.50
N VAL A 400 -9.92 9.59 -3.74
CA VAL A 400 -9.97 8.63 -4.83
C VAL A 400 -8.54 8.28 -5.21
N PRO A 401 -8.15 7.00 -5.20
CA PRO A 401 -6.79 6.64 -5.58
C PRO A 401 -6.53 6.90 -7.06
N LEU A 402 -5.24 7.05 -7.38
CA LEU A 402 -4.81 7.19 -8.75
C LEU A 402 -5.09 5.92 -9.55
N SER A 403 -5.63 6.07 -10.76
CA SER A 403 -5.92 4.92 -11.60
C SER A 403 -4.74 4.60 -12.51
N VAL A 404 -4.09 5.63 -13.04
CA VAL A 404 -2.92 5.50 -13.91
C VAL A 404 -2.33 6.90 -14.06
N ASN A 405 -1.04 7.01 -14.28
CA ASN A 405 -0.47 8.32 -14.62
C ASN A 405 0.57 8.20 -15.73
N ALA A 406 0.56 9.16 -16.64
CA ALA A 406 1.53 9.25 -17.72
C ALA A 406 2.35 10.53 -17.56
N ASN A 407 3.61 10.39 -17.14
CA ASN A 407 4.44 11.54 -16.77
C ASN A 407 3.66 12.34 -15.72
N LYS A 408 3.45 13.65 -15.93
CA LYS A 408 2.72 14.47 -14.97
C LYS A 408 1.26 14.66 -15.36
N GLN A 409 0.70 13.71 -16.11
CA GLN A 409 -0.73 13.64 -16.38
C GLN A 409 -1.35 12.59 -15.48
N TYR A 410 -2.23 13.00 -14.57
CA TYR A 410 -2.76 12.09 -13.56
C TYR A 410 -4.24 11.85 -13.82
N ARG A 411 -4.62 10.60 -14.05
CA ARG A 411 -5.97 10.22 -14.44
C ARG A 411 -6.65 9.49 -13.28
N PHE A 412 -7.87 9.91 -12.95
CA PHE A 412 -8.64 9.30 -11.85
C PHE A 412 -9.96 8.79 -12.40
N ASN A 413 -10.23 7.50 -12.18
CA ASN A 413 -11.55 6.92 -12.45
C ASN A 413 -12.33 6.88 -11.13
N ILE A 414 -13.37 7.70 -11.03
CA ILE A 414 -14.24 7.75 -9.85
C ILE A 414 -15.48 6.94 -10.16
N MET A 415 -15.52 5.69 -9.71
CA MET A 415 -16.67 4.85 -9.94
C MET A 415 -17.79 5.28 -8.98
N LEU A 416 -18.92 5.69 -9.57
CA LEU A 416 -20.03 6.21 -8.78
C LEU A 416 -20.62 5.16 -7.84
N GLU A 417 -20.51 3.88 -8.20
CA GLU A 417 -20.94 2.83 -7.27
C GLU A 417 -20.10 2.85 -5.98
N ASP A 418 -18.85 3.29 -6.07
CA ASP A 418 -17.99 3.36 -4.90
C ASP A 418 -18.31 4.55 -3.99
N ILE A 419 -18.80 5.65 -4.56
CA ILE A 419 -19.03 6.91 -3.83
C ILE A 419 -20.50 7.18 -3.59
N LYS A 420 -21.38 6.32 -4.09
CA LYS A 420 -22.82 6.53 -3.93
C LYS A 420 -23.23 6.61 -2.46
N ALA A 421 -22.63 5.80 -1.61
CA ALA A 421 -23.01 5.75 -0.21
C ALA A 421 -22.62 7.01 0.57
N TYR A 422 -21.60 7.74 0.09
CA TYR A 422 -21.05 8.89 0.81
C TYR A 422 -21.55 10.23 0.31
N LEU A 423 -21.98 10.29 -0.94
CA LEU A 423 -22.47 11.55 -1.50
C LEU A 423 -23.63 12.17 -0.71
N PRO A 424 -24.62 11.42 -0.20
CA PRO A 424 -25.78 12.07 0.45
C PRO A 424 -25.43 12.93 1.66
N LYS A 425 -24.22 12.83 2.21
CA LYS A 425 -23.91 13.55 3.44
C LYS A 425 -23.96 15.06 3.24
N GLU A 426 -23.63 15.54 2.04
CA GLU A 426 -23.60 16.97 1.72
C GLU A 426 -24.02 17.19 0.27
N LYS A 427 -24.43 18.41 -0.03
CA LYS A 427 -24.90 18.74 -1.37
C LYS A 427 -23.77 19.18 -2.27
N ILE A 428 -22.82 19.93 -1.72
CA ILE A 428 -21.74 20.53 -2.49
C ILE A 428 -20.46 19.78 -2.19
N TRP A 429 -19.83 19.24 -3.22
CA TRP A 429 -18.55 18.55 -3.08
C TRP A 429 -17.56 19.25 -3.98
N ASP A 430 -16.57 19.88 -3.37
CA ASP A 430 -15.53 20.59 -4.10
C ASP A 430 -14.37 19.64 -4.37
N VAL A 431 -13.75 19.80 -5.53
CA VAL A 431 -12.71 18.90 -5.99
C VAL A 431 -11.36 19.53 -5.66
N PHE A 432 -10.52 18.79 -4.94
CA PHE A 432 -9.16 19.19 -4.67
C PHE A 432 -8.22 18.10 -5.17
N LEU A 433 -6.98 18.47 -5.45
CA LEU A 433 -5.93 17.48 -5.64
C LEU A 433 -5.00 17.55 -4.44
N GLU A 434 -4.89 16.45 -3.72
CA GLU A 434 -3.98 16.32 -2.60
C GLU A 434 -2.66 15.73 -3.08
N VAL A 435 -1.55 16.35 -2.70
CA VAL A 435 -0.23 15.89 -3.08
C VAL A 435 0.62 15.74 -1.81
N GLN A 436 1.01 14.50 -1.51
CA GLN A 436 1.71 14.20 -0.27
C GLN A 436 3.15 13.81 -0.59
N ILE A 437 4.10 14.41 0.11
CA ILE A 437 5.52 14.11 -0.03
C ILE A 437 6.02 13.70 1.36
N GLY A 438 6.03 12.41 1.64
CA GLY A 438 6.34 11.98 3.00
C GLY A 438 5.23 12.38 3.95
N THR A 439 5.29 13.57 4.53
CA THR A 439 4.21 14.04 5.38
C THR A 439 3.79 15.47 5.09
N GLU A 440 4.43 16.16 4.14
CA GLU A 440 3.99 17.48 3.72
C GLU A 440 2.91 17.33 2.65
N VAL A 441 1.73 17.87 2.93
CA VAL A 441 0.55 17.66 2.09
C VAL A 441 0.16 18.98 1.43
N PHE A 442 -0.05 18.98 0.11
CA PHE A 442 -0.63 20.12 -0.58
C PHE A 442 -2.09 19.83 -0.93
N GLU A 443 -2.94 20.80 -0.67
CA GLU A 443 -4.33 20.78 -1.07
C GLU A 443 -4.48 21.85 -2.14
N VAL A 444 -4.63 21.42 -3.38
CA VAL A 444 -4.71 22.32 -4.53
C VAL A 444 -6.13 22.29 -5.05
N ARG A 445 -6.84 23.41 -4.95
CA ARG A 445 -8.17 23.49 -5.52
C ARG A 445 -8.09 23.60 -7.04
N VAL A 446 -8.91 22.80 -7.72
CA VAL A 446 -8.80 22.60 -9.16
C VAL A 446 -10.10 23.05 -9.82
N GLY A 447 -9.97 23.43 -11.10
CA GLY A 447 -11.09 23.78 -11.95
C GLY A 447 -10.86 25.11 -12.64
N ASN A 448 -10.19 26.04 -11.95
CA ASN A 448 -10.01 27.39 -12.49
C ASN A 448 -9.04 27.40 -13.67
N GLN A 449 -8.14 26.43 -13.74
CA GLN A 449 -7.35 26.19 -14.94
C GLN A 449 -7.83 24.89 -15.59
N ARG A 450 -8.25 24.97 -16.85
CA ARG A 450 -8.82 23.79 -17.46
C ARG A 450 -8.88 23.97 -18.96
N ASN A 451 -8.94 22.84 -19.66
CA ASN A 451 -9.41 22.75 -21.02
C ASN A 451 -10.92 22.97 -21.06
N LYS A 452 -11.43 23.26 -22.26
CA LYS A 452 -12.85 23.58 -22.42
C LYS A 452 -13.72 22.46 -21.89
N TYR A 453 -14.65 22.82 -21.01
CA TYR A 453 -15.56 21.84 -20.45
C TYR A 453 -16.37 21.20 -21.56
N ALA A 454 -16.44 19.87 -21.54
CA ALA A 454 -16.90 19.13 -22.71
C ALA A 454 -18.42 19.03 -22.79
N TYR A 455 -19.14 19.50 -21.77
CA TYR A 455 -20.58 19.41 -21.69
C TYR A 455 -21.23 20.78 -21.58
N THR A 456 -22.51 20.83 -21.96
CA THR A 456 -23.32 21.99 -21.64
C THR A 456 -23.40 22.16 -20.13
N ALA A 457 -23.42 23.41 -19.68
CA ALA A 457 -23.51 23.68 -18.24
C ALA A 457 -24.75 23.01 -17.67
N GLU A 458 -24.63 22.55 -16.42
CA GLU A 458 -25.69 21.90 -15.65
C GLU A 458 -25.98 20.48 -16.14
N THR A 459 -25.25 20.00 -17.14
CA THR A 459 -25.35 18.59 -17.54
C THR A 459 -25.06 17.70 -16.34
N SER A 460 -25.93 16.72 -16.14
CA SER A 460 -25.93 15.95 -14.91
C SER A 460 -25.92 14.46 -15.21
N ALA A 461 -25.75 13.69 -14.15
CA ALA A 461 -25.82 12.24 -14.17
C ALA A 461 -26.89 11.75 -13.21
N LEU A 462 -27.67 10.76 -13.66
CA LEU A 462 -28.73 10.22 -12.83
C LEU A 462 -28.16 9.18 -11.88
N ILE A 463 -28.51 9.29 -10.60
CA ILE A 463 -28.07 8.38 -9.56
C ILE A 463 -29.28 7.81 -8.85
N HIS A 464 -29.23 6.51 -8.56
CA HIS A 464 -30.32 5.80 -7.89
C HIS A 464 -29.83 5.22 -6.56
N LEU A 465 -30.53 5.55 -5.48
CA LEU A 465 -30.03 5.24 -4.15
C LEU A 465 -31.20 5.06 -3.18
N ASN A 466 -31.40 3.85 -2.68
CA ASN A 466 -32.42 3.53 -1.70
C ASN A 466 -33.79 4.06 -2.12
N ASN A 467 -34.24 3.57 -3.28
CA ASN A 467 -35.53 3.87 -3.91
C ASN A 467 -35.69 5.32 -4.33
N ASP A 468 -34.69 6.18 -4.09
CA ASP A 468 -34.79 7.60 -4.42
C ASP A 468 -33.80 7.91 -5.54
N PHE A 469 -34.11 8.95 -6.29
CA PHE A 469 -33.31 9.35 -7.43
C PHE A 469 -32.59 10.66 -7.14
N TYR A 470 -31.37 10.80 -7.65
CA TYR A 470 -30.58 12.00 -7.42
C TYR A 470 -29.90 12.36 -8.73
N ARG A 471 -29.48 13.61 -8.81
CA ARG A 471 -28.61 14.08 -9.89
C ARG A 471 -27.28 14.49 -9.32
N LEU A 472 -26.23 14.18 -10.04
CA LEU A 472 -24.90 14.67 -9.73
C LEU A 472 -24.53 15.67 -10.82
N THR A 473 -24.35 16.93 -10.43
CA THR A 473 -24.20 18.01 -11.38
C THR A 473 -22.88 18.73 -11.18
N PRO A 474 -21.92 18.55 -12.08
CA PRO A 474 -20.72 19.40 -12.06
C PRO A 474 -21.08 20.82 -12.41
N TYR A 475 -20.36 21.76 -11.80
CA TYR A 475 -20.55 23.17 -12.10
C TYR A 475 -19.34 23.94 -11.63
N PHE A 476 -19.28 25.22 -11.99
CA PHE A 476 -18.13 26.06 -11.68
C PHE A 476 -18.56 27.23 -10.79
N THR A 477 -17.74 27.48 -9.77
CA THR A 477 -18.10 28.45 -8.75
C THR A 477 -17.98 29.88 -9.30
N LYS A 478 -18.73 30.78 -8.68
CA LYS A 478 -18.79 32.15 -9.17
C LYS A 478 -17.50 32.92 -8.84
N ASP A 479 -16.96 32.71 -7.64
CA ASP A 479 -15.86 33.54 -7.15
C ASP A 479 -14.53 33.21 -7.81
N PHE A 480 -14.19 31.93 -7.98
CA PHE A 480 -12.88 31.56 -8.53
C PHE A 480 -12.99 30.55 -9.65
N ASN A 481 -14.20 30.25 -10.14
CA ASN A 481 -14.36 29.46 -11.35
C ASN A 481 -13.83 28.04 -11.15
N ASN A 482 -13.93 27.52 -9.93
CA ASN A 482 -13.50 26.17 -9.63
C ASN A 482 -14.67 25.20 -9.72
N ILE A 483 -14.32 23.93 -9.90
CA ILE A 483 -15.31 22.89 -10.17
C ILE A 483 -15.73 22.21 -8.88
N SER A 484 -17.02 21.94 -8.77
CA SER A 484 -17.59 21.26 -7.62
C SER A 484 -18.64 20.29 -8.14
N LEU A 485 -19.13 19.46 -7.23
CA LEU A 485 -20.16 18.48 -7.56
C LEU A 485 -21.34 18.80 -6.67
N TYR A 486 -22.50 19.00 -7.28
CA TYR A 486 -23.72 19.29 -6.54
C TYR A 486 -24.56 18.02 -6.52
N PHE A 487 -24.91 17.55 -5.34
CA PHE A 487 -25.68 16.32 -5.17
C PHE A 487 -26.97 16.64 -4.45
N THR A 488 -28.10 16.37 -5.11
CA THR A 488 -29.39 16.68 -4.52
C THR A 488 -30.44 15.76 -5.11
N ALA A 489 -31.52 15.58 -4.38
CA ALA A 489 -32.59 14.70 -4.82
C ALA A 489 -33.36 15.32 -5.97
N ILE A 490 -33.95 14.47 -6.81
CA ILE A 490 -34.83 14.87 -7.89
C ILE A 490 -36.00 13.91 -7.95
N THR A 491 -37.03 14.31 -8.71
CA THR A 491 -38.13 13.42 -9.08
C THR A 491 -38.01 13.06 -10.55
N LEU A 492 -37.79 11.77 -10.81
CA LEU A 492 -37.43 11.33 -12.16
C LEU A 492 -38.43 11.82 -13.19
N THR A 493 -39.72 11.67 -12.89
CA THR A 493 -40.72 12.04 -13.88
C THR A 493 -40.85 13.56 -14.00
N ASP A 494 -40.32 14.30 -13.02
CA ASP A 494 -40.24 15.75 -13.15
C ASP A 494 -39.02 16.23 -13.94
N SER A 495 -37.99 15.40 -14.06
CA SER A 495 -36.72 15.80 -14.67
C SER A 495 -36.43 15.19 -16.02
N ILE A 496 -36.94 14.00 -16.30
CA ILE A 496 -36.61 13.24 -17.50
C ILE A 496 -37.89 12.63 -18.06
N SER A 497 -38.14 12.86 -19.34
CA SER A 497 -39.28 12.24 -19.99
C SER A 497 -38.83 11.00 -20.76
N MET A 498 -39.75 10.04 -20.84
CA MET A 498 -39.52 8.79 -21.55
C MET A 498 -40.64 8.59 -22.56
N LYS A 499 -40.28 8.49 -23.84
CA LYS A 499 -41.27 8.35 -24.90
C LYS A 499 -40.79 7.29 -25.88
N LEU A 500 -41.75 6.77 -26.65
CA LEU A 500 -41.49 5.77 -27.67
C LEU A 500 -41.38 6.42 -29.03
N LYS A 501 -40.30 6.14 -29.74
CA LYS A 501 -40.11 6.65 -31.09
C LYS A 501 -40.04 5.43 -32.01
N GLY A 502 -40.94 5.37 -32.98
CA GLY A 502 -41.10 4.17 -33.79
C GLY A 502 -41.65 3.03 -32.95
N LYS A 503 -41.12 1.82 -33.19
CA LYS A 503 -41.47 0.66 -32.39
C LYS A 503 -40.29 0.07 -31.64
N ASN A 504 -39.08 0.56 -31.87
CA ASN A 504 -37.93 -0.12 -31.27
C ASN A 504 -36.93 0.86 -30.66
N LYS A 505 -37.33 2.12 -30.44
CA LYS A 505 -36.40 3.10 -29.91
C LYS A 505 -37.08 3.81 -28.76
N ILE A 506 -36.42 3.84 -27.61
CA ILE A 506 -36.88 4.58 -26.45
C ILE A 506 -36.00 5.81 -26.30
N ILE A 507 -36.61 6.98 -26.12
CA ILE A 507 -35.88 8.23 -26.08
C ILE A 507 -36.02 8.82 -24.69
N LEU A 508 -34.89 9.05 -24.03
CA LEU A 508 -34.86 9.74 -22.74
C LEU A 508 -34.40 11.16 -22.97
N THR A 509 -35.22 12.11 -22.57
CA THR A 509 -34.97 13.53 -22.74
C THR A 509 -34.88 14.20 -21.39
N GLY A 510 -33.75 14.84 -21.11
CA GLY A 510 -33.63 15.67 -19.93
C GLY A 510 -34.43 16.96 -20.08
N LEU A 511 -35.41 17.17 -19.19
CA LEU A 511 -36.34 18.30 -19.31
C LEU A 511 -35.75 19.61 -18.82
N ASP A 512 -35.07 19.60 -17.69
CA ASP A 512 -34.53 20.82 -17.12
C ASP A 512 -33.04 20.94 -17.37
N ARG A 513 -32.39 19.81 -17.63
CA ARG A 513 -30.96 19.75 -17.83
C ARG A 513 -30.68 18.48 -18.61
N GLY A 514 -29.53 18.42 -19.24
CA GLY A 514 -29.15 17.22 -19.94
C GLY A 514 -28.70 16.15 -18.96
N TYR A 515 -28.97 14.91 -19.33
CA TYR A 515 -28.46 13.78 -18.57
C TYR A 515 -27.64 12.91 -19.51
N VAL A 516 -26.40 12.63 -19.09
CA VAL A 516 -25.46 11.85 -19.87
C VAL A 516 -25.46 10.45 -19.28
N PHE A 517 -25.62 9.46 -20.15
CA PHE A 517 -25.60 8.06 -19.76
C PHE A 517 -24.46 7.36 -20.48
N GLU A 518 -23.95 6.29 -19.87
CA GLU A 518 -22.90 5.52 -20.51
C GLU A 518 -23.46 4.83 -21.75
N GLU A 519 -22.74 4.96 -22.86
CA GLU A 519 -23.19 4.34 -24.10
C GLU A 519 -22.86 2.86 -24.09
N GLY A 520 -23.66 2.09 -24.83
CA GLY A 520 -23.43 0.67 -24.89
C GLY A 520 -24.70 -0.09 -24.61
N MET A 521 -24.55 -1.32 -24.11
CA MET A 521 -25.69 -2.18 -23.87
C MET A 521 -26.62 -1.61 -22.81
N ALA A 522 -27.92 -1.85 -23.00
CA ALA A 522 -28.94 -1.41 -22.06
C ALA A 522 -30.13 -2.36 -22.17
N SER A 523 -31.04 -2.27 -21.20
CA SER A 523 -32.23 -3.11 -21.21
C SER A 523 -33.37 -2.44 -20.45
N VAL A 524 -34.60 -2.80 -20.82
CA VAL A 524 -35.78 -2.42 -20.09
C VAL A 524 -36.46 -3.70 -19.60
N VAL A 525 -36.90 -3.69 -18.34
CA VAL A 525 -37.44 -4.88 -17.69
C VAL A 525 -38.91 -4.65 -17.39
N LEU A 526 -39.76 -5.57 -17.85
CA LEU A 526 -41.16 -5.66 -17.46
C LEU A 526 -41.37 -6.77 -16.45
N LYS A 527 -42.60 -6.87 -15.95
CA LYS A 527 -42.89 -7.82 -14.87
C LYS A 527 -42.79 -9.26 -15.35
N ASP A 528 -42.92 -9.50 -16.66
CA ASP A 528 -42.72 -10.84 -17.20
C ASP A 528 -41.99 -10.81 -18.53
N ASP A 529 -41.17 -9.79 -18.77
CA ASP A 529 -40.46 -9.72 -20.04
C ASP A 529 -39.32 -8.73 -19.92
N MET A 530 -38.35 -8.87 -20.82
CA MET A 530 -37.21 -7.98 -20.90
C MET A 530 -36.82 -7.81 -22.36
N ILE A 531 -36.26 -6.65 -22.69
CA ILE A 531 -35.83 -6.35 -24.06
C ILE A 531 -34.46 -5.70 -23.99
N MET A 532 -33.50 -6.24 -24.75
CA MET A 532 -32.18 -5.65 -24.85
C MET A 532 -32.15 -4.52 -25.86
N GLY A 533 -31.12 -3.69 -25.74
CA GLY A 533 -30.97 -2.56 -26.62
C GLY A 533 -29.54 -2.06 -26.59
N MET A 534 -29.30 -1.03 -27.40
CA MET A 534 -28.03 -0.33 -27.48
C MET A 534 -28.29 1.13 -27.18
N LEU A 535 -27.59 1.67 -26.19
CA LEU A 535 -27.78 3.05 -25.79
C LEU A 535 -26.77 3.91 -26.50
N SER A 536 -27.22 5.03 -27.05
CA SER A 536 -26.33 5.98 -27.68
C SER A 536 -26.79 7.38 -27.32
N GLN A 537 -25.83 8.26 -27.04
CA GLN A 537 -26.11 9.64 -26.68
C GLN A 537 -26.24 10.48 -27.95
N THR A 538 -27.49 10.68 -28.41
CA THR A 538 -27.68 11.34 -29.69
C THR A 538 -27.45 12.83 -29.55
N SER A 539 -27.82 13.41 -28.41
CA SER A 539 -27.43 14.78 -28.11
C SER A 539 -27.14 14.81 -26.62
N GLU A 540 -26.83 16.00 -26.11
CA GLU A 540 -26.44 16.13 -24.71
C GLU A 540 -27.60 16.05 -23.72
N ASN A 541 -28.85 16.18 -24.19
CA ASN A 541 -30.01 15.96 -23.34
C ASN A 541 -30.97 14.92 -23.90
N GLU A 542 -30.54 14.13 -24.88
CA GLU A 542 -31.37 13.11 -25.50
C GLU A 542 -30.58 11.82 -25.61
N VAL A 543 -31.17 10.73 -25.15
CA VAL A 543 -30.51 9.43 -25.18
C VAL A 543 -31.44 8.49 -25.91
N GLU A 544 -30.89 7.71 -26.83
CA GLU A 544 -31.65 6.74 -27.60
C GLU A 544 -31.22 5.34 -27.21
N ILE A 545 -32.19 4.48 -26.97
CA ILE A 545 -31.95 3.07 -26.70
C ILE A 545 -32.57 2.31 -27.88
N LEU A 546 -31.72 1.82 -28.78
CA LEU A 546 -32.21 1.09 -29.94
C LEU A 546 -32.44 -0.36 -29.53
N LEU A 547 -33.71 -0.73 -29.36
CA LEU A 547 -34.06 -2.04 -28.86
C LEU A 547 -33.84 -3.11 -29.94
N SER A 548 -33.70 -4.36 -29.47
CA SER A 548 -33.50 -5.48 -30.38
C SER A 548 -34.78 -5.96 -31.03
N LYS A 549 -35.93 -5.50 -30.56
CA LYS A 549 -37.21 -5.86 -31.17
C LYS A 549 -38.22 -4.76 -30.89
N ASP A 550 -39.40 -4.91 -31.51
CA ASP A 550 -40.49 -3.97 -31.31
C ASP A 550 -41.13 -4.12 -29.94
N ILE A 551 -41.65 -3.02 -29.40
CA ILE A 551 -42.42 -3.03 -28.17
C ILE A 551 -43.76 -2.35 -28.38
N LYS A 552 -44.83 -3.04 -28.01
CA LYS A 552 -46.18 -2.49 -28.11
C LYS A 552 -46.35 -1.33 -27.14
N LYS A 553 -47.20 -0.38 -27.52
CA LYS A 553 -47.45 0.80 -26.70
C LYS A 553 -48.04 0.42 -25.34
N ARG A 554 -48.86 -0.62 -25.29
CA ARG A 554 -49.46 -1.00 -24.00
C ARG A 554 -48.41 -1.50 -23.02
N ASP A 555 -47.34 -2.15 -23.50
CA ASP A 555 -46.31 -2.63 -22.60
C ASP A 555 -45.26 -1.59 -22.26
N PHE A 556 -44.99 -0.65 -23.16
CA PHE A 556 -44.09 0.46 -22.82
C PHE A 556 -44.56 1.20 -21.57
N LYS A 557 -45.88 1.30 -21.37
CA LYS A 557 -46.37 1.94 -20.16
C LYS A 557 -46.12 1.09 -18.92
N ASN A 558 -45.76 -0.18 -19.11
CA ASN A 558 -45.56 -1.10 -18.01
C ASN A 558 -44.10 -1.47 -17.81
N ILE A 559 -43.17 -0.62 -18.25
CA ILE A 559 -41.75 -0.84 -17.96
C ILE A 559 -41.57 -0.67 -16.46
N VAL A 560 -41.04 -1.71 -15.81
CA VAL A 560 -40.81 -1.63 -14.37
C VAL A 560 -39.38 -1.19 -14.05
N LYS A 561 -38.43 -1.51 -14.92
CA LYS A 561 -37.02 -1.35 -14.59
C LYS A 561 -36.26 -1.01 -15.86
N LEU A 562 -35.30 -0.11 -15.73
CA LEU A 562 -34.44 0.29 -16.84
C LEU A 562 -33.00 0.10 -16.35
N ASN A 563 -32.21 -0.59 -17.17
CA ASN A 563 -30.83 -0.95 -16.84
C ASN A 563 -29.91 -0.39 -17.93
N THR A 564 -28.79 0.19 -17.50
CA THR A 564 -27.68 0.50 -18.38
C THR A 564 -26.63 -0.61 -18.31
N ALA A 565 -25.46 -0.36 -18.89
CA ALA A 565 -24.45 -1.42 -18.99
C ALA A 565 -23.98 -1.87 -17.62
N HIS A 566 -23.92 -0.96 -16.65
CA HIS A 566 -23.44 -1.28 -15.32
C HIS A 566 -24.40 -0.89 -14.18
N MET A 567 -25.52 -0.23 -14.46
CA MET A 567 -26.42 0.28 -13.43
C MET A 567 -27.86 -0.13 -13.69
N THR A 568 -28.64 -0.17 -12.60
CA THR A 568 -30.05 -0.49 -12.65
C THR A 568 -30.86 0.60 -11.96
N TYR A 569 -32.03 0.89 -12.51
CA TYR A 569 -32.94 1.91 -12.02
C TYR A 569 -34.33 1.32 -11.93
N SER A 570 -34.83 1.09 -10.72
CA SER A 570 -36.20 0.61 -10.59
C SER A 570 -37.12 1.79 -10.83
N LEU A 571 -38.03 1.64 -11.79
CA LEU A 571 -39.09 2.63 -12.01
C LEU A 571 -40.33 2.37 -11.17
N MET B 1 -5.67 -31.90 57.73
CA MET B 1 -6.33 -31.78 56.43
C MET B 1 -5.42 -31.15 55.39
N LYS B 2 -5.77 -31.32 54.12
CA LYS B 2 -4.99 -30.75 53.03
C LYS B 2 -5.58 -29.48 52.46
N PHE B 3 -6.91 -29.35 52.48
CA PHE B 3 -7.63 -28.21 51.90
C PHE B 3 -8.70 -27.73 52.87
N SER B 4 -9.01 -26.44 52.80
CA SER B 4 -10.05 -25.82 53.63
C SER B 4 -10.87 -24.90 52.73
N VAL B 5 -11.99 -25.43 52.23
CA VAL B 5 -12.88 -24.68 51.35
C VAL B 5 -13.58 -23.61 52.17
N ILE B 6 -13.31 -22.35 51.84
CA ILE B 6 -13.92 -21.20 52.50
C ILE B 6 -15.06 -20.69 51.62
N VAL B 7 -16.26 -20.62 52.18
CA VAL B 7 -17.46 -20.28 51.41
C VAL B 7 -18.19 -19.11 52.07
N PRO B 8 -18.14 -17.92 51.50
CA PRO B 8 -18.95 -16.82 52.03
C PRO B 8 -20.34 -16.76 51.41
N THR B 9 -21.36 -17.10 52.19
CA THR B 9 -22.72 -17.14 51.71
C THR B 9 -23.52 -15.96 52.24
N TYR B 10 -24.49 -15.53 51.45
CA TYR B 10 -25.44 -14.51 51.86
C TYR B 10 -26.65 -14.61 50.95
N ASN B 11 -27.77 -15.11 51.48
CA ASN B 11 -29.01 -15.30 50.73
C ASN B 11 -28.79 -16.15 49.49
N SER B 12 -27.96 -17.20 49.64
CA SER B 12 -27.63 -18.09 48.54
C SER B 12 -28.56 -19.29 48.46
N GLU B 13 -29.81 -19.15 48.92
CA GLU B 13 -30.74 -20.27 48.92
C GLU B 13 -31.01 -20.81 47.53
N LYS B 14 -30.81 -20.00 46.49
CA LYS B 14 -31.21 -20.36 45.14
C LYS B 14 -30.09 -20.97 44.31
N TYR B 15 -28.90 -21.14 44.86
CA TYR B 15 -27.79 -21.61 44.04
C TYR B 15 -26.61 -22.17 44.85
N ILE B 16 -26.75 -22.26 46.18
CA ILE B 16 -25.67 -22.86 46.96
C ILE B 16 -25.66 -24.37 46.80
N THR B 17 -26.78 -24.96 46.38
CA THR B 17 -26.85 -26.41 46.22
C THR B 17 -25.88 -26.89 45.14
N GLU B 18 -25.69 -26.10 44.08
CA GLU B 18 -24.77 -26.51 43.03
C GLU B 18 -23.34 -26.59 43.55
N LEU B 19 -22.96 -25.65 44.42
CA LEU B 19 -21.64 -25.69 45.03
C LEU B 19 -21.51 -26.85 46.00
N LEU B 20 -22.49 -27.02 46.89
CA LEU B 20 -22.45 -28.09 47.87
C LEU B 20 -22.50 -29.47 47.22
N ASN B 21 -23.03 -29.58 46.01
CA ASN B 21 -22.92 -30.85 45.28
C ASN B 21 -21.53 -31.04 44.70
N SER B 22 -20.92 -29.97 44.18
CA SER B 22 -19.57 -30.08 43.62
C SER B 22 -18.54 -30.35 44.70
N LEU B 23 -18.77 -29.87 45.92
CA LEU B 23 -17.85 -30.16 47.02
C LEU B 23 -17.99 -31.60 47.51
N ALA B 24 -19.17 -32.21 47.36
CA ALA B 24 -19.35 -33.60 47.74
C ALA B 24 -18.95 -34.57 46.64
N LYS B 25 -19.10 -34.19 45.38
CA LYS B 25 -18.73 -35.04 44.25
C LYS B 25 -17.22 -35.04 44.00
N GLN B 26 -16.44 -34.44 44.88
CA GLN B 26 -14.99 -34.44 44.72
C GLN B 26 -14.44 -35.85 44.78
N ASP B 27 -13.46 -36.12 43.93
CA ASP B 27 -12.74 -37.41 43.96
C ASP B 27 -11.55 -37.31 44.92
N PHE B 28 -11.87 -36.98 46.16
CA PHE B 28 -10.89 -36.66 47.18
C PHE B 28 -11.34 -37.28 48.51
N PRO B 29 -10.40 -37.74 49.33
CA PRO B 29 -10.78 -38.29 50.64
C PRO B 29 -11.49 -37.24 51.50
N LYS B 30 -12.51 -37.71 52.22
CA LYS B 30 -13.35 -36.80 52.99
C LYS B 30 -12.59 -36.12 54.13
N THR B 31 -11.60 -36.81 54.69
CA THR B 31 -10.85 -36.29 55.83
C THR B 31 -9.72 -35.36 55.44
N GLU B 32 -9.55 -35.05 54.16
CA GLU B 32 -8.48 -34.14 53.72
C GLU B 32 -8.96 -32.73 53.45
N PHE B 33 -10.26 -32.50 53.32
CA PHE B 33 -10.78 -31.16 53.08
C PHE B 33 -12.00 -30.91 53.95
N GLU B 34 -12.15 -29.66 54.38
CA GLU B 34 -13.30 -29.23 55.15
C GLU B 34 -13.92 -28.01 54.47
N VAL B 35 -15.23 -27.86 54.64
CA VAL B 35 -15.96 -26.74 54.05
C VAL B 35 -16.33 -25.81 55.19
N VAL B 36 -15.62 -24.69 55.30
CA VAL B 36 -15.86 -23.70 56.35
C VAL B 36 -16.81 -22.66 55.77
N VAL B 37 -18.10 -22.81 56.07
CA VAL B 37 -19.14 -21.92 55.57
C VAL B 37 -19.42 -20.86 56.63
N VAL B 38 -19.24 -19.60 56.26
CA VAL B 38 -19.54 -18.47 57.14
C VAL B 38 -20.61 -17.63 56.45
N ASP B 39 -21.82 -17.64 57.02
CA ASP B 39 -22.93 -16.89 56.46
C ASP B 39 -22.85 -15.43 56.91
N ASP B 40 -23.18 -14.52 56.00
CA ASP B 40 -23.15 -13.09 56.30
C ASP B 40 -24.50 -12.58 56.80
N CYS B 41 -25.14 -13.36 57.68
CA CYS B 41 -26.49 -13.08 58.19
C CYS B 41 -27.49 -13.04 57.04
N SER B 42 -27.95 -14.21 56.58
CA SER B 42 -28.92 -14.27 55.51
C SER B 42 -30.32 -13.97 56.01
N THR B 43 -31.21 -13.66 55.08
CA THR B 43 -32.61 -13.41 55.38
C THR B 43 -33.50 -14.61 55.08
N ASP B 44 -32.98 -15.61 54.36
CA ASP B 44 -33.80 -16.73 53.92
C ASP B 44 -33.38 -18.04 54.58
N GLN B 45 -33.41 -19.12 53.82
CA GLN B 45 -33.11 -20.45 54.30
C GLN B 45 -31.79 -20.97 53.73
N THR B 46 -30.80 -20.07 53.58
CA THR B 46 -29.52 -20.47 53.01
C THR B 46 -28.80 -21.46 53.91
N LEU B 47 -28.82 -21.22 55.22
CA LEU B 47 -28.11 -22.10 56.15
C LEU B 47 -28.77 -23.46 56.26
N GLN B 48 -30.10 -23.53 56.14
CA GLN B 48 -30.79 -24.81 56.20
C GLN B 48 -30.37 -25.73 55.06
N ILE B 49 -29.89 -25.17 53.96
CA ILE B 49 -29.38 -25.99 52.86
C ILE B 49 -27.97 -26.49 53.16
N VAL B 50 -27.15 -25.65 53.79
CA VAL B 50 -25.78 -26.06 54.10
C VAL B 50 -25.77 -27.20 55.10
N GLU B 51 -26.66 -27.13 56.10
CA GLU B 51 -26.69 -28.14 57.15
C GLU B 51 -26.96 -29.53 56.60
N LYS B 52 -27.67 -29.65 55.50
CA LYS B 52 -27.96 -30.98 54.96
C LYS B 52 -26.78 -31.56 54.18
N TYR B 53 -25.58 -31.00 54.35
CA TYR B 53 -24.36 -31.55 53.77
C TYR B 53 -23.32 -31.86 54.85
N ARG B 54 -23.75 -31.89 56.12
CA ARG B 54 -22.85 -32.17 57.22
C ARG B 54 -22.51 -33.65 57.34
N ASN B 55 -23.32 -34.53 56.74
CA ASN B 55 -23.05 -35.96 56.77
C ASN B 55 -22.17 -36.42 55.61
N LYS B 56 -22.07 -35.62 54.56
CA LYS B 56 -21.19 -35.94 53.44
C LYS B 56 -19.88 -35.15 53.47
N LEU B 57 -19.82 -34.09 54.27
CA LEU B 57 -18.65 -33.23 54.33
C LEU B 57 -18.37 -32.83 55.76
N ASN B 58 -17.10 -32.57 56.06
CA ASN B 58 -16.72 -32.04 57.37
C ASN B 58 -17.01 -30.55 57.37
N LEU B 59 -18.19 -30.19 57.83
CA LEU B 59 -18.75 -28.86 57.64
C LEU B 59 -18.49 -27.98 58.84
N LYS B 60 -18.22 -26.69 58.57
CA LYS B 60 -18.04 -25.67 59.60
C LYS B 60 -19.01 -24.53 59.31
N VAL B 61 -20.01 -24.34 60.17
CA VAL B 61 -21.07 -23.37 59.96
C VAL B 61 -20.90 -22.24 60.96
N SER B 62 -21.04 -21.00 60.49
CA SER B 62 -21.01 -19.81 61.33
C SER B 62 -21.87 -18.74 60.68
N GLN B 63 -22.12 -17.67 61.43
CA GLN B 63 -22.93 -16.57 60.93
C GLN B 63 -22.61 -15.31 61.72
N LEU B 64 -22.31 -14.23 61.02
CA LEU B 64 -21.95 -12.99 61.67
C LEU B 64 -23.18 -12.36 62.34
N GLU B 65 -22.92 -11.38 63.21
CA GLU B 65 -24.01 -10.72 63.94
C GLU B 65 -24.84 -9.84 63.02
N THR B 66 -24.22 -9.26 61.99
CA THR B 66 -24.96 -8.45 61.03
C THR B 66 -24.28 -8.59 59.67
N ASN B 67 -24.99 -8.17 58.64
CA ASN B 67 -24.46 -8.25 57.29
C ASN B 67 -23.30 -7.28 57.11
N SER B 68 -22.14 -7.80 56.69
CA SER B 68 -20.95 -6.96 56.55
C SER B 68 -20.96 -6.12 55.28
N GLY B 69 -21.67 -6.58 54.24
CA GLY B 69 -21.70 -5.89 52.97
C GLY B 69 -20.83 -6.49 51.88
N GLY B 70 -20.57 -7.79 51.94
CA GLY B 70 -19.75 -8.47 50.97
C GLY B 70 -19.04 -9.65 51.58
N PRO B 71 -18.34 -10.43 50.76
CA PRO B 71 -17.54 -11.54 51.26
C PRO B 71 -16.28 -11.14 52.01
N GLY B 72 -16.04 -9.85 52.25
CA GLY B 72 -14.84 -9.40 52.93
C GLY B 72 -14.59 -9.99 54.31
N LYS B 73 -15.48 -9.68 55.26
CA LYS B 73 -15.34 -10.18 56.63
C LYS B 73 -15.58 -11.69 56.74
N PRO B 74 -16.59 -12.27 56.08
CA PRO B 74 -16.78 -13.72 56.20
C PRO B 74 -15.60 -14.55 55.74
N ARG B 75 -14.75 -14.01 54.85
CA ARG B 75 -13.58 -14.76 54.41
C ARG B 75 -12.48 -14.80 55.46
N ASN B 76 -12.38 -13.77 56.29
CA ASN B 76 -11.38 -13.77 57.35
C ASN B 76 -11.84 -14.61 58.55
N VAL B 77 -13.14 -14.59 58.84
CA VAL B 77 -13.64 -15.40 59.95
C VAL B 77 -13.47 -16.87 59.65
N ALA B 78 -13.66 -17.25 58.39
CA ALA B 78 -13.41 -18.64 58.00
C ALA B 78 -11.93 -18.97 57.94
N LEU B 79 -11.06 -17.94 57.86
CA LEU B 79 -9.62 -18.20 57.78
C LEU B 79 -9.05 -18.60 59.14
N LYS B 80 -9.56 -18.00 60.22
CA LYS B 80 -9.14 -18.42 61.56
C LYS B 80 -9.69 -19.81 61.91
N GLN B 81 -10.89 -20.13 61.42
CA GLN B 81 -11.48 -21.44 61.65
C GLN B 81 -10.87 -22.53 60.78
N ALA B 82 -10.29 -22.17 59.65
CA ALA B 82 -9.72 -23.15 58.73
C ALA B 82 -8.47 -23.77 59.34
N GLU B 83 -8.49 -25.09 59.53
CA GLU B 83 -7.36 -25.80 60.11
C GLU B 83 -6.63 -26.67 59.10
N GLY B 84 -7.12 -26.76 57.87
CA GLY B 84 -6.43 -27.52 56.86
C GLY B 84 -5.14 -26.85 56.43
N GLU B 85 -4.32 -27.61 55.72
CA GLU B 85 -3.00 -27.10 55.33
C GLU B 85 -3.11 -25.99 54.30
N PHE B 86 -4.13 -26.05 53.45
CA PHE B 86 -4.32 -25.06 52.39
C PHE B 86 -5.76 -24.57 52.39
N VAL B 87 -5.95 -23.35 51.91
CA VAL B 87 -7.27 -22.74 51.83
C VAL B 87 -7.68 -22.63 50.37
N LEU B 88 -8.98 -22.49 50.17
CA LEU B 88 -9.57 -22.38 48.83
C LEU B 88 -10.80 -21.50 48.95
N PHE B 89 -10.72 -20.29 48.39
CA PHE B 89 -11.83 -19.35 48.45
C PHE B 89 -12.75 -19.61 47.25
N VAL B 90 -13.95 -20.10 47.54
CA VAL B 90 -14.96 -20.36 46.51
C VAL B 90 -16.21 -19.58 46.87
N ASP B 91 -16.67 -18.74 45.95
CA ASP B 91 -17.85 -17.91 46.18
C ASP B 91 -19.09 -18.78 46.32
N SER B 92 -20.13 -18.22 46.95
CA SER B 92 -21.37 -18.96 47.14
C SER B 92 -22.17 -19.11 45.85
N ASP B 93 -21.81 -18.37 44.79
CA ASP B 93 -22.51 -18.46 43.52
C ASP B 93 -21.78 -19.32 42.49
N ASP B 94 -20.59 -19.80 42.79
CA ASP B 94 -19.80 -20.57 41.84
C ASP B 94 -19.68 -22.01 42.31
N TYR B 95 -18.94 -22.81 41.54
CA TYR B 95 -18.69 -24.20 41.91
C TYR B 95 -17.45 -24.70 41.15
N ILE B 96 -16.88 -25.80 41.66
CA ILE B 96 -15.62 -26.34 41.15
C ILE B 96 -15.79 -27.72 40.52
N ASN B 97 -14.72 -28.23 39.94
CA ASN B 97 -14.73 -29.47 39.17
C ASN B 97 -14.62 -30.68 40.11
N LYS B 98 -14.98 -31.85 39.57
CA LYS B 98 -14.90 -33.09 40.34
C LYS B 98 -13.46 -33.39 40.77
N GLU B 99 -12.49 -33.14 39.89
CA GLU B 99 -11.09 -33.44 40.14
C GLU B 99 -10.29 -32.21 40.54
N THR B 100 -10.95 -31.22 41.14
CA THR B 100 -10.27 -30.00 41.56
C THR B 100 -9.25 -30.32 42.65
N LEU B 101 -9.74 -30.77 43.80
CA LEU B 101 -8.82 -31.06 44.91
C LEU B 101 -7.85 -32.18 44.53
N LYS B 102 -8.34 -33.18 43.81
CA LYS B 102 -7.50 -34.34 43.48
C LYS B 102 -6.31 -33.93 42.62
N ASP B 103 -6.54 -33.10 41.61
CA ASP B 103 -5.44 -32.64 40.79
C ASP B 103 -4.67 -31.50 41.44
N ALA B 104 -5.17 -30.96 42.55
CA ALA B 104 -4.45 -29.88 43.20
C ALA B 104 -3.43 -30.43 44.18
N ALA B 105 -3.84 -31.42 44.97
CA ALA B 105 -2.93 -32.01 45.95
C ALA B 105 -1.77 -32.70 45.27
N ALA B 106 -2.05 -33.47 44.21
CA ALA B 106 -0.99 -34.15 43.48
C ALA B 106 -0.01 -33.15 42.88
N PHE B 107 -0.51 -32.00 42.44
CA PHE B 107 0.38 -30.99 41.86
C PHE B 107 1.16 -30.24 42.94
N ILE B 108 0.52 -29.96 44.08
CA ILE B 108 1.26 -29.33 45.17
C ILE B 108 2.32 -30.28 45.73
N ASP B 109 1.99 -31.57 45.85
CA ASP B 109 2.96 -32.53 46.33
C ASP B 109 4.13 -32.71 45.37
N GLU B 110 4.00 -32.27 44.13
CA GLU B 110 5.06 -32.39 43.15
C GLU B 110 5.87 -31.12 42.94
N HIS B 111 5.46 -29.99 43.52
CA HIS B 111 6.23 -28.76 43.37
C HIS B 111 6.25 -27.89 44.63
N HIS B 112 5.43 -28.21 45.63
CA HIS B 112 5.37 -27.47 46.89
C HIS B 112 5.08 -25.99 46.63
N SER B 113 3.88 -25.75 46.09
CA SER B 113 3.47 -24.43 45.65
C SER B 113 2.81 -23.66 46.78
N ASP B 114 3.11 -22.36 46.85
CA ASP B 114 2.52 -21.51 47.87
C ASP B 114 1.23 -20.85 47.39
N VAL B 115 1.13 -20.55 46.09
CA VAL B 115 -0.10 -20.00 45.49
C VAL B 115 -0.36 -20.77 44.20
N LEU B 116 -1.45 -21.53 44.17
CA LEU B 116 -1.84 -22.31 43.00
C LEU B 116 -3.00 -21.63 42.28
N LEU B 117 -2.88 -21.51 40.96
CA LEU B 117 -3.88 -20.86 40.13
C LEU B 117 -4.56 -21.92 39.27
N ILE B 118 -5.79 -22.27 39.64
CA ILE B 118 -6.58 -23.20 38.85
C ILE B 118 -7.26 -22.44 37.71
N LYS B 119 -7.39 -23.12 36.57
CA LYS B 119 -7.98 -22.51 35.39
C LYS B 119 -9.46 -22.24 35.61
N MET B 120 -9.84 -20.97 35.52
CA MET B 120 -11.23 -20.55 35.63
C MET B 120 -11.92 -20.55 34.29
N LYS B 121 -13.18 -20.99 34.29
CA LYS B 121 -14.02 -21.04 33.12
C LYS B 121 -15.38 -20.51 33.51
N GLY B 122 -15.92 -19.61 32.69
CA GLY B 122 -17.15 -18.94 33.01
C GLY B 122 -18.36 -19.65 32.44
N VAL B 123 -19.46 -19.58 33.18
CA VAL B 123 -20.75 -20.05 32.71
C VAL B 123 -21.67 -18.84 32.54
N ASN B 124 -22.74 -19.05 31.78
CA ASN B 124 -23.72 -18.02 31.41
C ASN B 124 -23.05 -16.71 31.00
N GLY B 125 -21.90 -16.80 30.34
CA GLY B 125 -21.18 -15.62 29.91
C GLY B 125 -20.56 -14.85 31.05
N ARG B 126 -19.43 -15.35 31.55
CA ARG B 126 -18.75 -14.71 32.66
C ARG B 126 -17.26 -14.75 32.41
N GLY B 127 -16.63 -13.58 32.43
CA GLY B 127 -15.17 -13.51 32.41
C GLY B 127 -14.66 -13.08 33.77
N VAL B 128 -13.71 -13.78 34.43
CA VAL B 128 -12.98 -14.98 34.00
C VAL B 128 -12.03 -14.70 32.82
N PRO B 129 -10.78 -14.38 33.14
CA PRO B 129 -9.78 -14.13 32.10
C PRO B 129 -9.20 -15.44 31.58
N GLN B 130 -8.34 -15.33 30.57
CA GLN B 130 -7.76 -16.50 29.94
C GLN B 130 -6.28 -16.39 29.61
N SER B 131 -5.65 -15.21 29.75
CA SER B 131 -4.28 -15.03 29.28
C SER B 131 -3.27 -15.86 30.07
N MET B 132 -3.49 -16.05 31.38
CA MET B 132 -2.50 -16.69 32.21
C MET B 132 -2.68 -18.20 32.33
N PHE B 133 -3.82 -18.75 31.90
CA PHE B 133 -4.10 -20.18 32.02
C PHE B 133 -3.92 -20.94 30.71
N LYS B 134 -3.03 -20.46 29.84
CA LYS B 134 -2.75 -21.16 28.60
C LYS B 134 -1.84 -22.36 28.78
N GLU B 135 -1.20 -22.50 29.95
CA GLU B 135 -0.22 -23.55 30.16
C GLU B 135 -0.20 -23.94 31.62
N THR B 136 0.24 -25.16 31.89
CA THR B 136 0.41 -25.66 33.26
C THR B 136 1.88 -25.46 33.62
N ALA B 137 2.18 -24.43 34.41
CA ALA B 137 3.55 -24.10 34.77
C ALA B 137 3.80 -24.40 36.24
N PRO B 138 4.91 -25.06 36.59
CA PRO B 138 5.21 -25.31 38.01
C PRO B 138 5.64 -24.08 38.78
N GLU B 139 6.22 -23.07 38.14
CA GLU B 139 6.70 -21.88 38.84
C GLU B 139 6.66 -20.68 37.91
N VAL B 140 6.03 -19.60 38.37
CA VAL B 140 5.93 -18.35 37.61
C VAL B 140 6.00 -17.17 38.59
N THR B 141 6.51 -16.05 38.09
CA THR B 141 6.65 -14.83 38.87
C THR B 141 5.78 -13.73 38.27
N LEU B 142 5.79 -12.58 38.93
CA LEU B 142 4.94 -11.45 38.55
C LEU B 142 5.49 -10.65 37.38
N LEU B 143 6.49 -11.17 36.65
CA LEU B 143 7.06 -10.45 35.53
C LEU B 143 7.27 -11.31 34.30
N ASN B 144 7.27 -12.64 34.43
CA ASN B 144 7.34 -13.53 33.29
C ASN B 144 6.02 -14.27 33.07
N SER B 145 4.92 -13.72 33.58
CA SER B 145 3.63 -14.38 33.50
C SER B 145 2.54 -13.34 33.63
N ARG B 146 1.30 -13.77 33.35
CA ARG B 146 0.13 -12.92 33.42
C ARG B 146 -0.67 -13.15 34.70
N ILE B 147 -0.01 -13.63 35.76
CA ILE B 147 -0.71 -13.88 37.01
C ILE B 147 -1.17 -12.59 37.67
N ILE B 148 -0.53 -11.46 37.35
CA ILE B 148 -0.99 -10.19 37.86
C ILE B 148 -2.31 -9.79 37.23
N TYR B 149 -2.64 -10.37 36.07
CA TYR B 149 -3.91 -10.12 35.40
C TYR B 149 -5.06 -10.95 35.98
N THR B 150 -4.90 -11.48 37.18
CA THR B 150 -5.99 -12.13 37.89
C THR B 150 -5.70 -12.03 39.38
N LEU B 151 -6.48 -11.21 40.07
CA LEU B 151 -6.26 -10.98 41.49
C LEU B 151 -7.42 -11.51 42.33
N SER B 152 -8.31 -12.29 41.73
CA SER B 152 -9.44 -12.84 42.46
C SER B 152 -8.98 -13.83 43.51
N PRO B 153 -9.67 -13.90 44.66
CA PRO B 153 -9.25 -14.84 45.71
C PRO B 153 -9.53 -16.29 45.36
N THR B 154 -10.23 -16.56 44.26
CA THR B 154 -10.55 -17.93 43.87
C THR B 154 -9.30 -18.70 43.45
N LYS B 155 -8.37 -18.88 44.38
CA LYS B 155 -7.13 -19.60 44.13
C LYS B 155 -6.84 -20.49 45.33
N ILE B 156 -5.70 -21.14 45.32
CA ILE B 156 -5.28 -22.02 46.40
C ILE B 156 -4.06 -21.38 47.05
N TYR B 157 -4.23 -20.89 48.27
CA TYR B 157 -3.16 -20.26 49.04
C TYR B 157 -2.75 -21.16 50.19
N ARG B 158 -1.48 -21.04 50.60
CA ARG B 158 -0.98 -21.78 51.74
C ARG B 158 -1.39 -21.10 53.03
N THR B 159 -2.04 -21.85 53.92
CA THR B 159 -2.52 -21.28 55.18
C THR B 159 -1.40 -20.56 55.93
N ALA B 160 -0.18 -21.09 55.85
CA ALA B 160 0.96 -20.45 56.50
C ALA B 160 1.37 -19.17 55.77
N LEU B 161 1.26 -19.17 54.44
CA LEU B 161 1.65 -17.99 53.69
C LEU B 161 0.77 -16.80 54.04
N LEU B 162 -0.50 -17.04 54.30
CA LEU B 162 -1.41 -15.95 54.63
C LEU B 162 -1.31 -15.56 56.09
N LYS B 163 -1.25 -16.55 56.99
CA LYS B 163 -1.29 -16.23 58.41
C LYS B 163 0.03 -15.64 58.89
N ASP B 164 1.17 -16.24 58.51
CA ASP B 164 2.48 -15.79 58.98
C ASP B 164 2.87 -14.42 58.44
N ASN B 165 2.10 -13.87 57.51
CA ASN B 165 2.36 -12.53 56.99
C ASN B 165 1.21 -11.57 57.27
N ASP B 166 0.21 -11.99 58.06
CA ASP B 166 -0.97 -11.17 58.35
C ASP B 166 -1.68 -10.76 57.05
N ILE B 167 -1.86 -11.74 56.17
CA ILE B 167 -2.53 -11.55 54.89
C ILE B 167 -4.00 -11.88 55.09
N TYR B 168 -4.80 -10.84 55.32
CA TYR B 168 -6.24 -10.97 55.48
C TYR B 168 -6.93 -9.96 54.58
N PHE B 169 -8.17 -10.29 54.21
CA PHE B 169 -8.94 -9.37 53.39
C PHE B 169 -9.29 -8.13 54.20
N PRO B 170 -8.99 -6.93 53.71
CA PRO B 170 -9.35 -5.72 54.44
C PRO B 170 -10.86 -5.58 54.53
N GLU B 171 -11.34 -5.33 55.76
CA GLU B 171 -12.78 -5.31 55.99
C GLU B 171 -13.38 -3.94 55.70
N GLU B 172 -12.68 -2.87 56.06
CA GLU B 172 -13.23 -1.51 55.96
C GLU B 172 -13.31 -0.99 54.53
N LEU B 173 -12.80 -1.72 53.55
CA LEU B 173 -12.80 -1.32 52.14
C LEU B 173 -13.52 -2.38 51.33
N LYS B 174 -14.68 -2.01 50.79
CA LYS B 174 -15.53 -2.96 50.08
C LYS B 174 -15.23 -3.06 48.59
N SER B 175 -14.55 -2.06 48.02
CA SER B 175 -14.23 -2.05 46.59
C SER B 175 -12.87 -2.72 46.37
N ALA B 176 -12.87 -3.82 45.63
CA ALA B 176 -11.64 -4.50 45.22
C ALA B 176 -10.76 -4.88 46.42
N GLU B 177 -11.39 -5.28 47.52
CA GLU B 177 -10.64 -5.72 48.69
C GLU B 177 -9.90 -7.03 48.43
N ASP B 178 -10.21 -7.71 47.33
CA ASP B 178 -9.59 -9.00 47.00
C ASP B 178 -8.34 -8.86 46.16
N GLN B 179 -8.02 -7.65 45.68
CA GLN B 179 -6.79 -7.48 44.91
C GLN B 179 -5.59 -7.27 45.83
N LEU B 180 -5.77 -6.58 46.96
CA LEU B 180 -4.70 -6.46 47.95
C LEU B 180 -4.38 -7.80 48.57
N PHE B 181 -5.38 -8.67 48.69
CA PHE B 181 -5.15 -10.00 49.23
C PHE B 181 -4.23 -10.81 48.33
N THR B 182 -4.54 -10.88 47.02
CA THR B 182 -3.72 -11.71 46.14
C THR B 182 -2.35 -11.09 45.89
N MET B 183 -2.25 -9.76 45.91
CA MET B 183 -0.94 -9.13 45.73
C MET B 183 -0.08 -9.31 46.97
N LYS B 184 -0.66 -9.26 48.17
CA LYS B 184 0.09 -9.60 49.36
C LYS B 184 0.59 -11.04 49.30
N ALA B 185 -0.26 -11.96 48.83
CA ALA B 185 0.14 -13.35 48.69
C ALA B 185 1.03 -13.59 47.47
N TYR B 186 0.98 -12.71 46.46
CA TYR B 186 1.86 -12.88 45.31
C TYR B 186 3.30 -12.51 45.64
N LEU B 187 3.49 -11.40 46.34
CA LEU B 187 4.84 -10.95 46.66
C LEU B 187 5.47 -11.82 47.73
N ASN B 188 4.70 -12.21 48.75
CA ASN B 188 5.24 -12.98 49.86
C ASN B 188 5.41 -14.46 49.53
N ALA B 189 4.95 -14.91 48.37
CA ALA B 189 5.07 -16.32 48.01
C ALA B 189 6.47 -16.61 47.46
N ASN B 190 7.07 -17.71 47.93
CA ASN B 190 8.35 -18.15 47.38
C ASN B 190 8.18 -18.90 46.06
N ARG B 191 7.00 -19.43 45.80
CA ARG B 191 6.75 -20.16 44.55
C ARG B 191 5.29 -20.03 44.19
N ILE B 192 5.02 -19.74 42.92
CA ILE B 192 3.67 -19.56 42.41
C ILE B 192 3.49 -20.49 41.22
N SER B 193 2.49 -21.36 41.30
CA SER B 193 2.22 -22.33 40.24
C SER B 193 0.86 -22.05 39.60
N VAL B 194 0.65 -22.64 38.42
CA VAL B 194 -0.55 -22.44 37.63
C VAL B 194 -0.96 -23.78 37.03
N LEU B 195 -2.15 -24.26 37.40
CA LEU B 195 -2.64 -25.56 36.95
C LEU B 195 -3.75 -25.36 35.93
N SER B 196 -3.47 -25.67 34.66
CA SER B 196 -4.43 -25.48 33.58
C SER B 196 -4.59 -26.76 32.78
N ASP B 197 -4.56 -27.90 33.45
CA ASP B 197 -4.77 -29.17 32.77
C ASP B 197 -6.21 -29.34 32.33
N LYS B 198 -7.15 -28.66 32.98
CA LYS B 198 -8.57 -28.77 32.66
C LYS B 198 -9.29 -27.57 33.27
N ALA B 199 -10.61 -27.54 33.09
CA ALA B 199 -11.44 -26.49 33.69
C ALA B 199 -11.75 -26.85 35.14
N TYR B 200 -11.24 -26.06 36.08
CA TYR B 200 -11.42 -26.35 37.50
C TYR B 200 -12.48 -25.47 38.15
N TYR B 201 -12.45 -24.17 37.91
CA TYR B 201 -13.38 -23.23 38.55
C TYR B 201 -14.45 -22.78 37.56
N TYR B 202 -15.71 -22.85 37.98
CA TYR B 202 -16.84 -22.43 37.17
C TYR B 202 -17.48 -21.22 37.85
N ALA B 203 -17.08 -20.03 37.43
CA ALA B 203 -17.62 -18.80 38.00
C ALA B 203 -18.95 -18.45 37.34
N THR B 204 -19.88 -17.95 38.14
CA THR B 204 -21.20 -17.58 37.63
C THR B 204 -21.39 -16.06 37.56
N VAL B 216 -21.09 4.14 44.08
CA VAL B 216 -20.36 4.21 45.34
C VAL B 216 -19.18 5.16 45.21
N SER B 217 -18.74 5.72 46.34
CA SER B 217 -17.58 6.60 46.38
C SER B 217 -16.31 5.81 46.10
N PRO B 218 -15.40 6.38 45.32
CA PRO B 218 -14.10 5.75 45.06
C PRO B 218 -13.05 6.00 46.14
N GLU B 219 -13.41 6.59 47.28
CA GLU B 219 -12.44 6.79 48.34
C GLU B 219 -11.96 5.46 48.90
N ASP B 220 -12.85 4.47 48.98
CA ASP B 220 -12.45 3.14 49.39
C ASP B 220 -11.82 2.35 48.25
N PHE B 221 -12.05 2.76 47.00
CA PHE B 221 -11.50 2.03 45.86
C PHE B 221 -10.01 2.29 45.73
N TYR B 222 -9.64 3.54 45.43
CA TYR B 222 -8.23 3.88 45.24
C TYR B 222 -7.41 3.75 46.51
N GLU B 223 -8.05 3.63 47.67
CA GLU B 223 -7.30 3.38 48.91
C GLU B 223 -6.68 1.99 48.89
N VAL B 224 -7.39 1.00 48.34
CA VAL B 224 -6.81 -0.32 48.16
C VAL B 224 -5.64 -0.25 47.19
N MET B 225 -5.84 0.42 46.06
CA MET B 225 -4.77 0.60 45.09
C MET B 225 -3.55 1.26 45.71
N ARG B 226 -3.75 2.15 46.68
CA ARG B 226 -2.62 2.78 47.36
C ARG B 226 -1.85 1.76 48.19
N LEU B 227 -2.56 0.91 48.95
CA LEU B 227 -1.89 -0.10 49.75
C LEU B 227 -1.17 -1.12 48.87
N ILE B 228 -1.57 -1.26 47.61
CA ILE B 228 -0.87 -2.19 46.71
C ILE B 228 0.47 -1.59 46.29
N ALA B 229 0.46 -0.31 45.90
CA ALA B 229 1.70 0.33 45.46
C ALA B 229 2.73 0.35 46.57
N VAL B 230 2.30 0.65 47.79
CA VAL B 230 3.21 0.65 48.93
C VAL B 230 3.66 -0.78 49.24
N GLU B 231 2.74 -1.74 49.13
CA GLU B 231 3.11 -3.13 49.31
C GLU B 231 4.12 -3.59 48.27
N ILE B 232 4.06 -3.01 47.06
CA ILE B 232 5.02 -3.37 46.02
C ILE B 232 6.39 -2.79 46.32
N LEU B 233 6.44 -1.54 46.79
CA LEU B 233 7.71 -0.89 47.07
C LEU B 233 8.35 -1.43 48.35
N ASN B 234 7.58 -2.07 49.23
CA ASN B 234 8.10 -2.62 50.48
C ASN B 234 8.21 -4.13 50.46
N ALA B 235 8.35 -4.72 49.28
CA ALA B 235 8.51 -6.17 49.15
C ALA B 235 9.98 -6.54 49.25
N ASP B 236 10.22 -7.83 49.48
CA ASP B 236 11.59 -8.35 49.61
C ASP B 236 12.08 -8.86 48.26
N LEU B 237 12.10 -7.96 47.28
CA LEU B 237 12.62 -8.23 45.96
C LEU B 237 13.61 -7.12 45.57
N GLU B 238 14.22 -7.28 44.41
CA GLU B 238 15.14 -6.27 43.91
C GLU B 238 14.40 -4.98 43.60
N GLU B 239 15.12 -3.86 43.68
CA GLU B 239 14.51 -2.55 43.43
C GLU B 239 14.02 -2.43 42.00
N ALA B 240 14.75 -3.00 41.05
CA ALA B 240 14.31 -2.99 39.66
C ALA B 240 13.04 -3.82 39.48
N HIS B 241 12.97 -4.98 40.13
CA HIS B 241 11.77 -5.82 40.06
C HIS B 241 10.58 -5.17 40.75
N LYS B 242 10.82 -4.26 41.71
CA LYS B 242 9.72 -3.54 42.34
C LYS B 242 9.04 -2.60 41.35
N ASP B 243 9.83 -1.78 40.67
CA ASP B 243 9.26 -0.80 39.73
C ASP B 243 8.62 -1.49 38.54
N GLN B 244 9.06 -2.69 38.18
CA GLN B 244 8.46 -3.40 37.05
C GLN B 244 7.13 -4.02 37.44
N ILE B 245 7.05 -4.62 38.63
CA ILE B 245 5.78 -5.14 39.10
C ILE B 245 4.80 -4.00 39.33
N LEU B 246 5.29 -2.86 39.82
CA LEU B 246 4.42 -1.70 39.96
C LEU B 246 3.95 -1.20 38.60
N ALA B 247 4.78 -1.33 37.56
CA ALA B 247 4.40 -0.83 36.25
C ALA B 247 3.33 -1.69 35.62
N GLU B 248 3.53 -3.01 35.59
CA GLU B 248 2.53 -3.91 35.03
C GLU B 248 1.21 -3.81 35.77
N PHE B 249 1.24 -3.51 37.07
CA PHE B 249 0.00 -3.24 37.77
C PHE B 249 -0.69 -2.00 37.23
N LEU B 250 0.09 -0.95 36.94
CA LEU B 250 -0.48 0.23 36.32
C LEU B 250 -0.96 -0.05 34.90
N ASN B 251 -0.32 -1.00 34.21
CA ASN B 251 -0.74 -1.35 32.86
C ASN B 251 -2.06 -2.08 32.84
N ARG B 252 -2.42 -2.74 33.94
CA ARG B 252 -3.70 -3.42 34.02
C ARG B 252 -4.77 -2.54 34.67
N HIS B 253 -4.40 -1.76 35.68
CA HIS B 253 -5.36 -0.89 36.34
C HIS B 253 -5.92 0.14 35.36
N PHE B 254 -5.04 0.92 34.73
CA PHE B 254 -5.49 1.98 33.84
C PHE B 254 -6.12 1.47 32.56
N SER B 255 -6.06 0.17 32.29
CA SER B 255 -6.62 -0.39 31.07
C SER B 255 -7.91 -1.16 31.27
N PHE B 256 -8.13 -1.74 32.44
CA PHE B 256 -9.30 -2.59 32.65
C PHE B 256 -10.20 -2.16 33.80
N SER B 257 -9.67 -1.47 34.80
CA SER B 257 -10.47 -1.08 35.95
C SER B 257 -11.29 0.17 35.61
N ARG B 258 -11.88 0.79 36.63
CA ARG B 258 -12.74 1.94 36.43
C ARG B 258 -11.97 3.21 36.06
N THR B 259 -10.65 3.20 36.15
CA THR B 259 -9.88 4.38 35.79
C THR B 259 -9.86 4.58 34.27
N ASN B 260 -10.00 3.50 33.51
CA ASN B 260 -9.99 3.58 32.06
C ASN B 260 -11.13 4.47 31.55
N GLY B 261 -10.84 5.75 31.36
CA GLY B 261 -11.83 6.67 30.82
C GLY B 261 -12.87 7.13 31.79
N PHE B 262 -12.52 7.32 33.07
CA PHE B 262 -13.51 7.78 34.04
C PHE B 262 -13.95 9.21 33.76
N SER B 263 -13.05 10.06 33.25
CA SER B 263 -13.40 11.45 32.95
C SER B 263 -14.42 11.56 31.82
N LEU B 264 -14.59 10.50 31.03
CA LEU B 264 -15.57 10.45 29.95
C LEU B 264 -16.90 9.88 30.41
N LYS B 265 -16.98 9.35 31.62
CA LYS B 265 -18.21 8.75 32.14
C LYS B 265 -18.71 9.42 33.41
N VAL B 266 -17.81 9.69 34.36
CA VAL B 266 -18.21 10.24 35.66
C VAL B 266 -18.76 11.65 35.48
N LYS B 267 -19.79 11.97 36.24
CA LYS B 267 -20.36 13.32 36.21
C LYS B 267 -19.30 14.35 36.58
N LEU B 268 -19.44 15.55 36.01
CA LEU B 268 -18.45 16.59 36.22
C LEU B 268 -18.42 17.06 37.68
N GLU B 269 -19.55 16.97 38.39
CA GLU B 269 -19.57 17.36 39.80
C GLU B 269 -18.85 16.36 40.70
N GLU B 270 -18.49 15.19 40.18
CA GLU B 270 -17.82 14.16 40.96
C GLU B 270 -16.42 13.84 40.46
N GLN B 271 -16.00 14.42 39.34
CA GLN B 271 -14.67 14.19 38.81
C GLN B 271 -13.56 14.78 39.68
N PRO B 272 -13.77 15.95 40.32
CA PRO B 272 -12.78 16.39 41.32
C PRO B 272 -12.61 15.39 42.45
N GLN B 273 -13.68 14.71 42.87
CA GLN B 273 -13.54 13.65 43.87
C GLN B 273 -12.69 12.50 43.32
N TRP B 274 -12.82 12.21 42.02
CA TRP B 274 -12.06 11.12 41.42
C TRP B 274 -10.60 11.50 41.24
N ILE B 275 -10.33 12.73 40.80
CA ILE B 275 -8.96 13.15 40.56
C ILE B 275 -8.18 13.30 41.86
N ASN B 276 -8.86 13.41 43.00
CA ASN B 276 -8.17 13.49 44.28
C ASN B 276 -7.82 12.12 44.82
N ALA B 277 -8.74 11.16 44.71
CA ALA B 277 -8.48 9.81 45.18
C ALA B 277 -7.45 9.10 44.29
N LEU B 278 -7.62 9.23 42.97
CA LEU B 278 -6.64 8.66 42.05
C LEU B 278 -5.28 9.31 42.19
N GLY B 279 -5.24 10.56 42.63
CA GLY B 279 -3.96 11.24 42.79
C GLY B 279 -3.11 10.62 43.88
N ASP B 280 -3.68 10.45 45.08
CA ASP B 280 -2.93 9.88 46.19
C ASP B 280 -2.45 8.47 45.89
N PHE B 281 -3.11 7.77 44.97
CA PHE B 281 -2.61 6.48 44.52
C PHE B 281 -1.46 6.63 43.54
N ILE B 282 -1.51 7.65 42.68
CA ILE B 282 -0.42 7.86 41.74
C ILE B 282 0.74 8.60 42.40
N GLN B 283 0.46 9.43 43.40
CA GLN B 283 1.55 10.06 44.14
C GLN B 283 2.38 9.02 44.88
N ALA B 284 1.80 7.88 45.22
CA ALA B 284 2.57 6.83 45.87
C ALA B 284 3.54 6.19 44.89
N VAL B 285 3.15 6.06 43.63
CA VAL B 285 4.02 5.54 42.58
C VAL B 285 5.08 6.60 42.26
N PRO B 286 6.36 6.30 42.47
CA PRO B 286 7.40 7.30 42.13
C PRO B 286 7.38 7.63 40.65
N GLU B 287 7.81 8.85 40.34
CA GLU B 287 7.85 9.29 38.94
C GLU B 287 8.88 8.51 38.12
N ARG B 288 9.80 7.81 38.78
CA ARG B 288 10.75 6.98 38.05
C ARG B 288 10.09 5.74 37.47
N VAL B 289 8.95 5.31 38.02
CA VAL B 289 8.27 4.12 37.54
C VAL B 289 7.49 4.40 36.26
N ASP B 290 7.24 5.67 35.93
CA ASP B 290 6.47 6.00 34.76
C ASP B 290 7.19 5.67 33.46
N ALA B 291 8.52 5.56 33.49
CA ALA B 291 9.25 5.21 32.28
C ALA B 291 8.99 3.76 31.87
N LEU B 292 8.49 2.93 32.78
CA LEU B 292 8.21 1.53 32.50
C LEU B 292 6.74 1.25 32.23
N VAL B 293 5.87 2.23 32.49
CA VAL B 293 4.47 2.10 32.11
C VAL B 293 4.34 2.31 30.61
N MET B 294 3.23 1.80 30.05
CA MET B 294 2.98 1.98 28.63
C MET B 294 2.88 3.47 28.31
N SER B 295 3.44 3.85 27.15
CA SER B 295 3.68 5.26 26.86
C SER B 295 2.40 6.08 26.84
N LYS B 296 1.27 5.48 26.47
CA LYS B 296 0.04 6.25 26.39
C LYS B 296 -0.53 6.61 27.76
N LEU B 297 -0.04 5.99 28.83
CA LEU B 297 -0.51 6.29 30.19
C LEU B 297 0.34 7.33 30.91
N ARG B 298 1.53 7.64 30.40
CA ARG B 298 2.36 8.65 31.06
C ARG B 298 1.70 10.02 31.12
N PRO B 299 0.98 10.50 30.11
CA PRO B 299 0.20 11.73 30.31
C PRO B 299 -0.82 11.62 31.42
N LEU B 300 -1.47 10.46 31.56
CA LEU B 300 -2.45 10.30 32.62
C LEU B 300 -1.78 10.27 34.00
N LEU B 301 -0.65 9.58 34.11
CA LEU B 301 0.06 9.52 35.38
C LEU B 301 0.59 10.88 35.80
N HIS B 302 0.81 11.78 34.85
CA HIS B 302 1.31 13.10 35.18
C HIS B 302 0.23 13.97 35.79
N TYR B 303 -0.92 14.08 35.11
CA TYR B 303 -2.03 14.86 35.63
C TYR B 303 -2.72 14.19 36.80
N ALA B 304 -2.37 12.95 37.11
CA ALA B 304 -2.88 12.34 38.33
C ALA B 304 -2.10 12.82 39.54
N ARG B 305 -0.78 12.96 39.42
CA ARG B 305 0.03 13.50 40.50
C ARG B 305 -0.31 14.97 40.74
N ALA B 306 -0.42 15.75 39.65
CA ALA B 306 -0.85 17.13 39.79
C ALA B 306 -2.34 17.27 40.10
N LYS B 307 -3.11 16.18 40.03
CA LYS B 307 -4.53 16.17 40.36
C LYS B 307 -5.32 17.21 39.56
N ASP B 308 -4.83 17.53 38.37
CA ASP B 308 -5.52 18.47 37.48
C ASP B 308 -6.53 17.68 36.65
N ILE B 309 -7.81 17.91 36.90
CA ILE B 309 -8.85 17.18 36.20
C ILE B 309 -9.18 17.81 34.84
N ASP B 310 -8.93 19.11 34.67
CA ASP B 310 -9.22 19.74 33.38
C ASP B 310 -8.24 19.28 32.31
N ASN B 311 -6.98 19.05 32.67
CA ASN B 311 -6.00 18.52 31.74
C ASN B 311 -6.02 17.01 31.63
N TYR B 312 -6.48 16.32 32.69
CA TYR B 312 -6.67 14.88 32.60
C TYR B 312 -7.80 14.53 31.64
N ARG B 313 -8.93 15.24 31.77
CA ARG B 313 -10.03 15.05 30.82
C ARG B 313 -9.60 15.37 29.40
N THR B 314 -8.67 16.33 29.25
CA THR B 314 -8.19 16.70 27.92
C THR B 314 -7.43 15.55 27.27
N VAL B 315 -6.69 14.77 28.06
CA VAL B 315 -5.92 13.67 27.49
C VAL B 315 -6.85 12.56 27.02
N GLU B 316 -7.80 12.17 27.88
CA GLU B 316 -8.67 11.05 27.54
C GLU B 316 -9.55 11.38 26.35
N GLU B 317 -10.03 12.62 26.24
CA GLU B 317 -10.80 13.03 25.07
C GLU B 317 -9.92 13.04 23.82
N SER B 318 -8.64 13.41 23.97
CA SER B 318 -7.73 13.41 22.83
C SER B 318 -7.50 11.99 22.33
N TYR B 319 -7.42 11.02 23.25
CA TYR B 319 -7.19 9.64 22.87
C TYR B 319 -8.40 9.02 22.17
N ARG B 320 -9.60 9.54 22.43
CA ARG B 320 -10.81 8.98 21.83
C ARG B 320 -10.97 9.44 20.38
N GLN B 321 -10.90 10.75 20.15
CA GLN B 321 -11.21 11.30 18.84
C GLN B 321 -10.00 11.49 17.95
N GLY B 322 -8.79 11.45 18.52
CA GLY B 322 -7.59 11.65 17.74
C GLY B 322 -7.17 13.09 17.55
N GLN B 323 -7.89 14.05 18.13
CA GLN B 323 -7.51 15.46 18.06
C GLN B 323 -6.48 15.79 19.14
N TYR B 324 -5.51 16.63 18.79
CA TYR B 324 -4.47 17.05 19.71
C TYR B 324 -4.11 18.51 19.47
N TYR B 325 -3.72 19.19 20.55
CA TYR B 325 -3.44 20.63 20.44
C TYR B 325 -2.21 20.88 19.57
N ARG B 326 -1.20 20.04 19.68
CA ARG B 326 0.01 20.19 18.87
C ARG B 326 0.81 18.91 18.98
N PHE B 327 1.06 18.26 17.84
CA PHE B 327 1.67 16.94 17.83
C PHE B 327 2.48 16.77 16.56
N ASP B 328 3.33 15.75 16.56
CA ASP B 328 4.08 15.35 15.38
C ASP B 328 4.45 13.88 15.54
N ILE B 329 4.64 13.20 14.42
CA ILE B 329 4.88 11.76 14.40
C ILE B 329 6.37 11.52 14.16
N VAL B 330 6.99 10.74 15.05
CA VAL B 330 8.41 10.39 14.96
C VAL B 330 8.52 8.87 15.08
N ASP B 331 8.55 8.18 13.95
CA ASP B 331 8.73 6.73 13.86
C ASP B 331 7.67 6.00 14.69
N GLY B 332 6.45 6.01 14.16
CA GLY B 332 5.34 5.29 14.75
C GLY B 332 4.93 5.75 16.14
N LYS B 333 5.61 6.78 16.67
CA LYS B 333 5.30 7.31 17.99
C LYS B 333 5.18 8.82 17.90
N LEU B 334 4.13 9.35 18.53
CA LEU B 334 3.79 10.76 18.46
C LEU B 334 4.24 11.50 19.72
N ASN B 335 4.47 12.80 19.56
CA ASN B 335 4.86 13.70 20.66
C ASN B 335 3.71 14.69 20.85
N ILE B 336 2.90 14.48 21.88
CA ILE B 336 1.63 15.17 22.05
C ILE B 336 1.76 16.24 23.13
N GLN B 337 1.23 17.43 22.84
CA GLN B 337 0.96 18.46 23.83
C GLN B 337 -0.55 18.70 23.83
N PHE B 338 -1.19 18.43 24.96
CA PHE B 338 -2.66 18.42 25.01
C PHE B 338 -3.26 19.81 25.20
N ASN B 339 -2.49 20.77 25.71
CA ASN B 339 -3.05 22.09 25.97
C ASN B 339 -1.96 23.14 25.80
N GLU B 340 -2.39 24.40 25.81
CA GLU B 340 -1.49 25.53 25.62
C GLU B 340 -0.73 25.79 26.93
N GLY B 341 0.57 25.55 26.90
CA GLY B 341 1.41 25.80 28.05
C GLY B 341 1.77 24.57 28.88
N GLU B 342 1.55 23.36 28.34
CA GLU B 342 1.88 22.15 29.07
C GLU B 342 3.14 21.50 28.48
N PRO B 343 3.88 20.73 29.28
CA PRO B 343 5.07 20.05 28.76
C PRO B 343 4.71 19.06 27.65
N TYR B 344 5.74 18.65 26.92
CA TYR B 344 5.58 17.78 25.75
C TYR B 344 5.83 16.33 26.14
N PHE B 345 4.81 15.49 26.01
CA PHE B 345 4.95 14.06 26.19
C PHE B 345 5.32 13.43 24.86
N GLU B 346 6.46 12.75 24.82
CA GLU B 346 7.01 12.21 23.58
C GLU B 346 7.03 10.69 23.62
N GLY B 347 7.16 10.09 22.44
CA GLY B 347 7.27 8.64 22.31
C GLY B 347 6.02 7.86 22.63
N ILE B 348 4.84 8.44 22.39
CA ILE B 348 3.57 7.79 22.71
C ILE B 348 3.16 6.90 21.55
N ASP B 349 2.67 5.71 21.88
CA ASP B 349 2.17 4.80 20.85
C ASP B 349 0.66 4.61 20.96
N LYS B 352 -3.61 0.34 18.79
CA LYS B 352 -4.24 -0.28 17.64
C LYS B 352 -5.66 0.28 17.45
N PRO B 353 -6.04 0.53 16.20
CA PRO B 353 -7.33 1.17 15.95
C PRO B 353 -8.51 0.23 16.15
N LYS B 354 -9.64 0.80 16.54
CA LYS B 354 -10.89 0.08 16.69
C LYS B 354 -11.60 0.01 15.35
N VAL B 355 -12.00 -1.20 14.94
CA VAL B 355 -12.59 -1.42 13.62
C VAL B 355 -13.98 -2.02 13.77
N LYS B 356 -14.92 -1.55 12.94
CA LYS B 356 -16.27 -2.09 12.88
C LYS B 356 -16.66 -2.22 11.42
N MET B 357 -16.94 -3.44 10.98
CA MET B 357 -17.34 -3.66 9.59
C MET B 357 -18.78 -3.19 9.43
N THR B 358 -18.96 -1.99 8.88
CA THR B 358 -20.28 -1.40 8.76
C THR B 358 -21.07 -1.93 7.58
N ALA B 359 -20.43 -2.62 6.63
CA ALA B 359 -21.15 -3.14 5.48
C ALA B 359 -20.37 -4.31 4.90
N PHE B 360 -21.10 -5.24 4.28
CA PHE B 360 -20.48 -6.39 3.62
C PHE B 360 -21.44 -6.92 2.56
N LYS B 361 -21.06 -6.77 1.29
CA LYS B 361 -21.83 -7.30 0.17
C LYS B 361 -20.91 -8.12 -0.71
N PHE B 362 -21.43 -9.21 -1.26
CA PHE B 362 -20.64 -10.09 -2.12
C PHE B 362 -21.56 -10.84 -3.05
N ASP B 363 -21.01 -11.25 -4.19
CA ASP B 363 -21.73 -12.02 -5.19
C ASP B 363 -20.71 -12.84 -5.97
N ASN B 364 -21.13 -13.36 -7.12
CA ASN B 364 -20.24 -14.16 -7.97
C ASN B 364 -19.26 -13.30 -8.76
N HIS B 365 -19.18 -12.00 -8.48
CA HIS B 365 -18.37 -11.07 -9.26
C HIS B 365 -17.32 -10.38 -8.39
N LYS B 366 -17.74 -9.71 -7.32
CA LYS B 366 -16.83 -8.96 -6.47
C LYS B 366 -17.34 -9.01 -5.04
N ILE B 367 -16.58 -8.39 -4.14
CA ILE B 367 -16.94 -8.29 -2.73
C ILE B 367 -16.79 -6.84 -2.30
N VAL B 368 -17.76 -6.35 -1.55
CA VAL B 368 -17.76 -4.98 -1.05
C VAL B 368 -17.89 -5.04 0.45
N THR B 369 -16.88 -4.52 1.15
CA THR B 369 -16.92 -4.42 2.60
C THR B 369 -16.46 -3.02 3.02
N GLU B 370 -17.08 -2.50 4.07
CA GLU B 370 -16.81 -1.16 4.56
C GLU B 370 -16.33 -1.26 6.00
N LEU B 371 -15.04 -1.03 6.20
CA LEU B 371 -14.43 -1.06 7.52
C LEU B 371 -14.25 0.36 8.01
N THR B 372 -14.75 0.64 9.21
CA THR B 372 -14.75 1.97 9.79
C THR B 372 -13.88 2.01 11.03
N LEU B 373 -13.07 3.06 11.16
CA LEU B 373 -12.22 3.25 12.33
C LEU B 373 -12.98 4.08 13.35
N ASN B 374 -13.38 3.46 14.45
CA ASN B 374 -14.16 4.16 15.46
C ASN B 374 -13.29 5.02 16.36
N GLU B 375 -12.13 4.51 16.78
CA GLU B 375 -11.21 5.24 17.64
C GLU B 375 -9.78 5.01 17.17
N PHE B 376 -9.11 6.09 16.79
CA PHE B 376 -7.71 6.03 16.41
C PHE B 376 -6.99 7.24 16.96
N MET B 377 -5.73 7.05 17.36
CA MET B 377 -4.92 8.10 17.93
C MET B 377 -4.15 8.88 16.86
N ILE B 378 -4.72 9.01 15.66
CA ILE B 378 -4.03 9.71 14.58
C ILE B 378 -5.08 10.15 13.57
N GLY B 379 -4.91 11.36 13.06
CA GLY B 379 -5.84 11.87 12.06
C GLY B 379 -5.64 11.23 10.71
N GLU B 380 -6.71 11.21 9.93
CA GLU B 380 -6.66 10.64 8.59
C GLU B 380 -5.71 11.42 7.70
N GLY B 381 -5.06 10.68 6.80
CA GLY B 381 -4.09 11.24 5.87
C GLY B 381 -2.65 11.08 6.28
N HIS B 382 -2.39 10.55 7.48
CA HIS B 382 -1.04 10.31 7.97
C HIS B 382 -0.75 8.81 8.11
N TYR B 383 -1.50 7.96 7.41
CA TYR B 383 -1.28 6.52 7.48
C TYR B 383 -1.97 5.86 6.29
N ASP B 384 -1.46 4.71 5.89
CA ASP B 384 -2.03 3.92 4.81
C ASP B 384 -2.74 2.70 5.39
N VAL B 385 -3.79 2.26 4.69
CA VAL B 385 -4.56 1.09 5.11
C VAL B 385 -4.65 0.12 3.93
N ARG B 386 -4.72 -1.17 4.26
CA ARG B 386 -4.86 -2.23 3.28
C ARG B 386 -5.69 -3.34 3.90
N LEU B 387 -6.44 -4.04 3.05
CA LEU B 387 -7.27 -5.16 3.50
C LEU B 387 -6.48 -6.46 3.35
N LYS B 388 -6.36 -7.20 4.45
CA LYS B 388 -5.55 -8.42 4.49
C LYS B 388 -6.44 -9.65 4.60
N LEU B 389 -6.15 -10.65 3.77
CA LEU B 389 -6.84 -11.94 3.79
C LEU B 389 -5.78 -13.00 4.09
N HIS B 390 -5.60 -13.30 5.37
CA HIS B 390 -4.53 -14.17 5.83
C HIS B 390 -5.03 -15.60 5.93
N SER B 391 -4.16 -16.56 5.59
CA SER B 391 -4.52 -17.96 5.67
C SER B 391 -4.45 -18.46 7.12
N ARG B 392 -5.10 -19.61 7.34
CA ARG B 392 -5.14 -20.15 8.70
C ARG B 392 -3.76 -20.62 9.13
N ASN B 393 -3.00 -21.23 8.22
CA ASN B 393 -1.66 -21.70 8.56
C ASN B 393 -0.62 -20.60 8.48
N LYS B 394 -1.03 -19.36 8.19
CA LYS B 394 -0.15 -18.20 8.09
C LYS B 394 0.93 -18.37 7.03
N LYS B 395 0.74 -19.29 6.09
CA LYS B 395 1.68 -19.47 5.00
C LYS B 395 1.41 -18.52 3.85
N HIS B 396 0.14 -18.32 3.52
CA HIS B 396 -0.26 -17.46 2.41
C HIS B 396 -0.95 -16.21 2.93
N THR B 397 -0.99 -15.20 2.07
CA THR B 397 -1.62 -13.94 2.44
C THR B 397 -2.11 -13.27 1.17
N MET B 398 -3.02 -12.31 1.33
CA MET B 398 -3.53 -11.52 0.22
C MET B 398 -3.82 -10.11 0.69
N TYR B 399 -3.49 -9.13 -0.15
CA TYR B 399 -3.71 -7.73 0.15
C TYR B 399 -4.50 -7.07 -0.96
N VAL B 400 -5.59 -6.41 -0.59
CA VAL B 400 -6.44 -5.69 -1.53
C VAL B 400 -6.18 -4.20 -1.34
N PRO B 401 -5.88 -3.46 -2.40
CA PRO B 401 -5.67 -2.01 -2.25
C PRO B 401 -6.97 -1.29 -1.93
N LEU B 402 -6.81 -0.09 -1.39
CA LEU B 402 -7.96 0.70 -0.96
C LEU B 402 -8.72 1.21 -2.19
N SER B 403 -10.00 0.84 -2.28
CA SER B 403 -10.80 1.30 -3.40
C SER B 403 -11.23 2.74 -3.22
N VAL B 404 -11.70 3.09 -2.02
CA VAL B 404 -12.12 4.45 -1.71
C VAL B 404 -12.23 4.60 -0.20
N ASN B 405 -12.32 5.84 0.28
CA ASN B 405 -12.48 6.12 1.70
C ASN B 405 -13.20 7.44 1.87
N ALA B 406 -13.79 7.62 3.05
CA ALA B 406 -14.49 8.87 3.39
C ALA B 406 -14.33 9.08 4.89
N ASN B 407 -13.59 10.13 5.26
CA ASN B 407 -13.20 10.34 6.66
C ASN B 407 -12.50 9.10 7.20
N LYS B 408 -13.22 8.27 7.94
CA LYS B 408 -12.65 7.05 8.49
C LYS B 408 -13.40 5.79 8.03
N GLN B 409 -14.26 5.91 7.03
CA GLN B 409 -15.00 4.77 6.50
C GLN B 409 -14.25 4.27 5.27
N TYR B 410 -13.48 3.20 5.44
CA TYR B 410 -12.66 2.65 4.36
C TYR B 410 -13.42 1.51 3.68
N ARG B 411 -13.61 1.66 2.37
CA ARG B 411 -14.34 0.70 1.56
C ARG B 411 -13.38 -0.01 0.61
N PHE B 412 -13.56 -1.33 0.48
CA PHE B 412 -12.71 -2.14 -0.36
C PHE B 412 -13.56 -2.94 -1.35
N ASN B 413 -13.00 -3.16 -2.53
CA ASN B 413 -13.64 -3.90 -3.60
C ASN B 413 -12.77 -5.11 -3.93
N ILE B 414 -13.21 -6.29 -3.51
CA ILE B 414 -12.46 -7.52 -3.71
C ILE B 414 -13.01 -8.15 -4.99
N MET B 415 -12.37 -7.85 -6.11
CA MET B 415 -12.73 -8.46 -7.39
C MET B 415 -12.37 -9.94 -7.39
N LEU B 416 -13.38 -10.80 -7.55
CA LEU B 416 -13.12 -12.23 -7.54
C LEU B 416 -12.22 -12.64 -8.69
N GLU B 417 -12.39 -12.02 -9.86
CA GLU B 417 -11.56 -12.38 -11.01
C GLU B 417 -10.08 -12.21 -10.72
N ASP B 418 -9.72 -11.23 -9.88
CA ASP B 418 -8.32 -11.00 -9.55
C ASP B 418 -7.79 -11.97 -8.50
N ILE B 419 -8.65 -12.59 -7.70
CA ILE B 419 -8.23 -13.42 -6.58
C ILE B 419 -8.51 -14.89 -6.79
N LYS B 420 -9.15 -15.27 -7.89
CA LYS B 420 -9.49 -16.68 -8.10
C LYS B 420 -8.26 -17.57 -8.19
N ALA B 421 -7.13 -17.02 -8.65
CA ALA B 421 -5.91 -17.81 -8.79
C ALA B 421 -5.19 -18.03 -7.48
N TYR B 422 -5.60 -17.35 -6.41
CA TYR B 422 -4.91 -17.42 -5.13
C TYR B 422 -5.71 -18.09 -4.03
N LEU B 423 -7.00 -18.35 -4.26
CA LEU B 423 -7.81 -18.95 -3.19
C LEU B 423 -7.49 -20.42 -2.97
N PRO B 424 -7.41 -21.30 -4.03
CA PRO B 424 -7.29 -22.75 -3.76
C PRO B 424 -5.98 -23.16 -3.10
N LYS B 425 -5.14 -22.18 -2.77
CA LYS B 425 -3.91 -22.48 -2.03
C LYS B 425 -4.23 -23.07 -0.66
N GLU B 426 -5.16 -22.44 0.06
CA GLU B 426 -5.70 -22.97 1.30
C GLU B 426 -7.22 -23.00 1.22
N LYS B 427 -7.85 -23.40 2.32
CA LYS B 427 -9.30 -23.42 2.41
C LYS B 427 -9.87 -22.44 3.42
N ILE B 428 -9.06 -21.91 4.33
CA ILE B 428 -9.52 -20.94 5.32
C ILE B 428 -8.69 -19.68 5.16
N TRP B 429 -9.37 -18.53 5.07
CA TRP B 429 -8.74 -17.23 4.91
C TRP B 429 -9.31 -16.30 5.97
N ASP B 430 -8.43 -15.75 6.82
CA ASP B 430 -8.86 -14.82 7.86
C ASP B 430 -8.74 -13.39 7.37
N VAL B 431 -9.74 -12.57 7.72
CA VAL B 431 -9.81 -11.19 7.24
C VAL B 431 -9.17 -10.28 8.29
N PHE B 432 -8.01 -9.73 7.96
CA PHE B 432 -7.33 -8.78 8.83
C PHE B 432 -7.45 -7.38 8.24
N LEU B 433 -6.59 -6.47 8.70
CA LEU B 433 -6.66 -5.07 8.28
C LEU B 433 -5.29 -4.43 8.56
N GLU B 434 -4.47 -4.31 7.52
CA GLU B 434 -3.14 -3.73 7.65
C GLU B 434 -3.23 -2.21 7.67
N VAL B 435 -2.53 -1.59 8.62
CA VAL B 435 -2.53 -0.14 8.79
C VAL B 435 -1.08 0.25 9.08
N GLN B 436 -0.39 0.78 8.08
CA GLN B 436 1.04 1.08 8.17
C GLN B 436 1.25 2.56 8.40
N ILE B 437 1.99 2.90 9.45
CA ILE B 437 2.39 4.27 9.73
C ILE B 437 3.87 4.33 9.39
N GLY B 438 4.18 4.71 8.14
CA GLY B 438 5.55 4.79 7.70
C GLY B 438 6.17 3.42 7.54
N THR B 439 6.50 2.77 8.65
CA THR B 439 6.97 1.39 8.62
C THR B 439 6.31 0.51 9.66
N GLU B 440 5.89 1.04 10.80
CA GLU B 440 5.21 0.25 11.81
C GLU B 440 3.83 -0.13 11.31
N VAL B 441 3.56 -1.43 11.27
CA VAL B 441 2.30 -1.97 10.75
C VAL B 441 1.42 -2.41 11.91
N PHE B 442 0.11 -2.33 11.71
CA PHE B 442 -0.87 -2.84 12.66
C PHE B 442 -1.78 -3.80 11.92
N GLU B 443 -1.87 -5.03 12.39
CA GLU B 443 -2.70 -6.05 11.77
C GLU B 443 -3.90 -6.29 12.69
N VAL B 444 -5.05 -5.72 12.31
CA VAL B 444 -6.26 -5.75 13.14
C VAL B 444 -7.22 -6.79 12.59
N ARG B 445 -7.66 -7.69 13.46
CA ARG B 445 -8.62 -8.72 13.09
C ARG B 445 -10.02 -8.12 13.14
N VAL B 446 -10.72 -8.14 12.01
CA VAL B 446 -12.02 -7.54 11.90
C VAL B 446 -13.08 -8.64 11.84
N GLY B 447 -14.34 -8.24 12.01
CA GLY B 447 -15.45 -9.16 11.92
C GLY B 447 -16.31 -9.23 13.17
N ASN B 448 -15.68 -9.22 14.35
CA ASN B 448 -16.44 -9.32 15.60
C ASN B 448 -17.33 -8.10 15.80
N GLN B 449 -16.75 -6.91 15.65
CA GLN B 449 -17.51 -5.67 15.69
C GLN B 449 -17.95 -5.34 14.27
N ARG B 450 -19.26 -5.28 14.06
CA ARG B 450 -19.83 -5.09 12.74
C ARG B 450 -21.29 -4.69 12.90
N ASN B 451 -21.93 -4.42 11.77
CA ASN B 451 -23.37 -4.28 11.75
C ASN B 451 -24.00 -5.66 11.56
N LYS B 452 -25.33 -5.71 11.48
CA LYS B 452 -26.01 -7.00 11.34
C LYS B 452 -25.69 -7.60 9.97
N TYR B 453 -25.29 -8.87 9.97
CA TYR B 453 -24.95 -9.57 8.73
C TYR B 453 -26.21 -9.70 7.88
N ALA B 454 -26.29 -8.93 6.80
CA ALA B 454 -27.50 -8.86 5.98
C ALA B 454 -27.76 -10.13 5.18
N TYR B 455 -26.94 -11.16 5.33
CA TYR B 455 -27.15 -12.44 4.67
C TYR B 455 -27.46 -13.52 5.69
N THR B 456 -28.00 -14.63 5.20
CA THR B 456 -28.17 -15.81 6.04
C THR B 456 -26.85 -16.59 6.08
N ALA B 457 -26.68 -17.36 7.16
CA ALA B 457 -25.45 -18.13 7.35
C ALA B 457 -25.27 -19.13 6.22
N GLU B 458 -23.99 -19.42 5.92
CA GLU B 458 -23.58 -20.36 4.88
C GLU B 458 -23.98 -19.91 3.48
N THR B 459 -24.32 -18.63 3.30
CA THR B 459 -24.57 -18.10 1.96
C THR B 459 -23.25 -17.99 1.22
N SER B 460 -23.11 -18.74 0.14
CA SER B 460 -21.88 -18.82 -0.62
C SER B 460 -22.04 -18.09 -1.96
N ALA B 461 -21.08 -18.33 -2.86
CA ALA B 461 -21.10 -17.70 -4.18
C ALA B 461 -20.36 -18.61 -5.16
N LEU B 462 -20.95 -18.79 -6.34
CA LEU B 462 -20.37 -19.67 -7.34
C LEU B 462 -19.06 -19.10 -7.86
N ILE B 463 -18.05 -19.97 -7.99
CA ILE B 463 -16.76 -19.63 -8.55
C ILE B 463 -16.36 -20.69 -9.55
N HIS B 464 -15.78 -20.28 -10.68
CA HIS B 464 -15.37 -21.19 -11.74
C HIS B 464 -13.89 -20.97 -12.04
N LEU B 465 -13.13 -22.07 -12.06
CA LEU B 465 -11.70 -22.00 -12.30
C LEU B 465 -11.22 -23.35 -12.82
N ASN B 466 -10.72 -23.37 -14.06
CA ASN B 466 -10.23 -24.59 -14.69
C ASN B 466 -11.31 -25.68 -14.73
N ASN B 467 -12.49 -25.31 -15.23
CA ASN B 467 -13.65 -26.20 -15.37
C ASN B 467 -14.04 -26.86 -14.05
N ASP B 468 -13.68 -26.25 -12.92
CA ASP B 468 -14.07 -26.73 -11.61
C ASP B 468 -15.03 -25.73 -10.96
N PHE B 469 -15.80 -26.22 -10.00
CA PHE B 469 -16.78 -25.40 -9.29
C PHE B 469 -16.44 -25.40 -7.81
N TYR B 470 -16.23 -24.22 -7.26
CA TYR B 470 -15.94 -24.01 -5.85
C TYR B 470 -17.01 -23.09 -5.26
N ARG B 471 -16.90 -22.83 -3.95
CA ARG B 471 -17.81 -21.90 -3.31
C ARG B 471 -17.04 -21.04 -2.33
N LEU B 472 -17.35 -19.75 -2.34
CA LEU B 472 -16.78 -18.79 -1.41
C LEU B 472 -17.81 -18.54 -0.32
N THR B 473 -17.58 -19.09 0.87
CA THR B 473 -18.54 -19.02 1.95
C THR B 473 -18.06 -18.05 3.03
N PRO B 474 -18.51 -16.80 3.02
CA PRO B 474 -18.17 -15.90 4.14
C PRO B 474 -18.84 -16.37 5.42
N TYR B 475 -18.04 -16.60 6.45
CA TYR B 475 -18.54 -17.08 7.73
C TYR B 475 -17.89 -16.29 8.87
N PHE B 476 -18.36 -16.54 10.08
CA PHE B 476 -17.79 -15.95 11.28
C PHE B 476 -17.27 -17.06 12.18
N THR B 477 -16.03 -16.93 12.62
CA THR B 477 -15.41 -17.94 13.48
C THR B 477 -16.18 -18.06 14.79
N LYS B 478 -15.95 -19.17 15.49
CA LYS B 478 -16.67 -19.46 16.72
C LYS B 478 -15.96 -18.93 17.97
N ASP B 479 -14.63 -18.79 17.92
CA ASP B 479 -13.89 -18.38 19.11
C ASP B 479 -14.07 -16.89 19.41
N PHE B 480 -13.99 -16.03 18.39
CA PHE B 480 -14.05 -14.59 18.58
C PHE B 480 -15.04 -13.89 17.66
N ASN B 481 -15.92 -14.64 17.00
CA ASN B 481 -16.94 -14.07 16.12
C ASN B 481 -16.34 -13.25 14.99
N ASN B 482 -15.07 -13.51 14.64
CA ASN B 482 -14.41 -12.77 13.58
C ASN B 482 -14.74 -13.36 12.22
N ILE B 483 -14.83 -12.49 11.21
CA ILE B 483 -15.23 -12.92 9.88
C ILE B 483 -14.07 -13.61 9.18
N SER B 484 -14.40 -14.51 8.26
CA SER B 484 -13.40 -15.22 7.47
C SER B 484 -14.08 -15.80 6.24
N LEU B 485 -13.27 -16.23 5.27
CA LEU B 485 -13.76 -16.81 4.04
C LEU B 485 -13.34 -18.27 3.95
N TYR B 486 -14.26 -19.11 3.46
CA TYR B 486 -14.04 -20.55 3.37
C TYR B 486 -14.14 -20.97 1.91
N PHE B 487 -13.06 -21.53 1.38
CA PHE B 487 -12.96 -21.92 -0.02
C PHE B 487 -12.86 -23.44 -0.12
N THR B 488 -13.78 -24.05 -0.84
CA THR B 488 -13.75 -25.49 -1.04
C THR B 488 -14.46 -25.82 -2.35
N ALA B 489 -14.34 -27.07 -2.77
CA ALA B 489 -14.94 -27.51 -4.02
C ALA B 489 -16.37 -27.96 -3.81
N ILE B 490 -17.17 -27.85 -4.87
CA ILE B 490 -18.56 -28.30 -4.89
C ILE B 490 -18.83 -29.00 -6.21
N THR B 491 -19.97 -29.67 -6.26
CA THR B 491 -20.51 -30.22 -7.50
C THR B 491 -21.69 -29.35 -7.89
N LEU B 492 -21.62 -28.75 -9.08
CA LEU B 492 -22.67 -27.82 -9.49
C LEU B 492 -24.04 -28.48 -9.46
N THR B 493 -24.14 -29.72 -9.93
CA THR B 493 -25.40 -30.42 -9.93
C THR B 493 -25.83 -30.92 -8.56
N ASP B 494 -25.07 -30.62 -7.51
CA ASP B 494 -25.40 -31.04 -6.15
C ASP B 494 -25.69 -29.89 -5.19
N SER B 495 -25.29 -28.66 -5.52
CA SER B 495 -25.62 -27.50 -4.70
C SER B 495 -26.56 -26.54 -5.38
N ILE B 496 -26.66 -26.57 -6.71
CA ILE B 496 -27.49 -25.64 -7.48
C ILE B 496 -28.31 -26.45 -8.47
N SER B 497 -29.58 -26.08 -8.63
CA SER B 497 -30.47 -26.71 -9.60
C SER B 497 -30.95 -25.67 -10.61
N MET B 498 -31.01 -26.07 -11.88
CA MET B 498 -31.41 -25.20 -12.97
C MET B 498 -32.74 -25.70 -13.52
N LYS B 499 -33.79 -24.91 -13.34
CA LYS B 499 -35.14 -25.27 -13.75
C LYS B 499 -35.68 -24.22 -14.73
N LEU B 500 -36.81 -24.55 -15.35
CA LEU B 500 -37.44 -23.72 -16.37
C LEU B 500 -38.82 -23.32 -15.87
N LYS B 501 -38.96 -22.06 -15.46
CA LYS B 501 -40.24 -21.53 -15.03
C LYS B 501 -40.92 -20.91 -16.24
N GLY B 502 -42.10 -21.44 -16.59
CA GLY B 502 -42.80 -20.95 -17.76
C GLY B 502 -42.04 -21.30 -19.02
N LYS B 503 -41.78 -20.30 -19.86
CA LYS B 503 -41.01 -20.49 -21.08
C LYS B 503 -39.83 -19.54 -21.24
N ASN B 504 -39.82 -18.37 -20.57
CA ASN B 504 -38.77 -17.35 -20.67
C ASN B 504 -38.09 -17.08 -19.34
N LYS B 505 -38.10 -18.03 -18.41
CA LYS B 505 -37.45 -17.86 -17.12
C LYS B 505 -36.70 -19.13 -16.76
N ILE B 506 -35.42 -18.96 -16.42
CA ILE B 506 -34.59 -20.02 -15.86
C ILE B 506 -34.45 -19.71 -14.37
N ILE B 507 -34.92 -20.61 -13.52
CA ILE B 507 -34.93 -20.41 -12.08
C ILE B 507 -33.75 -21.18 -11.50
N LEU B 508 -32.70 -20.45 -11.14
CA LEU B 508 -31.58 -21.03 -10.41
C LEU B 508 -31.95 -21.17 -8.94
N THR B 509 -31.87 -22.39 -8.41
CA THR B 509 -32.26 -22.68 -7.04
C THR B 509 -31.06 -23.21 -6.27
N GLY B 510 -30.80 -22.61 -5.11
CA GLY B 510 -29.71 -23.05 -4.26
C GLY B 510 -30.20 -24.07 -3.24
N LEU B 511 -29.70 -25.30 -3.33
CA LEU B 511 -30.18 -26.39 -2.49
C LEU B 511 -29.69 -26.28 -1.06
N ASP B 512 -28.48 -26.78 -0.80
CA ASP B 512 -27.97 -26.83 0.57
C ASP B 512 -27.62 -25.44 1.12
N ARG B 513 -27.46 -24.45 0.25
CA ARG B 513 -27.10 -23.12 0.70
C ARG B 513 -27.44 -22.12 -0.39
N GLY B 514 -27.68 -20.88 0.01
CA GLY B 514 -27.99 -19.83 -0.94
C GLY B 514 -26.73 -19.29 -1.61
N TYR B 515 -26.88 -18.94 -2.89
CA TYR B 515 -25.80 -18.39 -3.71
C TYR B 515 -26.23 -17.05 -4.26
N VAL B 516 -25.39 -16.03 -4.06
CA VAL B 516 -25.68 -14.67 -4.52
C VAL B 516 -24.95 -14.43 -5.84
N PHE B 517 -25.59 -13.68 -6.72
CA PHE B 517 -25.05 -13.39 -8.05
C PHE B 517 -25.28 -11.93 -8.39
N GLU B 518 -24.44 -11.39 -9.27
CA GLU B 518 -24.55 -9.99 -9.65
C GLU B 518 -25.82 -9.78 -10.47
N GLU B 519 -26.65 -8.83 -10.03
CA GLU B 519 -27.89 -8.55 -10.74
C GLU B 519 -27.64 -7.72 -11.97
N GLY B 520 -28.32 -8.05 -13.06
CA GLY B 520 -28.13 -7.37 -14.32
C GLY B 520 -28.22 -8.29 -15.52
N MET B 521 -27.37 -8.06 -16.51
CA MET B 521 -27.43 -8.81 -17.75
C MET B 521 -26.89 -10.22 -17.55
N ALA B 522 -27.51 -11.19 -18.23
CA ALA B 522 -27.10 -12.58 -18.15
C ALA B 522 -27.54 -13.28 -19.43
N SER B 523 -26.71 -14.18 -19.93
CA SER B 523 -26.99 -14.88 -21.18
C SER B 523 -26.70 -16.36 -21.04
N VAL B 524 -27.54 -17.18 -21.68
CA VAL B 524 -27.33 -18.62 -21.77
C VAL B 524 -26.99 -18.93 -23.22
N VAL B 525 -26.11 -19.91 -23.43
CA VAL B 525 -25.59 -20.21 -24.75
C VAL B 525 -25.82 -21.69 -25.04
N LEU B 526 -26.38 -21.99 -26.21
CA LEU B 526 -26.46 -23.35 -26.70
C LEU B 526 -25.32 -23.59 -27.68
N LYS B 527 -25.39 -24.70 -28.44
CA LYS B 527 -24.31 -25.01 -29.37
C LYS B 527 -24.32 -24.09 -30.58
N ASP B 528 -25.52 -23.73 -31.07
CA ASP B 528 -25.65 -22.89 -32.25
C ASP B 528 -26.67 -21.76 -32.04
N ASP B 529 -26.98 -21.43 -30.79
CA ASP B 529 -27.94 -20.37 -30.49
C ASP B 529 -27.70 -19.87 -29.08
N MET B 530 -27.88 -18.56 -28.89
CA MET B 530 -27.76 -17.92 -27.58
C MET B 530 -29.05 -17.19 -27.25
N ILE B 531 -29.14 -16.74 -26.00
CA ILE B 531 -30.33 -16.04 -25.49
C ILE B 531 -29.86 -14.98 -24.52
N MET B 532 -30.32 -13.75 -24.73
CA MET B 532 -30.08 -12.67 -23.78
C MET B 532 -31.13 -12.70 -22.68
N GLY B 533 -30.75 -12.18 -21.51
CA GLY B 533 -31.68 -12.19 -20.39
C GLY B 533 -31.23 -11.26 -19.29
N MET B 534 -32.08 -11.15 -18.27
CA MET B 534 -31.82 -10.35 -17.08
C MET B 534 -31.65 -11.27 -15.88
N LEU B 535 -31.02 -10.73 -14.84
CA LEU B 535 -30.77 -11.49 -13.62
C LEU B 535 -31.16 -10.65 -12.43
N SER B 536 -32.15 -11.12 -11.66
CA SER B 536 -32.60 -10.44 -10.46
C SER B 536 -32.69 -11.47 -9.35
N GLN B 537 -31.97 -11.23 -8.26
CA GLN B 537 -32.05 -12.10 -7.09
C GLN B 537 -33.46 -12.04 -6.50
N THR B 538 -34.25 -13.09 -6.74
CA THR B 538 -35.59 -13.17 -6.16
C THR B 538 -35.50 -13.27 -4.64
N SER B 539 -35.08 -14.43 -4.14
CA SER B 539 -34.81 -14.64 -2.73
C SER B 539 -33.32 -14.90 -2.53
N GLU B 540 -32.95 -15.23 -1.29
CA GLU B 540 -31.53 -15.43 -0.97
C GLU B 540 -30.98 -16.72 -1.54
N ASN B 541 -31.85 -17.67 -1.91
CA ASN B 541 -31.41 -18.95 -2.46
C ASN B 541 -32.00 -19.26 -3.81
N GLU B 542 -32.73 -18.32 -4.43
CA GLU B 542 -33.25 -18.47 -5.78
C GLU B 542 -32.82 -17.29 -6.64
N VAL B 543 -32.60 -17.56 -7.92
CA VAL B 543 -32.18 -16.54 -8.88
C VAL B 543 -33.04 -16.71 -10.13
N GLU B 544 -33.61 -15.60 -10.60
CA GLU B 544 -34.46 -15.60 -11.78
C GLU B 544 -33.66 -15.12 -12.98
N ILE B 545 -33.75 -15.86 -14.09
CA ILE B 545 -33.13 -15.46 -15.35
C ILE B 545 -34.21 -15.18 -16.36
N LEU B 546 -34.83 -14.01 -16.26
CA LEU B 546 -35.85 -13.57 -17.20
C LEU B 546 -35.21 -13.35 -18.57
N LEU B 547 -35.49 -14.23 -19.52
CA LEU B 547 -34.86 -14.18 -20.82
C LEU B 547 -35.57 -13.20 -21.76
N SER B 548 -34.91 -12.90 -22.88
CA SER B 548 -35.50 -12.02 -23.87
C SER B 548 -36.62 -12.72 -24.64
N LYS B 549 -36.36 -13.94 -25.10
CA LYS B 549 -37.34 -14.74 -25.80
C LYS B 549 -37.60 -16.04 -25.03
N ASP B 550 -38.59 -16.79 -25.49
CA ASP B 550 -38.92 -18.07 -24.89
C ASP B 550 -37.94 -19.13 -25.38
N ILE B 551 -37.91 -20.25 -24.63
CA ILE B 551 -37.05 -21.38 -24.96
C ILE B 551 -37.79 -22.67 -24.65
N LYS B 552 -37.73 -23.62 -25.57
CA LYS B 552 -38.45 -24.87 -25.41
C LYS B 552 -37.77 -25.75 -24.36
N LYS B 553 -38.52 -26.73 -23.84
CA LYS B 553 -38.00 -27.60 -22.79
C LYS B 553 -36.85 -28.47 -23.30
N ARG B 554 -36.91 -28.89 -24.57
CA ARG B 554 -35.84 -29.72 -25.11
C ARG B 554 -34.57 -28.91 -25.33
N ASP B 555 -34.69 -27.60 -25.57
CA ASP B 555 -33.51 -26.77 -25.73
C ASP B 555 -32.94 -26.36 -24.39
N PHE B 556 -33.78 -26.28 -23.35
CA PHE B 556 -33.29 -25.96 -22.01
C PHE B 556 -32.33 -27.03 -21.50
N LYS B 557 -32.46 -28.26 -21.98
CA LYS B 557 -31.54 -29.32 -21.62
C LYS B 557 -30.18 -29.17 -22.27
N ASN B 558 -30.05 -28.29 -23.27
CA ASN B 558 -28.80 -28.14 -24.00
C ASN B 558 -28.21 -26.75 -23.82
N ILE B 559 -28.11 -26.28 -22.58
CA ILE B 559 -27.48 -25.00 -22.27
C ILE B 559 -26.01 -25.28 -21.98
N VAL B 560 -25.14 -24.87 -22.91
CA VAL B 560 -23.72 -25.23 -22.81
C VAL B 560 -22.98 -24.27 -21.90
N LYS B 561 -23.25 -22.98 -22.01
CA LYS B 561 -22.56 -21.96 -21.23
C LYS B 561 -23.57 -20.99 -20.64
N LEU B 562 -23.27 -20.46 -19.46
CA LEU B 562 -24.16 -19.55 -18.76
C LEU B 562 -23.32 -18.47 -18.11
N ASN B 563 -23.50 -17.23 -18.53
CA ASN B 563 -22.71 -16.11 -18.04
C ASN B 563 -23.55 -15.19 -17.16
N THR B 564 -22.87 -14.29 -16.46
CA THR B 564 -23.47 -13.23 -15.66
C THR B 564 -23.09 -11.88 -16.28
N ALA B 565 -22.93 -10.86 -15.44
CA ALA B 565 -22.60 -9.54 -15.99
C ALA B 565 -21.13 -9.46 -16.39
N HIS B 566 -20.23 -10.07 -15.60
CA HIS B 566 -18.80 -10.03 -15.90
C HIS B 566 -18.12 -11.39 -15.71
N MET B 567 -18.86 -12.48 -15.52
CA MET B 567 -18.27 -13.80 -15.31
C MET B 567 -18.93 -14.81 -16.23
N THR B 568 -18.16 -15.83 -16.61
CA THR B 568 -18.63 -16.93 -17.43
C THR B 568 -18.59 -18.24 -16.64
N TYR B 569 -19.38 -19.21 -17.09
CA TYR B 569 -19.48 -20.51 -16.43
C TYR B 569 -19.77 -21.58 -17.46
N SER B 570 -18.92 -22.62 -17.49
CA SER B 570 -19.07 -23.69 -18.46
C SER B 570 -19.90 -24.83 -17.87
N LEU B 571 -20.93 -25.24 -18.60
CA LEU B 571 -21.78 -26.33 -18.16
C LEU B 571 -21.43 -27.62 -18.89
N MET C 1 26.87 -59.86 -18.34
CA MET C 1 25.59 -59.17 -18.45
C MET C 1 25.79 -57.67 -18.65
N LYS C 2 24.68 -56.92 -18.72
CA LYS C 2 24.72 -55.49 -18.95
C LYS C 2 24.19 -54.70 -17.77
N PHE C 3 22.99 -55.02 -17.29
CA PHE C 3 22.40 -54.34 -16.15
C PHE C 3 22.26 -55.30 -14.97
N SER C 4 21.93 -54.74 -13.81
CA SER C 4 21.67 -55.53 -12.61
C SER C 4 20.68 -54.75 -11.76
N VAL C 5 19.43 -55.22 -11.74
CA VAL C 5 18.37 -54.51 -11.05
C VAL C 5 18.43 -54.84 -9.56
N ILE C 6 18.65 -53.83 -8.74
CA ILE C 6 18.62 -53.97 -7.29
C ILE C 6 17.31 -53.38 -6.79
N VAL C 7 16.58 -54.15 -5.99
CA VAL C 7 15.30 -53.69 -5.47
C VAL C 7 15.24 -53.88 -3.96
N PRO C 8 15.29 -52.80 -3.17
CA PRO C 8 15.09 -52.91 -1.72
C PRO C 8 13.61 -53.07 -1.40
N THR C 9 13.27 -54.19 -0.77
CA THR C 9 11.89 -54.52 -0.45
C THR C 9 11.71 -54.63 1.06
N TYR C 10 10.55 -54.18 1.53
CA TYR C 10 10.17 -54.36 2.94
C TYR C 10 8.67 -54.17 3.04
N ASN C 11 7.94 -55.28 3.22
CA ASN C 11 6.48 -55.26 3.34
C ASN C 11 5.84 -54.64 2.11
N SER C 12 6.16 -55.17 0.94
CA SER C 12 5.72 -54.65 -0.34
C SER C 12 4.85 -55.65 -1.10
N GLU C 13 4.00 -56.39 -0.37
CA GLU C 13 3.14 -57.38 -1.01
C GLU C 13 2.12 -56.72 -1.93
N LYS C 14 1.54 -55.61 -1.48
CA LYS C 14 0.45 -54.97 -2.21
C LYS C 14 0.90 -54.24 -3.46
N TYR C 15 2.20 -54.09 -3.69
CA TYR C 15 2.64 -53.36 -4.87
C TYR C 15 3.96 -53.82 -5.48
N ILE C 16 4.48 -54.99 -5.10
CA ILE C 16 5.66 -55.50 -5.78
C ILE C 16 5.31 -56.01 -7.17
N THR C 17 4.04 -56.36 -7.40
CA THR C 17 3.64 -56.84 -8.72
C THR C 17 3.81 -55.76 -9.78
N GLU C 18 3.62 -54.48 -9.42
CA GLU C 18 3.77 -53.40 -10.37
C GLU C 18 5.22 -53.22 -10.82
N LEU C 19 6.18 -53.70 -10.04
CA LEU C 19 7.59 -53.61 -10.41
C LEU C 19 8.07 -54.87 -11.11
N LEU C 20 7.66 -56.05 -10.64
CA LEU C 20 8.02 -57.30 -11.28
C LEU C 20 7.46 -57.40 -12.70
N ASN C 21 6.36 -56.70 -12.99
CA ASN C 21 5.84 -56.67 -14.36
C ASN C 21 6.69 -55.79 -15.26
N SER C 22 7.08 -54.60 -14.77
CA SER C 22 7.89 -53.70 -15.55
C SER C 22 9.20 -54.36 -15.96
N LEU C 23 9.79 -55.15 -15.07
CA LEU C 23 11.01 -55.88 -15.41
C LEU C 23 10.74 -57.01 -16.39
N ALA C 24 9.54 -57.60 -16.33
CA ALA C 24 9.20 -58.67 -17.26
C ALA C 24 8.84 -58.11 -18.63
N LYS C 25 8.09 -57.00 -18.68
CA LYS C 25 7.73 -56.34 -19.94
C LYS C 25 8.92 -55.60 -20.57
N GLN C 26 10.12 -55.79 -20.04
CA GLN C 26 11.29 -55.07 -20.55
C GLN C 26 11.61 -55.50 -21.96
N ASP C 27 11.70 -54.52 -22.87
CA ASP C 27 12.14 -54.78 -24.26
C ASP C 27 13.67 -54.91 -24.26
N PHE C 28 14.16 -55.97 -23.62
CA PHE C 28 15.59 -56.19 -23.48
C PHE C 28 15.84 -57.69 -23.33
N PRO C 29 16.97 -58.19 -23.83
CA PRO C 29 17.28 -59.62 -23.66
C PRO C 29 17.33 -60.02 -22.19
N LYS C 30 16.69 -61.16 -21.89
CA LYS C 30 16.62 -61.64 -20.51
C LYS C 30 17.98 -62.10 -20.01
N THR C 31 18.87 -62.49 -20.91
CA THR C 31 20.18 -62.98 -20.51
C THR C 31 21.17 -61.87 -20.22
N GLU C 32 20.85 -60.62 -20.56
CA GLU C 32 21.76 -59.50 -20.39
C GLU C 32 21.32 -58.55 -19.28
N PHE C 33 20.47 -59.00 -18.37
CA PHE C 33 20.11 -58.20 -17.19
C PHE C 33 19.57 -59.15 -16.12
N GLU C 34 19.71 -58.73 -14.87
CA GLU C 34 19.26 -59.51 -13.73
C GLU C 34 18.51 -58.62 -12.76
N VAL C 35 17.83 -59.25 -11.79
CA VAL C 35 17.08 -58.56 -10.75
C VAL C 35 17.54 -59.11 -9.42
N VAL C 36 18.26 -58.30 -8.64
CA VAL C 36 18.73 -58.68 -7.31
C VAL C 36 17.80 -58.01 -6.31
N VAL C 37 16.90 -58.78 -5.73
CA VAL C 37 15.95 -58.28 -4.74
C VAL C 37 16.35 -58.85 -3.39
N VAL C 38 16.86 -58.00 -2.51
CA VAL C 38 17.19 -58.38 -1.14
C VAL C 38 16.12 -57.82 -0.21
N ASP C 39 15.53 -58.68 0.60
CA ASP C 39 14.45 -58.28 1.49
C ASP C 39 14.99 -57.89 2.86
N ASP C 40 14.30 -56.94 3.49
CA ASP C 40 14.67 -56.48 4.83
C ASP C 40 13.86 -57.17 5.91
N CYS C 41 13.75 -58.50 5.80
CA CYS C 41 12.95 -59.32 6.70
C CYS C 41 11.51 -58.82 6.77
N SER C 42 10.69 -59.23 5.82
CA SER C 42 9.30 -58.81 5.77
C SER C 42 8.42 -59.73 6.62
N THR C 43 7.18 -59.31 6.81
CA THR C 43 6.20 -60.05 7.60
C THR C 43 4.98 -60.42 6.78
N ASP C 44 5.09 -60.43 5.44
CA ASP C 44 3.97 -60.71 4.57
C ASP C 44 4.45 -61.55 3.41
N GLN C 45 3.50 -61.98 2.58
CA GLN C 45 3.82 -62.76 1.39
C GLN C 45 4.47 -61.88 0.33
N THR C 46 5.70 -61.44 0.61
CA THR C 46 6.46 -60.61 -0.32
C THR C 46 7.37 -61.43 -1.21
N LEU C 47 8.15 -62.34 -0.63
CA LEU C 47 9.01 -63.19 -1.45
C LEU C 47 8.18 -64.17 -2.27
N GLN C 48 6.97 -64.47 -1.82
CA GLN C 48 6.13 -65.43 -2.52
C GLN C 48 5.56 -64.87 -3.82
N ILE C 49 5.46 -63.55 -3.95
CA ILE C 49 5.06 -62.96 -5.23
C ILE C 49 6.28 -62.72 -6.12
N VAL C 50 7.45 -62.47 -5.53
CA VAL C 50 8.67 -62.35 -6.31
C VAL C 50 9.00 -63.67 -6.99
N GLU C 51 8.83 -64.78 -6.26
CA GLU C 51 9.12 -66.11 -6.82
C GLU C 51 8.16 -66.48 -7.95
N LYS C 52 7.12 -65.69 -8.21
CA LYS C 52 6.28 -65.88 -9.38
C LYS C 52 6.91 -65.30 -10.64
N TYR C 53 8.15 -64.80 -10.55
CA TYR C 53 8.85 -64.22 -11.68
C TYR C 53 10.25 -64.81 -11.82
N ARG C 54 10.48 -65.99 -11.24
CA ARG C 54 11.76 -66.66 -11.37
C ARG C 54 11.99 -67.18 -12.79
N ASN C 55 10.93 -67.55 -13.49
CA ASN C 55 11.04 -68.04 -14.86
C ASN C 55 11.01 -66.92 -15.88
N LYS C 56 10.41 -65.78 -15.54
CA LYS C 56 10.34 -64.63 -16.43
C LYS C 56 11.50 -63.67 -16.24
N LEU C 57 12.29 -63.83 -15.18
CA LEU C 57 13.40 -62.92 -14.89
C LEU C 57 14.51 -63.71 -14.22
N ASN C 58 15.76 -63.40 -14.59
CA ASN C 58 16.90 -63.94 -13.89
C ASN C 58 16.97 -63.31 -12.49
N LEU C 59 16.85 -64.13 -11.45
CA LEU C 59 16.52 -63.65 -10.12
C LEU C 59 17.57 -64.08 -9.10
N LYS C 60 17.85 -63.20 -8.14
CA LYS C 60 18.74 -63.47 -7.01
C LYS C 60 18.05 -62.92 -5.75
N VAL C 61 17.32 -63.78 -5.07
CA VAL C 61 16.56 -63.39 -3.88
C VAL C 61 17.42 -63.61 -2.65
N SER C 62 17.46 -62.61 -1.77
CA SER C 62 18.14 -62.72 -0.48
C SER C 62 17.27 -62.05 0.58
N GLN C 63 17.50 -62.44 1.84
CA GLN C 63 16.75 -61.88 2.96
C GLN C 63 17.66 -61.75 4.16
N LEU C 64 17.63 -60.58 4.79
CA LEU C 64 18.48 -60.31 5.94
C LEU C 64 17.97 -61.08 7.16
N GLU C 65 18.88 -61.33 8.10
CA GLU C 65 18.51 -62.02 9.34
C GLU C 65 17.53 -61.19 10.16
N THR C 66 17.70 -59.87 10.18
CA THR C 66 16.81 -58.98 10.88
C THR C 66 16.59 -57.74 10.02
N ASN C 67 15.65 -56.90 10.47
CA ASN C 67 15.33 -55.68 9.74
C ASN C 67 16.39 -54.61 9.99
N SER C 68 16.73 -53.86 8.94
CA SER C 68 17.69 -52.77 9.07
C SER C 68 17.02 -51.43 9.36
N GLY C 69 15.82 -51.20 8.81
CA GLY C 69 15.13 -49.95 9.00
C GLY C 69 15.26 -48.96 7.86
N GLY C 70 15.88 -49.35 6.75
CA GLY C 70 16.02 -48.48 5.61
C GLY C 70 16.58 -49.21 4.42
N PRO C 71 16.48 -48.59 3.23
CA PRO C 71 16.99 -49.25 2.02
C PRO C 71 18.51 -49.30 1.94
N GLY C 72 19.22 -48.78 2.93
CA GLY C 72 20.67 -48.75 2.87
C GLY C 72 21.32 -50.11 2.77
N LYS C 73 21.14 -50.94 3.79
CA LYS C 73 21.78 -52.25 3.84
C LYS C 73 21.25 -53.20 2.77
N PRO C 74 19.93 -53.28 2.52
CA PRO C 74 19.46 -54.15 1.43
C PRO C 74 20.07 -53.82 0.08
N ARG C 75 20.43 -52.55 -0.17
CA ARG C 75 21.07 -52.20 -1.44
C ARG C 75 22.55 -52.56 -1.44
N ASN C 76 23.19 -52.58 -0.27
CA ASN C 76 24.60 -52.94 -0.18
C ASN C 76 24.80 -54.44 -0.35
N VAL C 77 24.01 -55.24 0.35
CA VAL C 77 24.09 -56.70 0.21
C VAL C 77 23.78 -57.10 -1.21
N ALA C 78 22.87 -56.38 -1.88
CA ALA C 78 22.59 -56.64 -3.28
C ALA C 78 23.68 -56.09 -4.20
N LEU C 79 24.42 -55.07 -3.77
CA LEU C 79 25.49 -54.54 -4.61
C LEU C 79 26.63 -55.53 -4.74
N LYS C 80 26.88 -56.33 -3.70
CA LYS C 80 27.92 -57.33 -3.79
C LYS C 80 27.50 -58.51 -4.65
N GLN C 81 26.19 -58.75 -4.75
CA GLN C 81 25.69 -59.86 -5.54
C GLN C 81 25.49 -59.50 -7.00
N ALA C 82 25.56 -58.21 -7.36
CA ALA C 82 25.37 -57.79 -8.73
C ALA C 82 26.60 -58.10 -9.56
N GLU C 83 26.40 -58.77 -10.69
CA GLU C 83 27.49 -59.16 -11.58
C GLU C 83 27.42 -58.48 -12.94
N GLY C 84 26.50 -57.53 -13.13
CA GLY C 84 26.34 -56.88 -14.41
C GLY C 84 27.27 -55.69 -14.58
N GLU C 85 27.30 -55.17 -15.81
CA GLU C 85 28.13 -54.02 -16.12
C GLU C 85 27.56 -52.72 -15.54
N PHE C 86 26.29 -52.72 -15.17
CA PHE C 86 25.66 -51.52 -14.63
C PHE C 86 24.62 -51.95 -13.60
N VAL C 87 24.19 -50.99 -12.78
CA VAL C 87 23.22 -51.22 -11.73
C VAL C 87 22.13 -50.16 -11.81
N LEU C 88 20.93 -50.54 -11.38
CA LEU C 88 19.78 -49.64 -11.37
C LEU C 88 18.98 -49.90 -10.11
N PHE C 89 19.04 -48.98 -9.15
CA PHE C 89 18.33 -49.11 -7.89
C PHE C 89 16.88 -48.67 -8.07
N VAL C 90 15.94 -49.57 -7.79
CA VAL C 90 14.52 -49.29 -7.93
C VAL C 90 13.82 -49.70 -6.64
N ASP C 91 13.17 -48.73 -5.98
CA ASP C 91 12.39 -49.03 -4.80
C ASP C 91 11.21 -49.93 -5.15
N SER C 92 10.71 -50.65 -4.14
CA SER C 92 9.64 -51.62 -4.38
C SER C 92 8.32 -50.95 -4.74
N ASP C 93 8.14 -49.67 -4.42
CA ASP C 93 6.89 -48.97 -4.70
C ASP C 93 6.88 -48.32 -6.09
N ASP C 94 7.95 -48.45 -6.86
CA ASP C 94 8.10 -47.76 -8.14
C ASP C 94 8.08 -48.78 -9.30
N TYR C 95 8.13 -48.25 -10.51
CA TYR C 95 8.19 -49.07 -11.72
C TYR C 95 8.90 -48.29 -12.82
N ILE C 96 9.22 -48.97 -13.90
CA ILE C 96 9.96 -48.39 -15.01
C ILE C 96 9.22 -48.65 -16.32
N ASN C 97 9.77 -48.12 -17.41
CA ASN C 97 9.17 -48.21 -18.74
C ASN C 97 9.62 -49.49 -19.45
N LYS C 98 8.95 -49.79 -20.56
CA LYS C 98 9.25 -51.02 -21.30
C LYS C 98 10.57 -50.94 -22.06
N GLU C 99 10.99 -49.73 -22.44
CA GLU C 99 12.23 -49.53 -23.19
C GLU C 99 13.30 -48.85 -22.36
N THR C 100 13.26 -49.01 -21.04
CA THR C 100 14.23 -48.36 -20.18
C THR C 100 15.63 -48.95 -20.37
N LEU C 101 15.73 -50.28 -20.35
CA LEU C 101 17.03 -50.92 -20.52
C LEU C 101 17.49 -50.90 -21.97
N LYS C 102 16.57 -50.76 -22.93
CA LYS C 102 16.96 -50.73 -24.34
C LYS C 102 17.61 -49.41 -24.70
N ASP C 103 16.95 -48.29 -24.37
CA ASP C 103 17.51 -46.98 -24.70
C ASP C 103 18.75 -46.69 -23.85
N ALA C 104 18.83 -47.26 -22.66
CA ALA C 104 20.01 -47.01 -21.81
C ALA C 104 21.22 -47.78 -22.31
N ALA C 105 21.02 -49.00 -22.80
CA ALA C 105 22.15 -49.80 -23.28
C ALA C 105 22.73 -49.22 -24.55
N ALA C 106 21.89 -48.66 -25.40
CA ALA C 106 22.39 -47.98 -26.60
C ALA C 106 23.12 -46.69 -26.24
N PHE C 107 22.54 -45.91 -25.31
CA PHE C 107 23.17 -44.67 -24.87
C PHE C 107 24.52 -44.92 -24.19
N ILE C 108 24.74 -46.12 -23.66
CA ILE C 108 26.01 -46.44 -23.04
C ILE C 108 27.06 -46.80 -24.08
N ASP C 109 26.66 -47.54 -25.12
CA ASP C 109 27.59 -47.94 -26.17
C ASP C 109 27.99 -46.79 -27.09
N GLU C 110 27.39 -45.61 -26.94
CA GLU C 110 27.72 -44.46 -27.77
C GLU C 110 28.50 -43.37 -27.05
N HIS C 111 28.30 -43.22 -25.74
CA HIS C 111 29.01 -42.21 -24.97
C HIS C 111 29.84 -42.77 -23.84
N HIS C 112 29.74 -44.07 -23.54
CA HIS C 112 30.52 -44.72 -22.49
C HIS C 112 30.35 -44.02 -21.15
N SER C 113 29.15 -44.20 -20.59
CA SER C 113 28.75 -43.49 -19.38
C SER C 113 29.11 -44.27 -18.13
N ASP C 114 29.55 -43.55 -17.10
CA ASP C 114 29.76 -44.14 -15.78
C ASP C 114 28.56 -43.92 -14.89
N VAL C 115 27.96 -42.73 -14.94
CA VAL C 115 26.73 -42.42 -14.22
C VAL C 115 25.73 -41.88 -15.23
N LEU C 116 24.60 -42.57 -15.37
CA LEU C 116 23.58 -42.22 -16.35
C LEU C 116 22.31 -41.80 -15.60
N LEU C 117 21.76 -40.65 -15.99
CA LEU C 117 20.56 -40.10 -15.37
C LEU C 117 19.39 -40.22 -16.33
N ILE C 118 18.40 -41.01 -15.94
CA ILE C 118 17.18 -41.18 -16.73
C ILE C 118 16.12 -40.22 -16.20
N LYS C 119 15.32 -39.66 -17.09
CA LYS C 119 14.26 -38.76 -16.69
C LYS C 119 13.19 -39.51 -15.92
N MET C 120 12.71 -38.90 -14.84
CA MET C 120 11.70 -39.49 -13.99
C MET C 120 10.33 -38.88 -14.26
N LYS C 121 9.29 -39.68 -14.04
CA LYS C 121 7.91 -39.22 -14.14
C LYS C 121 7.19 -39.59 -12.85
N GLY C 122 6.43 -38.65 -12.31
CA GLY C 122 5.76 -38.83 -11.05
C GLY C 122 4.31 -39.24 -11.25
N VAL C 123 3.92 -40.31 -10.57
CA VAL C 123 2.55 -40.78 -10.57
C VAL C 123 1.96 -40.54 -9.19
N ASN C 124 0.63 -40.57 -9.13
CA ASN C 124 -0.16 -40.27 -7.94
C ASN C 124 0.35 -39.04 -7.20
N GLY C 125 0.88 -38.06 -7.94
CA GLY C 125 1.31 -36.80 -7.37
C GLY C 125 2.62 -36.84 -6.61
N ARG C 126 3.66 -37.42 -7.21
CA ARG C 126 4.96 -37.56 -6.57
C ARG C 126 6.00 -36.73 -7.33
N GLY C 127 6.73 -35.89 -6.62
CA GLY C 127 7.88 -35.18 -7.16
C GLY C 127 9.12 -35.67 -6.44
N VAL C 128 10.19 -36.13 -7.11
CA VAL C 128 10.48 -36.10 -8.56
C VAL C 128 10.64 -34.67 -9.09
N PRO C 129 11.88 -34.21 -9.15
CA PRO C 129 12.18 -32.90 -9.74
C PRO C 129 12.43 -33.02 -11.24
N GLN C 130 12.58 -31.86 -11.87
CA GLN C 130 12.68 -31.78 -13.33
C GLN C 130 13.75 -30.84 -13.85
N SER C 131 14.44 -30.08 -13.00
CA SER C 131 15.32 -29.01 -13.46
C SER C 131 16.56 -29.51 -14.19
N MET C 132 16.76 -30.83 -14.27
CA MET C 132 17.91 -31.40 -14.93
C MET C 132 17.55 -32.34 -16.07
N PHE C 133 16.26 -32.58 -16.29
CA PHE C 133 15.79 -33.54 -17.29
C PHE C 133 15.08 -32.86 -18.44
N LYS C 134 15.45 -31.61 -18.73
CA LYS C 134 14.86 -30.88 -19.84
C LYS C 134 15.55 -31.15 -21.17
N GLU C 135 16.77 -31.67 -21.14
CA GLU C 135 17.51 -31.98 -22.36
C GLU C 135 18.26 -33.29 -22.16
N THR C 136 18.84 -33.79 -23.25
CA THR C 136 19.61 -35.03 -23.24
C THR C 136 21.06 -34.68 -23.53
N ALA C 137 21.89 -34.65 -22.49
CA ALA C 137 23.30 -34.29 -22.62
C ALA C 137 24.16 -35.51 -22.38
N PRO C 138 25.03 -35.88 -23.33
CA PRO C 138 25.91 -37.05 -23.11
C PRO C 138 27.02 -36.81 -22.10
N GLU C 139 27.16 -35.58 -21.60
CA GLU C 139 28.21 -35.28 -20.63
C GLU C 139 27.83 -34.01 -19.88
N VAL C 140 27.83 -34.08 -18.54
CA VAL C 140 27.58 -32.95 -17.68
C VAL C 140 28.48 -33.05 -16.47
N THR C 141 28.65 -31.92 -15.78
CA THR C 141 29.35 -31.85 -14.51
C THR C 141 28.44 -31.21 -13.47
N LEU C 142 28.99 -30.99 -12.28
CA LEU C 142 28.20 -30.46 -11.18
C LEU C 142 28.04 -28.94 -11.26
N LEU C 143 28.63 -28.29 -12.25
CA LEU C 143 28.54 -26.84 -12.41
C LEU C 143 27.68 -26.41 -13.59
N ASN C 144 27.78 -27.10 -14.72
CA ASN C 144 27.08 -26.71 -15.93
C ASN C 144 25.69 -27.31 -16.03
N SER C 145 25.27 -28.11 -15.05
CA SER C 145 23.98 -28.77 -15.11
C SER C 145 23.32 -28.65 -13.74
N ARG C 146 22.30 -29.47 -13.51
CA ARG C 146 21.56 -29.50 -12.25
C ARG C 146 21.56 -30.88 -11.63
N ILE C 147 22.56 -31.72 -11.96
CA ILE C 147 22.61 -33.07 -11.42
C ILE C 147 22.80 -33.04 -9.91
N ILE C 148 23.38 -31.96 -9.38
CA ILE C 148 23.52 -31.83 -7.93
C ILE C 148 22.20 -31.56 -7.25
N TYR C 149 21.12 -31.34 -8.01
CA TYR C 149 19.80 -31.11 -7.45
C TYR C 149 18.98 -32.39 -7.34
N THR C 150 19.59 -33.54 -7.64
CA THR C 150 18.92 -34.82 -7.44
C THR C 150 19.97 -35.84 -7.02
N LEU C 151 19.78 -36.42 -5.83
CA LEU C 151 20.78 -37.32 -5.25
C LEU C 151 20.17 -38.67 -4.88
N SER C 152 19.06 -39.05 -5.51
CA SER C 152 18.51 -40.36 -5.25
C SER C 152 19.21 -41.43 -6.08
N PRO C 153 19.31 -42.67 -5.59
CA PRO C 153 19.97 -43.74 -6.35
C PRO C 153 19.18 -44.25 -7.54
N THR C 154 18.03 -43.65 -7.87
CA THR C 154 17.21 -44.05 -9.02
C THR C 154 17.86 -43.66 -10.34
N LYS C 155 19.12 -44.05 -10.52
CA LYS C 155 19.89 -43.72 -11.72
C LYS C 155 20.61 -44.99 -12.15
N ILE C 156 21.46 -44.86 -13.17
CA ILE C 156 22.23 -45.97 -13.69
C ILE C 156 23.71 -45.70 -13.43
N TYR C 157 24.33 -46.57 -12.65
CA TYR C 157 25.74 -46.43 -12.29
C TYR C 157 26.53 -47.62 -12.84
N ARG C 158 27.83 -47.39 -13.04
CA ARG C 158 28.72 -48.46 -13.44
C ARG C 158 29.16 -49.25 -12.21
N THR C 159 29.13 -50.58 -12.33
CA THR C 159 29.45 -51.43 -11.19
C THR C 159 30.91 -51.28 -10.77
N ALA C 160 31.82 -51.18 -11.74
CA ALA C 160 33.22 -50.96 -11.41
C ALA C 160 33.46 -49.58 -10.82
N LEU C 161 32.65 -48.60 -11.21
CA LEU C 161 32.79 -47.26 -10.66
C LEU C 161 32.50 -47.22 -9.17
N LEU C 162 31.56 -48.05 -8.70
CA LEU C 162 31.19 -48.06 -7.28
C LEU C 162 31.97 -49.10 -6.48
N LYS C 163 32.49 -50.14 -7.13
CA LYS C 163 33.27 -51.15 -6.42
C LYS C 163 34.74 -50.78 -6.31
N ASP C 164 35.31 -50.13 -7.32
CA ASP C 164 36.73 -49.75 -7.26
C ASP C 164 36.93 -48.60 -6.28
N ASN C 165 36.08 -47.57 -6.35
CA ASN C 165 36.21 -46.40 -5.48
C ASN C 165 35.57 -46.60 -4.12
N ASP C 166 35.07 -47.80 -3.81
CA ASP C 166 34.39 -48.08 -2.56
C ASP C 166 33.23 -47.12 -2.33
N ILE C 167 32.09 -47.41 -2.96
CA ILE C 167 30.90 -46.57 -2.86
C ILE C 167 29.75 -47.49 -2.44
N TYR C 168 29.45 -47.51 -1.15
CA TYR C 168 28.35 -48.29 -0.62
C TYR C 168 27.48 -47.40 0.26
N PHE C 169 26.26 -47.86 0.50
CA PHE C 169 25.30 -47.07 1.27
C PHE C 169 25.66 -47.12 2.75
N PRO C 170 25.76 -45.99 3.42
CA PRO C 170 26.04 -46.00 4.86
C PRO C 170 24.91 -46.64 5.65
N GLU C 171 25.14 -47.86 6.13
CA GLU C 171 24.09 -48.61 6.82
C GLU C 171 23.73 -47.97 8.16
N GLU C 172 24.73 -47.43 8.87
CA GLU C 172 24.51 -46.92 10.21
C GLU C 172 23.74 -45.60 10.21
N LEU C 173 23.78 -44.85 9.12
CA LEU C 173 23.14 -43.54 9.04
C LEU C 173 21.88 -43.70 8.18
N LYS C 174 20.73 -43.77 8.84
CA LYS C 174 19.46 -44.02 8.16
C LYS C 174 18.82 -42.75 7.60
N SER C 175 19.44 -41.59 7.77
CA SER C 175 18.85 -40.30 7.39
C SER C 175 19.57 -39.76 6.15
N ALA C 176 18.86 -39.71 5.03
CA ALA C 176 19.39 -39.19 3.77
C ALA C 176 20.69 -39.88 3.39
N GLU C 177 20.74 -41.20 3.59
CA GLU C 177 21.91 -41.98 3.25
C GLU C 177 22.17 -42.01 1.74
N ASP C 178 21.17 -41.68 0.93
CA ASP C 178 21.32 -41.70 -0.51
C ASP C 178 22.08 -40.50 -1.06
N GLN C 179 22.08 -39.37 -0.35
CA GLN C 179 22.72 -38.18 -0.87
C GLN C 179 24.25 -38.33 -0.92
N LEU C 180 24.80 -39.18 -0.06
CA LEU C 180 26.24 -39.45 -0.11
C LEU C 180 26.58 -40.44 -1.22
N PHE C 181 25.67 -41.36 -1.53
CA PHE C 181 25.96 -42.37 -2.55
C PHE C 181 26.09 -41.73 -3.93
N THR C 182 25.23 -40.76 -4.24
CA THR C 182 25.27 -40.14 -5.55
C THR C 182 26.41 -39.13 -5.67
N MET C 183 26.65 -38.34 -4.61
CA MET C 183 27.72 -37.35 -4.66
C MET C 183 29.07 -38.01 -4.79
N LYS C 184 29.26 -39.15 -4.12
CA LYS C 184 30.48 -39.92 -4.32
C LYS C 184 30.58 -40.41 -5.76
N ALA C 185 29.44 -40.73 -6.38
CA ALA C 185 29.46 -41.12 -7.78
C ALA C 185 29.72 -39.93 -8.69
N TYR C 186 29.16 -38.76 -8.33
CA TYR C 186 29.34 -37.57 -9.16
C TYR C 186 30.78 -37.10 -9.16
N LEU C 187 31.43 -37.11 -8.00
CA LEU C 187 32.81 -36.65 -7.91
C LEU C 187 33.78 -37.64 -8.54
N ASN C 188 33.42 -38.93 -8.57
CA ASN C 188 34.31 -39.96 -9.06
C ASN C 188 33.96 -40.46 -10.45
N ALA C 189 32.85 -39.99 -11.04
CA ALA C 189 32.52 -40.34 -12.41
C ALA C 189 33.28 -39.47 -13.38
N ASN C 190 34.00 -40.11 -14.32
CA ASN C 190 34.73 -39.36 -15.32
C ASN C 190 33.80 -38.69 -16.33
N ARG C 191 32.58 -39.22 -16.49
CA ARG C 191 31.60 -38.60 -17.37
C ARG C 191 30.21 -38.91 -16.83
N ILE C 192 29.41 -37.86 -16.63
CA ILE C 192 28.05 -37.97 -16.14
C ILE C 192 27.10 -37.65 -17.29
N SER C 193 26.15 -38.55 -17.52
CA SER C 193 25.23 -38.42 -18.64
C SER C 193 23.80 -38.26 -18.14
N VAL C 194 23.01 -37.48 -18.88
CA VAL C 194 21.60 -37.25 -18.59
C VAL C 194 20.79 -37.68 -19.80
N LEU C 195 19.84 -38.58 -19.57
CA LEU C 195 18.97 -39.10 -20.63
C LEU C 195 17.56 -38.57 -20.41
N SER C 196 16.98 -37.97 -21.44
CA SER C 196 15.67 -37.35 -21.33
C SER C 196 14.92 -37.44 -22.66
N ASP C 197 14.79 -38.66 -23.19
CA ASP C 197 13.99 -38.88 -24.39
C ASP C 197 12.54 -39.23 -24.08
N LYS C 198 12.28 -39.83 -22.93
CA LYS C 198 10.93 -40.21 -22.52
C LYS C 198 10.91 -40.41 -21.02
N ALA C 199 9.82 -40.94 -20.50
CA ALA C 199 9.67 -41.22 -19.07
C ALA C 199 10.16 -42.64 -18.80
N TYR C 200 11.20 -42.76 -17.98
CA TYR C 200 11.82 -44.05 -17.66
C TYR C 200 11.46 -44.50 -16.25
N TYR C 201 11.93 -43.78 -15.22
CA TYR C 201 11.67 -44.15 -13.83
C TYR C 201 10.36 -43.50 -13.37
N TYR C 202 9.49 -44.30 -12.76
CA TYR C 202 8.18 -43.85 -12.29
C TYR C 202 8.11 -44.04 -10.79
N ALA C 203 8.31 -42.95 -10.03
CA ALA C 203 8.27 -43.06 -8.58
C ALA C 203 6.84 -42.99 -8.06
N THR C 204 6.64 -43.49 -6.85
CA THR C 204 5.34 -43.49 -6.21
C THR C 204 5.27 -42.46 -5.08
N VAL C 216 12.97 -38.25 14.11
CA VAL C 216 14.27 -38.84 14.40
C VAL C 216 15.27 -37.77 14.87
N SER C 217 16.39 -38.22 15.41
CA SER C 217 17.43 -37.30 15.87
C SER C 217 18.21 -36.76 14.68
N PRO C 218 18.39 -35.43 14.64
CA PRO C 218 19.10 -34.81 13.51
C PRO C 218 20.60 -35.08 13.53
N GLU C 219 21.04 -35.96 14.43
CA GLU C 219 22.46 -36.29 14.49
C GLU C 219 22.93 -36.93 13.19
N ASP C 220 22.36 -38.08 12.85
CA ASP C 220 22.78 -38.81 11.66
C ASP C 220 22.52 -38.03 10.38
N PHE C 221 21.58 -37.09 10.40
CA PHE C 221 21.30 -36.31 9.19
C PHE C 221 22.43 -35.33 8.90
N TYR C 222 22.81 -34.54 9.89
CA TYR C 222 23.87 -33.57 9.67
C TYR C 222 25.24 -34.22 9.56
N GLU C 223 25.37 -35.49 9.96
CA GLU C 223 26.62 -36.19 9.71
C GLU C 223 26.76 -36.53 8.24
N VAL C 224 25.67 -36.96 7.59
CA VAL C 224 25.73 -37.26 6.16
C VAL C 224 26.08 -36.00 5.38
N MET C 225 25.51 -34.87 5.78
CA MET C 225 25.83 -33.61 5.10
C MET C 225 27.31 -33.27 5.25
N ARG C 226 27.88 -33.51 6.43
CA ARG C 226 29.30 -33.27 6.62
C ARG C 226 30.14 -34.20 5.77
N LEU C 227 29.69 -35.44 5.59
CA LEU C 227 30.40 -36.38 4.73
C LEU C 227 30.44 -35.88 3.29
N ILE C 228 29.37 -35.20 2.84
CA ILE C 228 29.33 -34.71 1.47
C ILE C 228 30.25 -33.50 1.30
N ALA C 229 30.27 -32.61 2.29
CA ALA C 229 31.19 -31.48 2.23
C ALA C 229 32.64 -31.94 2.25
N VAL C 230 32.94 -33.05 2.94
CA VAL C 230 34.31 -33.56 2.99
C VAL C 230 34.68 -34.27 1.69
N GLU C 231 33.73 -35.01 1.11
CA GLU C 231 34.00 -35.70 -0.15
C GLU C 231 34.29 -34.73 -1.28
N ILE C 232 33.65 -33.55 -1.26
CA ILE C 232 33.87 -32.56 -2.31
C ILE C 232 35.24 -31.93 -2.17
N LEU C 233 35.66 -31.63 -0.93
CA LEU C 233 36.96 -31.00 -0.73
C LEU C 233 38.11 -31.94 -1.02
N ASN C 234 37.91 -33.25 -0.85
CA ASN C 234 38.94 -34.25 -1.05
C ASN C 234 38.83 -34.98 -2.38
N ALA C 235 37.93 -34.54 -3.25
CA ALA C 235 37.81 -35.17 -4.57
C ALA C 235 38.98 -34.77 -5.45
N ASP C 236 39.07 -35.41 -6.60
CA ASP C 236 40.16 -35.16 -7.55
C ASP C 236 39.69 -34.12 -8.57
N LEU C 237 39.44 -32.91 -8.07
CA LEU C 237 39.00 -31.80 -8.90
C LEU C 237 39.81 -30.56 -8.55
N GLU C 238 39.59 -29.49 -9.32
CA GLU C 238 40.28 -28.24 -9.09
C GLU C 238 39.70 -27.55 -7.86
N GLU C 239 40.57 -26.85 -7.13
CA GLU C 239 40.15 -26.23 -5.87
C GLU C 239 39.05 -25.20 -6.08
N ALA C 240 39.16 -24.38 -7.15
CA ALA C 240 38.09 -23.43 -7.45
C ALA C 240 36.79 -24.15 -7.74
N HIS C 241 36.86 -25.31 -8.39
CA HIS C 241 35.66 -26.10 -8.68
C HIS C 241 35.13 -26.81 -7.45
N LYS C 242 35.96 -27.03 -6.44
CA LYS C 242 35.51 -27.75 -5.24
C LYS C 242 34.54 -26.91 -4.43
N ASP C 243 34.83 -25.63 -4.27
CA ASP C 243 33.96 -24.78 -3.47
C ASP C 243 32.70 -24.37 -4.23
N GLN C 244 32.78 -24.26 -5.56
CA GLN C 244 31.59 -23.95 -6.33
C GLN C 244 30.62 -25.13 -6.32
N ILE C 245 31.14 -26.36 -6.37
CA ILE C 245 30.29 -27.53 -6.20
C ILE C 245 29.74 -27.58 -4.78
N LEU C 246 30.56 -27.23 -3.80
CA LEU C 246 30.07 -27.19 -2.43
C LEU C 246 29.12 -26.03 -2.21
N ALA C 247 29.25 -24.97 -3.02
CA ALA C 247 28.35 -23.83 -2.86
C ALA C 247 26.95 -24.18 -3.35
N GLU C 248 26.84 -24.72 -4.57
CA GLU C 248 25.54 -25.12 -5.08
C GLU C 248 24.92 -26.21 -4.22
N PHE C 249 25.73 -26.98 -3.51
CA PHE C 249 25.19 -27.95 -2.57
C PHE C 249 24.59 -27.26 -1.35
N LEU C 250 25.25 -26.20 -0.88
CA LEU C 250 24.66 -25.39 0.18
C LEU C 250 23.51 -24.54 -0.34
N ASN C 251 23.55 -24.16 -1.62
CA ASN C 251 22.41 -23.47 -2.22
C ASN C 251 21.16 -24.35 -2.18
N ARG C 252 21.33 -25.67 -2.23
CA ARG C 252 20.22 -26.60 -2.24
C ARG C 252 19.82 -27.05 -0.84
N HIS C 253 20.80 -27.29 0.03
CA HIS C 253 20.51 -27.75 1.38
C HIS C 253 19.74 -26.69 2.17
N PHE C 254 20.26 -25.46 2.20
CA PHE C 254 19.61 -24.40 2.98
C PHE C 254 18.36 -23.85 2.31
N SER C 255 17.92 -24.43 1.20
CA SER C 255 16.72 -23.94 0.53
C SER C 255 15.62 -24.99 0.41
N PHE C 256 15.98 -26.28 0.32
CA PHE C 256 14.99 -27.32 0.08
C PHE C 256 15.03 -28.48 1.07
N SER C 257 16.00 -28.52 1.97
CA SER C 257 16.07 -29.58 2.96
C SER C 257 15.34 -29.19 4.24
N ARG C 258 15.42 -30.06 5.23
CA ARG C 258 14.75 -29.79 6.50
C ARG C 258 15.42 -28.68 7.29
N THR C 259 16.63 -28.27 6.89
CA THR C 259 17.30 -27.16 7.57
C THR C 259 16.59 -25.85 7.31
N ASN C 260 15.92 -25.73 6.17
CA ASN C 260 15.24 -24.49 5.78
C ASN C 260 14.15 -24.11 6.78
N GLY C 261 14.51 -23.32 7.79
CA GLY C 261 13.53 -22.81 8.73
C GLY C 261 13.25 -23.71 9.92
N PHE C 262 14.24 -24.48 10.38
CA PHE C 262 14.00 -25.38 11.50
C PHE C 262 13.80 -24.60 12.81
N SER C 263 14.46 -23.45 12.96
CA SER C 263 14.26 -22.65 14.16
C SER C 263 12.85 -22.11 14.27
N LEU C 264 12.06 -22.19 13.21
CA LEU C 264 10.67 -21.76 13.23
C LEU C 264 9.73 -22.90 13.65
N LYS C 265 10.03 -24.12 13.20
CA LYS C 265 9.14 -25.27 13.37
C LYS C 265 9.57 -26.20 14.48
N VAL C 266 10.86 -26.50 14.59
CA VAL C 266 11.34 -27.46 15.58
C VAL C 266 11.11 -26.88 16.97
N LYS C 267 10.73 -27.76 17.91
CA LYS C 267 10.52 -27.37 19.29
C LYS C 267 11.73 -26.63 19.83
N LEU C 268 11.47 -25.60 20.64
CA LEU C 268 12.56 -24.79 21.18
C LEU C 268 13.47 -25.59 22.10
N GLU C 269 12.99 -26.72 22.64
CA GLU C 269 13.84 -27.56 23.47
C GLU C 269 14.84 -28.34 22.62
N GLU C 270 14.47 -28.72 21.40
CA GLU C 270 15.30 -29.54 20.54
C GLU C 270 16.16 -28.72 19.58
N GLN C 271 16.01 -27.40 19.58
CA GLN C 271 16.82 -26.56 18.71
C GLN C 271 18.29 -26.53 19.14
N PRO C 272 18.60 -26.56 20.44
CA PRO C 272 20.01 -26.75 20.82
C PRO C 272 20.62 -28.02 20.25
N GLN C 273 19.83 -29.08 20.08
CA GLN C 273 20.34 -30.30 19.45
C GLN C 273 20.57 -30.09 17.95
N TRP C 274 19.78 -29.23 17.32
CA TRP C 274 19.91 -28.99 15.89
C TRP C 274 21.10 -28.11 15.57
N ILE C 275 21.22 -26.96 16.25
CA ILE C 275 22.27 -26.00 15.91
C ILE C 275 23.64 -26.60 16.15
N ASN C 276 23.76 -27.58 17.05
CA ASN C 276 25.04 -28.22 17.30
C ASN C 276 25.40 -29.19 16.19
N ALA C 277 24.48 -30.11 15.86
CA ALA C 277 24.73 -31.05 14.77
C ALA C 277 24.92 -30.32 13.46
N LEU C 278 24.09 -29.31 13.18
CA LEU C 278 24.30 -28.47 12.01
C LEU C 278 25.59 -27.67 12.14
N GLY C 279 26.00 -27.36 13.37
CA GLY C 279 27.20 -26.56 13.56
C GLY C 279 28.45 -27.24 13.07
N ASP C 280 28.62 -28.53 13.40
CA ASP C 280 29.78 -29.27 12.93
C ASP C 280 29.76 -29.46 11.42
N PHE C 281 28.58 -29.43 10.79
CA PHE C 281 28.52 -29.54 9.34
C PHE C 281 29.07 -28.29 8.68
N ILE C 282 28.61 -27.12 9.11
CA ILE C 282 29.08 -25.88 8.51
C ILE C 282 30.52 -25.58 8.91
N GLN C 283 30.93 -26.01 10.11
CA GLN C 283 32.32 -25.87 10.50
C GLN C 283 33.23 -26.69 9.59
N ALA C 284 32.72 -27.77 9.00
CA ALA C 284 33.49 -28.54 8.03
C ALA C 284 33.59 -27.84 6.69
N VAL C 285 32.77 -26.82 6.44
CA VAL C 285 32.86 -26.03 5.22
C VAL C 285 33.75 -24.83 5.49
N PRO C 286 34.74 -24.55 4.65
CA PRO C 286 35.60 -23.38 4.88
C PRO C 286 34.83 -22.08 4.80
N GLU C 287 35.32 -21.08 5.52
CA GLU C 287 34.67 -19.77 5.52
C GLU C 287 34.89 -19.02 4.21
N ARG C 288 35.79 -19.49 3.36
CA ARG C 288 35.97 -18.88 2.06
C ARG C 288 34.83 -19.21 1.09
N VAL C 289 34.09 -20.29 1.37
CA VAL C 289 32.97 -20.68 0.51
C VAL C 289 31.76 -19.77 0.71
N ASP C 290 31.72 -19.01 1.81
CA ASP C 290 30.56 -18.17 2.10
C ASP C 290 30.33 -17.12 1.02
N ALA C 291 31.39 -16.70 0.34
CA ALA C 291 31.26 -15.71 -0.73
C ALA C 291 30.59 -16.28 -1.98
N LEU C 292 30.45 -17.60 -2.09
CA LEU C 292 29.85 -18.23 -3.26
C LEU C 292 28.42 -18.70 -3.02
N VAL C 293 28.09 -19.11 -1.80
CA VAL C 293 26.72 -19.46 -1.48
C VAL C 293 25.83 -18.23 -1.62
N MET C 294 24.52 -18.47 -1.75
CA MET C 294 23.57 -17.38 -1.92
C MET C 294 23.69 -16.40 -0.75
N SER C 295 23.52 -15.11 -1.06
CA SER C 295 23.80 -14.06 -0.10
C SER C 295 22.85 -14.10 1.10
N LYS C 296 21.63 -14.58 0.91
CA LYS C 296 20.70 -14.66 2.04
C LYS C 296 21.00 -15.83 2.96
N LEU C 297 21.92 -16.71 2.57
CA LEU C 297 22.33 -17.84 3.40
C LEU C 297 23.59 -17.58 4.22
N ARG C 298 24.38 -16.55 3.85
CA ARG C 298 25.57 -16.25 4.64
C ARG C 298 25.26 -15.97 6.10
N PRO C 299 24.22 -15.21 6.47
CA PRO C 299 23.90 -15.08 7.90
C PRO C 299 23.55 -16.40 8.57
N LEU C 300 23.08 -17.38 7.82
CA LEU C 300 22.91 -18.71 8.39
C LEU C 300 24.23 -19.47 8.48
N LEU C 301 25.20 -19.12 7.65
CA LEU C 301 26.49 -19.79 7.69
C LEU C 301 27.36 -19.29 8.85
N HIS C 302 27.24 -18.01 9.18
CA HIS C 302 28.04 -17.47 10.29
C HIS C 302 27.49 -17.94 11.63
N TYR C 303 26.17 -17.95 11.78
CA TYR C 303 25.56 -18.38 13.03
C TYR C 303 25.51 -19.90 13.18
N ALA C 304 25.88 -20.64 12.15
CA ALA C 304 25.96 -22.08 12.30
C ALA C 304 27.31 -22.49 12.88
N ARG C 305 28.39 -21.86 12.42
CA ARG C 305 29.71 -22.16 12.96
C ARG C 305 29.83 -21.71 14.41
N ALA C 306 29.30 -20.52 14.73
CA ALA C 306 29.28 -20.06 16.11
C ALA C 306 28.27 -20.81 16.97
N LYS C 307 27.39 -21.62 16.36
CA LYS C 307 26.38 -22.40 17.07
C LYS C 307 25.48 -21.52 17.93
N ASP C 308 25.27 -20.29 17.51
CA ASP C 308 24.45 -19.33 18.25
C ASP C 308 23.01 -19.47 17.76
N ILE C 309 22.22 -20.27 18.47
CA ILE C 309 20.87 -20.59 18.02
C ILE C 309 19.96 -19.38 18.15
N ASP C 310 20.14 -18.58 19.21
CA ASP C 310 19.30 -17.42 19.40
C ASP C 310 19.46 -16.43 18.26
N ASN C 311 20.70 -16.12 17.90
CA ASN C 311 20.93 -15.27 16.73
C ASN C 311 20.60 -15.98 15.43
N TYR C 312 20.50 -17.30 15.44
CA TYR C 312 20.10 -18.00 14.23
C TYR C 312 18.58 -18.00 14.05
N ARG C 313 17.84 -18.15 15.16
CA ARG C 313 16.39 -18.12 15.08
C ARG C 313 15.89 -16.75 14.64
N THR C 314 16.64 -15.69 14.95
CA THR C 314 16.20 -14.35 14.60
C THR C 314 16.39 -14.05 13.12
N VAL C 315 17.46 -14.59 12.51
CA VAL C 315 17.70 -14.34 11.08
C VAL C 315 16.55 -14.90 10.25
N GLU C 316 16.03 -16.06 10.61
CA GLU C 316 14.90 -16.62 9.87
C GLU C 316 13.62 -15.86 10.17
N GLU C 317 13.41 -15.46 11.43
CA GLU C 317 12.25 -14.66 11.78
C GLU C 317 12.33 -13.28 11.14
N SER C 318 13.52 -12.77 10.88
CA SER C 318 13.66 -11.50 10.18
C SER C 318 13.38 -11.64 8.69
N TYR C 319 13.39 -12.87 8.17
CA TYR C 319 13.09 -13.09 6.76
C TYR C 319 11.61 -13.30 6.50
N ARG C 320 10.95 -14.08 7.36
CA ARG C 320 9.55 -14.39 7.14
C ARG C 320 8.68 -13.15 7.30
N GLN C 321 8.90 -12.37 8.35
CA GLN C 321 8.10 -11.18 8.60
C GLN C 321 8.75 -9.90 8.09
N GLY C 322 9.97 -9.97 7.56
CA GLY C 322 10.62 -8.80 7.01
C GLY C 322 10.86 -7.65 7.96
N GLN C 323 11.18 -7.95 9.22
CA GLN C 323 11.53 -6.93 10.20
C GLN C 323 12.99 -7.12 10.62
N TYR C 324 13.78 -6.05 10.52
CA TYR C 324 15.19 -6.07 10.89
C TYR C 324 15.48 -5.01 11.93
N TYR C 325 16.56 -5.23 12.69
CA TYR C 325 16.93 -4.31 13.78
C TYR C 325 17.53 -3.02 13.24
N ARG C 326 18.39 -3.14 12.23
CA ARG C 326 19.00 -1.97 11.59
C ARG C 326 19.46 -2.40 10.21
N PHE C 327 19.17 -1.57 9.20
CA PHE C 327 19.50 -1.91 7.82
C PHE C 327 19.49 -0.65 6.98
N ASP C 328 20.25 -0.69 5.89
CA ASP C 328 20.22 0.32 4.85
C ASP C 328 20.44 -0.38 3.52
N ILE C 329 19.98 0.24 2.45
CA ILE C 329 19.98 -0.38 1.13
C ILE C 329 21.10 0.26 0.31
N VAL C 330 21.81 -0.57 -0.45
CA VAL C 330 22.82 -0.11 -1.42
C VAL C 330 22.59 -0.91 -2.69
N ASP C 331 21.76 -0.40 -3.59
CA ASP C 331 21.46 -0.95 -4.92
C ASP C 331 20.93 -2.38 -4.82
N GLY C 332 19.61 -2.51 -4.60
CA GLY C 332 18.94 -3.79 -4.58
C GLY C 332 19.53 -4.80 -3.62
N LYS C 333 20.46 -4.35 -2.79
CA LYS C 333 21.16 -5.21 -1.84
C LYS C 333 21.30 -4.46 -0.52
N LEU C 334 20.91 -5.11 0.56
CA LEU C 334 20.86 -4.50 1.88
C LEU C 334 22.06 -4.92 2.72
N ASN C 335 22.21 -4.25 3.86
CA ASN C 335 23.25 -4.50 4.85
C ASN C 335 22.55 -4.64 6.19
N ILE C 336 22.34 -5.87 6.65
CA ILE C 336 21.46 -6.16 7.77
C ILE C 336 22.29 -6.33 9.03
N GLN C 337 21.78 -5.78 10.13
CA GLN C 337 22.32 -6.02 11.47
C GLN C 337 21.18 -6.64 12.27
N PHE C 338 21.23 -7.96 12.48
CA PHE C 338 20.10 -8.66 13.08
C PHE C 338 19.96 -8.41 14.58
N ASN C 339 20.90 -7.73 15.22
CA ASN C 339 20.79 -7.50 16.65
C ASN C 339 21.82 -6.46 17.08
N GLU C 340 21.57 -5.84 18.24
CA GLU C 340 22.46 -4.82 18.78
C GLU C 340 23.82 -5.44 19.10
N GLY C 341 24.77 -5.27 18.18
CA GLY C 341 26.12 -5.74 18.36
C GLY C 341 26.57 -6.77 17.33
N GLU C 342 25.65 -7.42 16.64
CA GLU C 342 26.04 -8.41 15.66
C GLU C 342 26.68 -7.74 14.44
N PRO C 343 27.56 -8.44 13.74
CA PRO C 343 28.24 -7.82 12.59
C PRO C 343 27.28 -7.54 11.45
N TYR C 344 27.78 -6.81 10.46
CA TYR C 344 26.98 -6.38 9.32
C TYR C 344 27.26 -7.31 8.14
N PHE C 345 26.23 -8.06 7.73
CA PHE C 345 26.31 -8.86 6.52
C PHE C 345 25.98 -7.97 5.33
N GLU C 346 26.94 -7.81 4.44
CA GLU C 346 26.78 -6.93 3.28
C GLU C 346 26.58 -7.73 2.00
N GLY C 347 26.02 -7.06 1.00
CA GLY C 347 25.76 -7.69 -0.29
C GLY C 347 24.71 -8.78 -0.22
N ILE C 348 23.59 -8.52 0.44
CA ILE C 348 22.50 -9.48 0.60
C ILE C 348 21.44 -9.22 -0.47
N ASP C 349 21.01 -10.29 -1.14
CA ASP C 349 19.94 -10.18 -2.12
C ASP C 349 18.88 -11.26 -1.89
N LYS C 352 19.47 -6.25 -6.88
CA LYS C 352 18.15 -5.99 -7.44
C LYS C 352 17.28 -7.23 -7.35
N PRO C 353 16.03 -7.06 -6.94
CA PRO C 353 15.14 -8.23 -6.79
C PRO C 353 14.79 -8.86 -8.13
N LYS C 354 14.89 -10.20 -8.18
CA LYS C 354 14.60 -10.93 -9.41
C LYS C 354 13.11 -10.94 -9.69
N VAL C 355 12.74 -10.80 -10.96
CA VAL C 355 11.35 -10.70 -11.38
C VAL C 355 11.10 -11.70 -12.51
N LYS C 356 10.06 -12.52 -12.35
CA LYS C 356 9.66 -13.49 -13.37
C LYS C 356 8.19 -13.31 -13.70
N MET C 357 7.88 -13.19 -14.99
CA MET C 357 6.52 -12.95 -15.47
C MET C 357 5.80 -14.29 -15.57
N THR C 358 5.10 -14.65 -14.50
CA THR C 358 4.48 -15.97 -14.40
C THR C 358 3.19 -16.08 -15.18
N ALA C 359 2.57 -14.95 -15.57
CA ALA C 359 1.35 -14.99 -16.34
C ALA C 359 1.25 -13.73 -17.19
N PHE C 360 0.58 -13.85 -18.33
CA PHE C 360 0.45 -12.72 -19.25
C PHE C 360 -0.77 -12.99 -20.14
N LYS C 361 -1.88 -12.32 -19.82
CA LYS C 361 -3.10 -12.40 -20.60
C LYS C 361 -3.57 -10.99 -20.94
N PHE C 362 -4.24 -10.84 -22.07
CA PHE C 362 -4.68 -9.53 -22.54
C PHE C 362 -5.74 -9.70 -23.62
N ASP C 363 -6.37 -8.59 -23.97
CA ASP C 363 -7.34 -8.55 -25.06
C ASP C 363 -7.56 -7.09 -25.44
N ASN C 364 -8.64 -6.81 -26.15
CA ASN C 364 -8.99 -5.45 -26.53
C ASN C 364 -9.60 -4.65 -25.40
N HIS C 365 -9.61 -5.18 -24.18
CA HIS C 365 -10.23 -4.53 -23.02
C HIS C 365 -9.18 -4.19 -21.96
N LYS C 366 -8.43 -5.18 -21.50
CA LYS C 366 -7.45 -4.93 -20.46
C LYS C 366 -6.24 -5.82 -20.71
N ILE C 367 -5.23 -5.65 -19.87
CA ILE C 367 -4.02 -6.47 -19.89
C ILE C 367 -3.77 -6.96 -18.47
N VAL C 368 -3.79 -8.28 -18.28
CA VAL C 368 -3.63 -8.90 -16.97
C VAL C 368 -2.29 -9.61 -16.94
N THR C 369 -1.34 -9.03 -16.21
CA THR C 369 -0.03 -9.63 -16.02
C THR C 369 0.16 -9.99 -14.55
N GLU C 370 1.07 -10.95 -14.32
CA GLU C 370 1.36 -11.42 -12.96
C GLU C 370 2.87 -11.57 -12.83
N LEU C 371 3.50 -10.59 -12.19
CA LEU C 371 4.94 -10.61 -11.95
C LEU C 371 5.21 -11.16 -10.56
N THR C 372 6.10 -12.14 -10.48
CA THR C 372 6.42 -12.81 -9.22
C THR C 372 7.85 -12.48 -8.82
N LEU C 373 8.05 -12.12 -7.55
CA LEU C 373 9.36 -11.81 -7.00
C LEU C 373 9.92 -13.05 -6.33
N ASN C 374 10.84 -13.74 -7.01
CA ASN C 374 11.41 -14.96 -6.44
C ASN C 374 12.37 -14.64 -5.29
N GLU C 375 13.47 -13.95 -5.60
CA GLU C 375 14.55 -13.69 -4.64
C GLU C 375 14.49 -12.23 -4.20
N PHE C 376 13.61 -11.94 -3.24
CA PHE C 376 13.59 -10.65 -2.59
C PHE C 376 13.68 -10.90 -1.09
N MET C 377 14.85 -10.62 -0.54
CA MET C 377 15.10 -10.87 0.88
C MET C 377 14.13 -10.08 1.76
N ILE C 378 13.76 -8.87 1.34
CA ILE C 378 12.90 -8.03 2.16
C ILE C 378 11.54 -8.69 2.32
N GLY C 379 10.93 -8.50 3.47
CA GLY C 379 9.61 -9.01 3.71
C GLY C 379 8.55 -8.18 3.01
N GLU C 380 7.45 -8.83 2.66
CA GLU C 380 6.36 -8.18 1.96
C GLU C 380 5.59 -7.26 2.90
N GLY C 381 5.17 -6.10 2.38
CA GLY C 381 4.37 -5.13 3.12
C GLY C 381 5.11 -3.85 3.48
N HIS C 382 6.43 -3.91 3.58
CA HIS C 382 7.23 -2.73 3.93
C HIS C 382 7.72 -1.96 2.72
N TYR C 383 7.41 -2.44 1.52
CA TYR C 383 7.84 -1.83 0.27
C TYR C 383 6.66 -1.74 -0.69
N ASP C 384 6.66 -0.70 -1.51
CA ASP C 384 5.62 -0.45 -2.51
C ASP C 384 6.15 -0.72 -3.91
N VAL C 385 5.32 -1.35 -4.74
CA VAL C 385 5.69 -1.68 -6.10
C VAL C 385 4.66 -1.09 -7.05
N ARG C 386 5.14 -0.69 -8.23
CA ARG C 386 4.29 -0.17 -9.29
C ARG C 386 4.84 -0.63 -10.62
N LEU C 387 3.95 -0.89 -11.57
CA LEU C 387 4.32 -1.37 -12.89
C LEU C 387 4.58 -0.18 -13.81
N LYS C 388 5.81 -0.08 -14.32
CA LYS C 388 6.23 1.06 -15.12
C LYS C 388 6.22 0.70 -16.60
N LEU C 389 5.66 1.59 -17.42
CA LEU C 389 5.62 1.45 -18.87
C LEU C 389 6.42 2.60 -19.47
N HIS C 390 7.70 2.36 -19.65
CA HIS C 390 8.63 3.39 -20.08
C HIS C 390 8.75 3.41 -21.59
N SER C 391 8.82 4.61 -22.16
CA SER C 391 9.02 4.72 -23.59
C SER C 391 10.46 4.38 -23.96
N ARG C 392 10.70 4.20 -25.25
CA ARG C 392 12.04 3.85 -25.71
C ARG C 392 12.98 5.05 -25.63
N ASN C 393 12.50 6.25 -25.98
CA ASN C 393 13.31 7.45 -25.94
C ASN C 393 13.44 8.04 -24.54
N LYS C 394 12.93 7.36 -23.53
CA LYS C 394 13.03 7.79 -22.13
C LYS C 394 12.41 9.17 -21.90
N LYS C 395 11.37 9.51 -22.68
CA LYS C 395 10.62 10.74 -22.48
C LYS C 395 9.33 10.50 -21.71
N HIS C 396 8.43 9.69 -22.26
CA HIS C 396 7.15 9.40 -21.64
C HIS C 396 7.20 8.09 -20.87
N THR C 397 6.36 7.98 -19.84
CA THR C 397 6.23 6.76 -19.06
C THR C 397 4.78 6.60 -18.62
N MET C 398 4.51 5.49 -17.92
CA MET C 398 3.19 5.18 -17.41
C MET C 398 3.33 4.23 -16.24
N TYR C 399 2.61 4.49 -15.15
CA TYR C 399 2.66 3.69 -13.93
C TYR C 399 1.27 3.15 -13.62
N VAL C 400 1.15 1.84 -13.57
CA VAL C 400 -0.10 1.16 -13.25
C VAL C 400 0.02 0.59 -11.83
N PRO C 401 -0.87 0.92 -10.91
CA PRO C 401 -0.73 0.42 -9.54
C PRO C 401 -1.05 -1.06 -9.42
N LEU C 402 -0.67 -1.61 -8.28
CA LEU C 402 -0.88 -3.03 -8.01
C LEU C 402 -2.37 -3.31 -7.84
N SER C 403 -2.90 -4.24 -8.66
CA SER C 403 -4.31 -4.58 -8.56
C SER C 403 -4.57 -5.52 -7.39
N VAL C 404 -3.76 -6.57 -7.24
CA VAL C 404 -3.91 -7.53 -6.15
C VAL C 404 -2.62 -8.32 -6.08
N ASN C 405 -2.26 -8.77 -4.88
CA ASN C 405 -1.05 -9.55 -4.68
C ASN C 405 -1.27 -10.63 -3.64
N ALA C 406 -0.58 -11.75 -3.83
CA ALA C 406 -0.59 -12.85 -2.87
C ALA C 406 0.84 -13.33 -2.70
N ASN C 407 1.35 -13.20 -1.47
CA ASN C 407 2.75 -13.48 -1.13
C ASN C 407 3.61 -12.57 -1.99
N LYS C 408 4.47 -13.09 -2.87
CA LYS C 408 5.27 -12.27 -3.76
C LYS C 408 4.85 -12.48 -5.21
N GLN C 409 3.54 -12.56 -5.43
CA GLN C 409 2.96 -12.63 -6.78
C GLN C 409 2.08 -11.40 -6.95
N TYR C 410 2.55 -10.44 -7.75
CA TYR C 410 1.86 -9.17 -7.93
C TYR C 410 1.18 -9.14 -9.30
N ARG C 411 -0.14 -8.94 -9.29
CA ARG C 411 -0.94 -8.92 -10.50
C ARG C 411 -1.37 -7.49 -10.80
N PHE C 412 -1.11 -7.04 -12.02
CA PHE C 412 -1.49 -5.70 -12.46
C PHE C 412 -2.57 -5.80 -13.54
N ASN C 413 -3.59 -4.97 -13.41
CA ASN C 413 -4.67 -4.90 -14.40
C ASN C 413 -4.48 -3.61 -15.18
N ILE C 414 -3.93 -3.73 -16.40
CA ILE C 414 -3.71 -2.58 -17.27
C ILE C 414 -4.95 -2.43 -18.14
N MET C 415 -5.88 -1.58 -17.69
CA MET C 415 -7.08 -1.29 -18.47
C MET C 415 -6.71 -0.41 -19.67
N LEU C 416 -7.14 -0.83 -20.85
CA LEU C 416 -6.76 -0.10 -22.06
C LEU C 416 -7.38 1.30 -22.07
N GLU C 417 -8.65 1.41 -21.66
CA GLU C 417 -9.32 2.70 -21.67
C GLU C 417 -8.57 3.73 -20.85
N ASP C 418 -7.87 3.29 -19.81
CA ASP C 418 -7.11 4.22 -18.98
C ASP C 418 -5.85 4.69 -19.68
N ILE C 419 -5.26 3.85 -20.53
CA ILE C 419 -3.99 4.15 -21.19
C ILE C 419 -4.16 4.38 -22.69
N LYS C 420 -5.40 4.50 -23.17
CA LYS C 420 -5.62 4.75 -24.59
C LYS C 420 -5.11 6.13 -25.01
N ALA C 421 -5.37 7.15 -24.20
CA ALA C 421 -5.00 8.51 -24.52
C ALA C 421 -3.52 8.82 -24.29
N TYR C 422 -2.71 7.81 -23.95
CA TYR C 422 -1.29 8.00 -23.66
C TYR C 422 -0.37 7.18 -24.54
N LEU C 423 -0.87 6.13 -25.19
CA LEU C 423 -0.08 5.27 -26.07
C LEU C 423 0.36 5.98 -27.36
N PRO C 424 -0.51 6.76 -28.03
CA PRO C 424 -0.04 7.46 -29.24
C PRO C 424 1.17 8.35 -29.05
N LYS C 425 1.64 8.55 -27.82
CA LYS C 425 2.84 9.36 -27.61
C LYS C 425 4.07 8.69 -28.22
N GLU C 426 4.18 7.36 -28.09
CA GLU C 426 5.32 6.62 -28.63
C GLU C 426 4.83 5.31 -29.24
N LYS C 427 5.70 4.67 -30.01
CA LYS C 427 5.37 3.37 -30.58
C LYS C 427 6.02 2.20 -29.84
N ILE C 428 7.07 2.46 -29.07
CA ILE C 428 7.77 1.43 -28.31
C ILE C 428 7.65 1.75 -26.83
N TRP C 429 6.95 0.89 -26.09
CA TRP C 429 6.70 1.08 -24.66
C TRP C 429 7.31 -0.10 -23.92
N ASP C 430 8.46 0.13 -23.29
CA ASP C 430 9.11 -0.92 -22.51
C ASP C 430 8.41 -1.11 -21.17
N VAL C 431 8.42 -2.34 -20.69
CA VAL C 431 7.71 -2.73 -19.47
C VAL C 431 8.75 -2.96 -18.39
N PHE C 432 8.88 -1.99 -17.49
CA PHE C 432 9.70 -2.12 -16.30
C PHE C 432 8.81 -2.37 -15.09
N LEU C 433 9.43 -2.84 -14.02
CA LEU C 433 8.76 -2.99 -12.73
C LEU C 433 9.48 -2.14 -11.70
N GLU C 434 8.76 -1.19 -11.10
CA GLU C 434 9.35 -0.28 -10.14
C GLU C 434 9.20 -0.84 -8.73
N VAL C 435 10.30 -0.85 -7.99
CA VAL C 435 10.32 -1.24 -6.58
C VAL C 435 10.83 -0.06 -5.78
N GLN C 436 10.12 0.26 -4.70
CA GLN C 436 10.46 1.42 -3.89
C GLN C 436 10.35 1.06 -2.41
N ILE C 437 11.38 1.43 -1.66
CA ILE C 437 11.44 1.22 -0.22
C ILE C 437 11.83 2.57 0.38
N GLY C 438 10.84 3.36 0.76
CA GLY C 438 11.11 4.69 1.28
C GLY C 438 11.46 5.64 0.16
N THR C 439 12.75 5.84 -0.08
CA THR C 439 13.21 6.72 -1.14
C THR C 439 14.06 6.01 -2.18
N GLU C 440 14.31 4.72 -2.01
CA GLU C 440 15.13 3.97 -2.96
C GLU C 440 14.22 3.33 -3.99
N VAL C 441 14.31 3.81 -5.24
CA VAL C 441 13.51 3.31 -6.34
C VAL C 441 14.37 2.41 -7.21
N PHE C 442 13.92 1.17 -7.42
CA PHE C 442 14.61 0.19 -8.25
C PHE C 442 13.84 -0.01 -9.55
N GLU C 443 14.59 -0.08 -10.65
CA GLU C 443 14.03 -0.18 -12.00
C GLU C 443 14.52 -1.48 -12.61
N VAL C 444 13.68 -2.52 -12.52
CA VAL C 444 13.98 -3.84 -13.04
C VAL C 444 13.25 -4.02 -14.36
N ARG C 445 13.99 -4.43 -15.39
CA ARG C 445 13.42 -4.66 -16.72
C ARG C 445 12.92 -6.09 -16.81
N VAL C 446 11.60 -6.27 -16.91
CA VAL C 446 10.98 -7.58 -16.93
C VAL C 446 10.93 -8.09 -18.37
N GLY C 447 10.95 -9.40 -18.54
CA GLY C 447 10.82 -10.01 -19.85
C GLY C 447 11.70 -11.23 -20.07
N ASN C 448 12.97 -11.15 -19.65
CA ASN C 448 13.91 -12.22 -19.96
C ASN C 448 13.64 -13.48 -19.16
N GLN C 449 13.06 -13.34 -17.97
CA GLN C 449 12.67 -14.46 -17.13
C GLN C 449 11.14 -14.48 -17.03
N ARG C 450 10.54 -15.58 -17.48
CA ARG C 450 9.09 -15.67 -17.58
C ARG C 450 8.71 -17.12 -17.88
N ASN C 451 7.41 -17.35 -17.99
CA ASN C 451 6.88 -18.63 -18.46
C ASN C 451 6.71 -18.59 -19.96
N LYS C 452 6.27 -19.70 -20.53
CA LYS C 452 6.06 -19.78 -21.97
C LYS C 452 4.96 -18.83 -22.39
N TYR C 453 5.24 -18.05 -23.42
CA TYR C 453 4.27 -17.10 -23.95
C TYR C 453 3.05 -17.84 -24.48
N ALA C 454 1.89 -17.58 -23.87
CA ALA C 454 0.66 -18.32 -24.16
C ALA C 454 0.00 -17.93 -25.47
N TYR C 455 0.62 -17.04 -26.26
CA TYR C 455 0.07 -16.60 -27.54
C TYR C 455 1.05 -16.91 -28.67
N THR C 456 0.58 -16.72 -29.90
CA THR C 456 1.44 -16.75 -31.08
C THR C 456 2.08 -15.38 -31.26
N ALA C 457 3.27 -15.37 -31.85
CA ALA C 457 4.00 -14.12 -32.05
C ALA C 457 3.17 -13.13 -32.86
N GLU C 458 3.38 -11.84 -32.57
CA GLU C 458 2.72 -10.72 -33.27
C GLU C 458 1.21 -10.68 -33.04
N THR C 459 0.72 -11.31 -31.97
CA THR C 459 -0.70 -11.29 -31.66
C THR C 459 -1.02 -9.97 -30.96
N SER C 460 -1.73 -9.08 -31.66
CA SER C 460 -2.05 -7.76 -31.14
C SER C 460 -3.50 -7.70 -30.68
N ALA C 461 -3.94 -6.52 -30.28
CA ALA C 461 -5.30 -6.28 -29.84
C ALA C 461 -5.76 -4.93 -30.34
N LEU C 462 -7.00 -4.87 -30.79
CA LEU C 462 -7.49 -3.64 -31.41
C LEU C 462 -7.71 -2.55 -30.38
N ILE C 463 -7.45 -1.31 -30.79
CA ILE C 463 -7.65 -0.14 -29.95
C ILE C 463 -8.23 0.96 -30.83
N HIS C 464 -9.44 1.41 -30.51
CA HIS C 464 -10.10 2.48 -31.23
C HIS C 464 -9.88 3.80 -30.48
N LEU C 465 -9.51 4.83 -31.23
CA LEU C 465 -9.22 6.13 -30.62
C LEU C 465 -9.34 7.21 -31.69
N ASN C 466 -10.34 8.08 -31.54
CA ASN C 466 -10.53 9.25 -32.40
C ASN C 466 -10.76 8.85 -33.86
N ASN C 467 -11.75 8.00 -34.07
CA ASN C 467 -12.14 7.50 -35.40
C ASN C 467 -10.97 6.86 -36.14
N ASP C 468 -9.93 6.45 -35.42
CA ASP C 468 -8.77 5.77 -35.99
C ASP C 468 -8.52 4.50 -35.20
N PHE C 469 -7.87 3.54 -35.86
CA PHE C 469 -7.62 2.22 -35.29
C PHE C 469 -6.13 2.00 -35.11
N TYR C 470 -5.75 1.50 -33.95
CA TYR C 470 -4.38 1.14 -33.65
C TYR C 470 -4.35 -0.29 -33.17
N ARG C 471 -3.15 -0.85 -33.07
CA ARG C 471 -2.96 -2.17 -32.51
C ARG C 471 -1.83 -2.12 -31.49
N LEU C 472 -2.09 -2.68 -30.31
CA LEU C 472 -1.10 -2.80 -29.25
C LEU C 472 -0.48 -4.18 -29.36
N THR C 473 0.76 -4.25 -29.86
CA THR C 473 1.39 -5.53 -30.15
C THR C 473 2.42 -5.85 -29.07
N PRO C 474 2.15 -6.81 -28.18
CA PRO C 474 3.19 -7.23 -27.21
C PRO C 474 4.24 -8.08 -27.91
N TYR C 475 5.51 -7.80 -27.62
CA TYR C 475 6.62 -8.46 -28.28
C TYR C 475 7.83 -8.44 -27.36
N PHE C 476 8.83 -9.25 -27.71
CA PHE C 476 10.06 -9.35 -26.95
C PHE C 476 11.22 -8.79 -27.77
N THR C 477 12.03 -7.93 -27.15
CA THR C 477 13.15 -7.33 -27.85
C THR C 477 14.19 -8.40 -28.21
N LYS C 478 15.03 -8.08 -29.19
CA LYS C 478 16.03 -9.03 -29.67
C LYS C 478 17.27 -9.03 -28.79
N ASP C 479 17.57 -7.91 -28.14
CA ASP C 479 18.79 -7.77 -27.35
C ASP C 479 18.78 -8.71 -26.14
N PHE C 480 17.90 -8.45 -25.18
CA PHE C 480 17.87 -9.22 -23.94
C PHE C 480 16.54 -9.94 -23.74
N ASN C 481 15.78 -10.18 -24.83
CA ASN C 481 14.55 -10.96 -24.80
C ASN C 481 13.49 -10.36 -23.89
N ASN C 482 13.60 -9.07 -23.55
CA ASN C 482 12.65 -8.42 -22.67
C ASN C 482 11.42 -7.95 -23.44
N ILE C 483 10.30 -7.86 -22.73
CA ILE C 483 8.99 -7.62 -23.34
C ILE C 483 8.73 -6.13 -23.46
N SER C 484 8.17 -5.73 -24.60
CA SER C 484 7.76 -4.35 -24.83
C SER C 484 6.38 -4.36 -25.48
N LEU C 485 5.86 -3.17 -25.76
CA LEU C 485 4.54 -3.01 -26.36
C LEU C 485 4.68 -2.13 -27.59
N TYR C 486 4.20 -2.62 -28.74
CA TYR C 486 4.27 -1.90 -30.00
C TYR C 486 2.92 -1.28 -30.31
N PHE C 487 2.90 0.05 -30.44
CA PHE C 487 1.66 0.80 -30.69
C PHE C 487 1.83 1.55 -32.01
N THR C 488 1.12 1.11 -33.04
CA THR C 488 1.20 1.74 -34.35
C THR C 488 -0.17 1.75 -34.99
N ALA C 489 -0.35 2.70 -35.91
CA ALA C 489 -1.63 2.84 -36.59
C ALA C 489 -1.74 1.84 -37.73
N ILE C 490 -2.96 1.33 -37.95
CA ILE C 490 -3.23 0.36 -38.99
C ILE C 490 -4.47 0.74 -39.77
N THR C 491 -4.94 -0.16 -40.63
CA THR C 491 -6.21 -0.02 -41.32
C THR C 491 -7.02 -1.27 -41.07
N LEU C 492 -8.29 -1.10 -40.68
CA LEU C 492 -9.10 -2.24 -40.27
C LEU C 492 -9.26 -3.25 -41.40
N THR C 493 -9.72 -2.79 -42.57
CA THR C 493 -9.95 -3.70 -43.69
C THR C 493 -8.67 -4.34 -44.21
N ASP C 494 -7.50 -3.91 -43.71
CA ASP C 494 -6.24 -4.52 -44.09
C ASP C 494 -5.71 -5.49 -43.05
N SER C 495 -6.34 -5.55 -41.87
CA SER C 495 -5.88 -6.40 -40.79
C SER C 495 -6.90 -7.46 -40.41
N ILE C 496 -8.17 -7.09 -40.23
CA ILE C 496 -9.21 -8.01 -39.82
C ILE C 496 -10.33 -7.97 -40.85
N SER C 497 -10.70 -9.14 -41.35
CA SER C 497 -11.81 -9.28 -42.28
C SER C 497 -13.08 -9.65 -41.53
N MET C 498 -14.22 -9.19 -42.04
CA MET C 498 -15.52 -9.45 -41.44
C MET C 498 -16.37 -10.21 -42.44
N LYS C 499 -16.73 -11.45 -42.09
CA LYS C 499 -17.51 -12.32 -42.96
C LYS C 499 -18.73 -12.84 -42.21
N LEU C 500 -19.69 -13.35 -42.97
CA LEU C 500 -20.96 -13.85 -42.44
C LEU C 500 -21.01 -15.37 -42.64
N LYS C 501 -20.71 -16.10 -41.58
CA LYS C 501 -20.79 -17.56 -41.60
C LYS C 501 -22.20 -17.99 -41.21
N GLY C 502 -22.80 -18.84 -42.05
CA GLY C 502 -24.17 -19.26 -41.79
C GLY C 502 -25.11 -18.07 -41.94
N LYS C 503 -25.98 -17.89 -40.94
CA LYS C 503 -26.90 -16.77 -40.93
C LYS C 503 -27.01 -16.07 -39.58
N ASN C 504 -26.29 -16.54 -38.55
CA ASN C 504 -26.29 -15.90 -37.24
C ASN C 504 -24.92 -16.00 -36.59
N LYS C 505 -23.86 -15.84 -37.39
CA LYS C 505 -22.48 -15.87 -36.91
C LYS C 505 -21.66 -14.88 -37.72
N ILE C 506 -20.84 -14.08 -37.03
CA ILE C 506 -19.96 -13.10 -37.66
C ILE C 506 -18.53 -13.48 -37.30
N ILE C 507 -17.73 -13.81 -38.32
CA ILE C 507 -16.36 -14.28 -38.12
C ILE C 507 -15.41 -13.14 -38.42
N LEU C 508 -14.54 -12.82 -37.46
CA LEU C 508 -13.49 -11.83 -37.63
C LEU C 508 -12.17 -12.57 -37.76
N THR C 509 -11.65 -12.63 -38.98
CA THR C 509 -10.45 -13.39 -39.29
C THR C 509 -9.26 -12.45 -39.37
N GLY C 510 -8.26 -12.67 -38.51
CA GLY C 510 -7.06 -11.86 -38.51
C GLY C 510 -6.09 -12.25 -39.61
N LEU C 511 -5.95 -11.40 -40.62
CA LEU C 511 -5.16 -11.72 -41.81
C LEU C 511 -3.67 -11.83 -41.48
N ASP C 512 -3.00 -10.69 -41.30
CA ASP C 512 -1.55 -10.72 -41.13
C ASP C 512 -1.14 -11.26 -39.77
N ARG C 513 -1.98 -11.08 -38.76
CA ARG C 513 -1.62 -11.48 -37.40
C ARG C 513 -2.88 -11.90 -36.68
N GLY C 514 -2.74 -12.18 -35.38
CA GLY C 514 -3.86 -12.53 -34.54
C GLY C 514 -4.34 -11.32 -33.76
N TYR C 515 -5.62 -11.32 -33.43
CA TYR C 515 -6.21 -10.27 -32.62
C TYR C 515 -7.14 -10.92 -31.60
N VAL C 516 -6.76 -10.85 -30.34
CA VAL C 516 -7.59 -11.39 -29.27
C VAL C 516 -8.57 -10.31 -28.83
N PHE C 517 -9.69 -10.75 -28.27
CA PHE C 517 -10.75 -9.85 -27.82
C PHE C 517 -11.35 -10.41 -26.54
N GLU C 518 -12.10 -9.56 -25.85
CA GLU C 518 -12.72 -9.98 -24.60
C GLU C 518 -13.93 -10.85 -24.88
N GLU C 519 -13.95 -12.07 -24.35
CA GLU C 519 -15.06 -12.96 -24.56
C GLU C 519 -16.25 -12.57 -23.71
N GLY C 520 -17.44 -12.98 -24.15
CA GLY C 520 -18.66 -12.68 -23.45
C GLY C 520 -19.76 -12.11 -24.34
N MET C 521 -20.52 -11.15 -23.83
CA MET C 521 -21.61 -10.56 -24.59
C MET C 521 -21.07 -9.60 -25.65
N ALA C 522 -21.82 -9.49 -26.75
CA ALA C 522 -21.47 -8.60 -27.85
C ALA C 522 -22.74 -7.97 -28.40
N SER C 523 -22.56 -6.98 -29.28
CA SER C 523 -23.68 -6.27 -29.89
C SER C 523 -23.22 -5.61 -31.18
N VAL C 524 -23.94 -5.87 -32.26
CA VAL C 524 -23.72 -5.17 -33.52
C VAL C 524 -24.88 -4.20 -33.73
N VAL C 525 -24.62 -3.14 -34.48
CA VAL C 525 -25.56 -2.03 -34.65
C VAL C 525 -25.69 -1.69 -36.12
N LEU C 526 -26.93 -1.45 -36.56
CA LEU C 526 -27.23 -0.92 -37.89
C LEU C 526 -27.85 0.47 -37.72
N LYS C 527 -28.32 1.04 -38.84
CA LYS C 527 -28.90 2.38 -38.78
C LYS C 527 -30.23 2.39 -38.04
N ASP C 528 -30.99 1.30 -38.10
CA ASP C 528 -32.30 1.28 -37.48
C ASP C 528 -32.59 -0.01 -36.71
N ASP C 529 -31.59 -0.87 -36.52
CA ASP C 529 -31.79 -2.11 -35.78
C ASP C 529 -30.45 -2.57 -35.23
N MET C 530 -30.52 -3.38 -34.17
CA MET C 530 -29.33 -3.97 -33.56
C MET C 530 -29.63 -5.41 -33.15
N ILE C 531 -28.59 -6.22 -33.14
CA ILE C 531 -28.72 -7.64 -32.82
C ILE C 531 -27.72 -7.97 -31.71
N MET C 532 -28.19 -8.68 -30.69
CA MET C 532 -27.32 -9.13 -29.62
C MET C 532 -26.68 -10.48 -29.96
N GLY C 533 -25.46 -10.66 -29.46
CA GLY C 533 -24.72 -11.88 -29.75
C GLY C 533 -23.76 -12.21 -28.64
N MET C 534 -23.15 -13.38 -28.76
CA MET C 534 -22.17 -13.88 -27.80
C MET C 534 -20.83 -14.04 -28.50
N LEU C 535 -19.86 -13.22 -28.11
CA LEU C 535 -18.53 -13.29 -28.69
C LEU C 535 -17.73 -14.40 -28.02
N SER C 536 -16.92 -15.09 -28.80
CA SER C 536 -16.10 -16.18 -28.28
C SER C 536 -14.89 -16.35 -29.18
N GLN C 537 -13.71 -16.49 -28.56
CA GLN C 537 -12.46 -16.67 -29.29
C GLN C 537 -12.35 -18.13 -29.72
N THR C 538 -12.63 -18.39 -31.00
CA THR C 538 -12.50 -19.75 -31.52
C THR C 538 -11.03 -20.13 -31.65
N SER C 539 -10.26 -19.33 -32.38
CA SER C 539 -8.83 -19.55 -32.49
C SER C 539 -8.10 -18.24 -32.26
N GLU C 540 -6.79 -18.23 -32.48
CA GLU C 540 -5.99 -17.06 -32.14
C GLU C 540 -6.14 -15.93 -33.15
N ASN C 541 -6.55 -16.23 -34.38
CA ASN C 541 -6.77 -15.20 -35.39
C ASN C 541 -8.20 -15.16 -35.89
N GLU C 542 -9.13 -15.84 -35.22
CA GLU C 542 -10.54 -15.83 -35.59
C GLU C 542 -11.41 -15.60 -34.36
N VAL C 543 -12.59 -15.06 -34.59
CA VAL C 543 -13.54 -14.72 -33.54
C VAL C 543 -14.95 -14.93 -34.08
N GLU C 544 -15.78 -15.63 -33.30
CA GLU C 544 -17.15 -15.91 -33.68
C GLU C 544 -18.11 -15.08 -32.83
N ILE C 545 -19.15 -14.54 -33.47
CA ILE C 545 -20.19 -13.77 -32.79
C ILE C 545 -21.50 -14.49 -33.05
N LEU C 546 -21.92 -15.32 -32.11
CA LEU C 546 -23.17 -16.07 -32.23
C LEU C 546 -24.33 -15.12 -31.95
N LEU C 547 -24.99 -14.66 -33.00
CA LEU C 547 -26.04 -13.66 -32.87
C LEU C 547 -27.34 -14.29 -32.38
N SER C 548 -28.25 -13.43 -31.91
CA SER C 548 -29.52 -13.91 -31.35
C SER C 548 -30.54 -14.23 -32.45
N LYS C 549 -30.64 -13.37 -33.46
CA LYS C 549 -31.54 -13.59 -34.57
C LYS C 549 -30.75 -13.54 -35.89
N ASP C 550 -31.37 -14.05 -36.94
CA ASP C 550 -30.69 -14.11 -38.23
C ASP C 550 -30.58 -12.71 -38.85
N ILE C 551 -29.39 -12.39 -39.37
CA ILE C 551 -29.14 -11.14 -40.07
C ILE C 551 -29.03 -11.44 -41.56
N LYS C 552 -29.82 -10.74 -42.36
CA LYS C 552 -29.77 -10.91 -43.80
C LYS C 552 -28.47 -10.33 -44.35
N LYS C 553 -28.00 -10.91 -45.45
CA LYS C 553 -26.70 -10.51 -46.00
C LYS C 553 -26.70 -9.07 -46.48
N ARG C 554 -27.86 -8.54 -46.92
CA ARG C 554 -27.93 -7.13 -47.29
C ARG C 554 -27.85 -6.22 -46.07
N ASP C 555 -28.32 -6.69 -44.91
CA ASP C 555 -28.13 -6.00 -43.64
C ASP C 555 -26.71 -6.11 -43.12
N PHE C 556 -25.99 -7.18 -43.48
CA PHE C 556 -24.58 -7.33 -43.10
C PHE C 556 -23.70 -6.26 -43.72
N LYS C 557 -24.15 -5.64 -44.82
CA LYS C 557 -23.41 -4.57 -45.47
C LYS C 557 -23.63 -3.22 -44.81
N ASN C 558 -24.54 -3.13 -43.85
CA ASN C 558 -24.82 -1.87 -43.16
C ASN C 558 -24.59 -2.00 -41.66
N ILE C 559 -23.47 -2.59 -41.28
CA ILE C 559 -23.10 -2.71 -39.86
C ILE C 559 -22.37 -1.43 -39.49
N VAL C 560 -23.08 -0.52 -38.81
CA VAL C 560 -22.52 0.80 -38.52
C VAL C 560 -21.52 0.73 -37.38
N LYS C 561 -21.92 0.19 -36.23
CA LYS C 561 -21.07 0.12 -35.05
C LYS C 561 -20.96 -1.32 -34.57
N LEU C 562 -19.87 -1.60 -33.86
CA LEU C 562 -19.61 -2.93 -33.31
C LEU C 562 -19.03 -2.77 -31.91
N ASN C 563 -19.76 -3.22 -30.90
CA ASN C 563 -19.33 -3.11 -29.51
C ASN C 563 -18.97 -4.48 -28.95
N THR C 564 -18.32 -4.44 -27.78
CA THR C 564 -18.04 -5.65 -27.01
C THR C 564 -18.69 -5.53 -25.63
N ALA C 565 -18.16 -6.26 -24.65
CA ALA C 565 -18.69 -6.16 -23.30
C ALA C 565 -18.21 -4.91 -22.57
N HIS C 566 -17.17 -4.25 -23.07
CA HIS C 566 -16.66 -3.04 -22.43
C HIS C 566 -16.07 -2.07 -23.45
N MET C 567 -15.89 -2.49 -24.70
CA MET C 567 -15.28 -1.65 -25.71
C MET C 567 -16.16 -1.56 -26.94
N THR C 568 -16.05 -0.45 -27.65
CA THR C 568 -16.86 -0.19 -28.83
C THR C 568 -15.97 0.17 -30.02
N TYR C 569 -16.51 -0.06 -31.22
CA TYR C 569 -15.77 0.17 -32.46
C TYR C 569 -16.77 0.54 -33.55
N SER C 570 -16.69 1.76 -34.06
CA SER C 570 -17.60 2.22 -35.10
C SER C 570 -16.98 2.01 -36.48
N LEU C 571 -17.79 1.51 -37.41
CA LEU C 571 -17.34 1.29 -38.78
C LEU C 571 -17.74 2.46 -39.68
#